data_8D9D
#
_entry.id   8D9D
#
_cell.length_a   1.00
_cell.length_b   1.00
_cell.length_c   1.00
_cell.angle_alpha   90.00
_cell.angle_beta   90.00
_cell.angle_gamma   90.00
#
_symmetry.space_group_name_H-M   'P 1'
#
loop_
_entity.id
_entity.type
_entity.pdbx_description
1 polymer 'DNA primase small subunit'
2 polymer 'DNA primase large subunit'
3 polymer 'DNA polymerase alpha catalytic subunit'
4 polymer 'DNA polymerase alpha subunit B'
5 polymer "DNA/RNA (5'-D(*(GTP))-R(P*GP*CP*GP*GP*CP*AP*CP*G)-D(P*AP*CP*C)-3')"
6 polymer "DNA (5'-D(*AP*TP*GP*GP*TP*CP*GP*TP*GP*CP*CP*GP*CP*CP*AP*AP*TP*AP*A)-3')"
7 non-polymer 'ZINC ION'
8 non-polymer 'IRON/SULFUR CLUSTER'
9 non-polymer 'MAGNESIUM ION'
10 non-polymer "2'-DEOXYADENOSINE 5'-TRIPHOSPHATE"
#
loop_
_entity_poly.entity_id
_entity_poly.type
_entity_poly.pdbx_seq_one_letter_code
_entity_poly.pdbx_strand_id
1 'polypeptide(L)'
;METFDPTELPELLKLYYRRLFPYSQYYRWLNYGGVIKNYFQHREFSFTLKDDIYIRYQSFNNQSDLEKEMQKMNPYKIDI
GAVYSHRPNQHNTVKLGAFQAQEKELVFDIDMTDYDDVRRCCSSADICPKCWTLMTMAIRIIDRALKEDFGFKHRLWVYS
GRRGVHCWVCDESVRKLSSAVRSGIVEYLSLVKGGQDVKKKVHLSEKIHPFIRKSINIIKKYFEEYALVNQDILENKESW
DKILALVPETIHDELQQSFQKSHNSLQRWEHLKKVASRYQNNIKNDKYGPWLEWEIMLQYCFPRLDINVSKGINHLLKSP
FSVHPKTGRISVPIDLQKVDQFDPFTVPTISFICRELDAISTNEEEKEENEAESDVKHRTRDYKKTSLAPYVKVFEHFLE
NLDKSRKGELLKKSDLQKDF
;
A
2 'polypeptide(L)'
;MEFSGRKWRKLRLAGDQRNASYPHCLQFYLQPPSENISLIEFENLAIDRVKLLKSVENLGVSYVKGTEQYQSKLESELRK
LKFSYRENLEDEYEPRRRDHISHFILRLAYCQSEELRRWFIQQEMDLLRFRFSILPKDKIQDFLKDSQLQFEAISDEEKT
LREQEIVASSPSLSGLKLGFESIYKIPFADALDLFRGRKVYLEDGFAYVPLKDIVAIILNEFRAKLSKALALTARSLPAV
QSDERLQPLLNHLSHSYTGQDYSTQGNVGKISLDQIDLLSTKSFPPCMRQLHKALRENHHLRHGGRMQYGLFLKGIGLTL
EQALQFWKQEFIKGKMDPDKFDKGYSYNIRHSFGKEGKRTDYTPFSCLKIILSNPPSQGDYHGCPFRHSDPELLKQKLQS
YKISPGGISQILDLVKGTHYQVACQKYFEMIHNVDDCGFSLNHPNQFFCESQRILNGGKDIKKEPIQPETPQPKPSVQKT
KDASSALASLNSSLEMDMEGLEDYFSEDS
;
B
3 'polypeptide(L)'
;MAPVHGDDSLSDSGSFVSSRARREKKSKKGRQEALERLKKAKAGEKYKYEVEDFTGVYEEVDEEQYSKLVQARQDDDWIV
DDDGIGYVEDGREIFDDDLEDDALDADEKGKDGKARNKDKRNVKKLAVTKPNNIKSMFIACAGKKTADKAVDLSKDGLLG
DILQDLNTETPQITPPPVMILKKKRSIGASPNPFSVHTATAVPSGKIASPVSRKEPPLTPVPLKRAEFAGDDVQVESTEE
EQESGAMEFEDGDFDEPMEVEEVDLEPMAAKAWDKESEPAEEVKQEADSGKGTVSYLGSFLPDVSCWDIDQEGDSSFSVQ
EVQVDSSHLPLVKGADEEQVFHFYWLDAYEDQYNQPGVVFLFGKVWIESAETHVSCCVMVKNIERTLYFLPREMKIDLNT
GKETGTPISMKDVYEEFDEKIATKYKIMKFKSKPVEKNYAFEIPDVPEKSEYLEVKYSAEMPQLPQDLKGETFSHVFGTN
TSSLELFLMNRKIKGPCWLEVKSPQLLNQPVSWCKVEAMALKPDLVNVIKDVSPPPLVVMAFSMKTMQNAKNHQNEIIAM
AALVHHSFALDKAAPKPPFQSHFCVVSKPKDCIFPYAFKEVIEKKNVKVEVAATERTLLGFFLAKVHKIDPDIIVGHNIY
GFELEVLLQRINVCKAPHWSKIGRLKRSNMPKLGGRSGFGERNATCGRMICDVEISAKELIRCKSYHLSELVQQILKTER
VVIPMENIQNMYSESSQLLYLLEHTWKDAKFILQIMCELNVLPLALQITNIAGNIMSRTLMGGRSERNEFLLLHAFYENN
YIVPDKQIFRKPQQKLGDEDEEIDGDTNKYKKGRKKAAYAGGLVLDPKVGFYDKFILLLDFNSLYPSIIQEFNICFTTVQ
RVASEAQKVTEDGEQEQIPELPDPSLEMGILPREIRKLVERRKQVKQLMKQQDLNPDLILQYDIRQKALKLTANSMYGCL
GFSYSRFYAKPLAALVTYKGREILMHTKEMVQKMNLEVIYGDTDSIMINTNSTNLEEVFKLGNKVKSEVNKLYKLLEIDI
DGVFKSLLLLKKKKYAALVVEPTSDGNYVTKQELKGLDIVRRDWCDLAKDTGNFVIGQILSDQSRDTIVENIQKRLIEIG
ENVLNGSVPVSQFEINKALTKDPQDYPDKKSLPHVHVALWINSQGGRKVKAGDTVSYVICQDGSNLTASQRAYAPEQLQK
QDNLTIDTQYYLAQQIHPVVARICEPIDGIDAVLIATWLGLDPTQFRVHHYHKDEENDALLGGPAQLTDEEKYRDCERFK
CPCPTCGTENIYDNVFDGSGTDMEPSLYRCSNIDCKASPLTFTVQLSNKLIMDIRRFIKKYYDGWLICEEPTCRNRTRHL
PLQFSRTGPLCPACMKATLQPEYSDKSLYTQLCFYRYIFDAECALEKLTTDHEKDKLKKQFFTPKVLQDYRKLKNTAEQF
LSRSGYSEVNLSKLFAGCAVKS
;
C
4 'polypeptide(L)'
;ATPSQKYNSRSNRGEVVTSFGLAQGVSWSGRGGAGNISLKVLGCPEALTGSYKSMFQKLPDIREVLTCKIEELGSELKEH
YKIEAFTPLLAPAQEPVTLLGQIGCDSNGKLNNKSVILEGDREHSSGAQIPVDLSELKEYSLFPGQVVIMEGINTTGRKL
VATKLYEGVPLPFYQPTEEDADFEQSMVLVACGPYTTSDSITYDPLLDLIAVINHDRPDVCILFGPFLDAKHEQVENCLL
TSPFEDIFKQCLRTIIEGTRSSGSHLVFVPSLRDVHHEPVYPQPPFSYSDLSREDKKQVQFVSEPCSLSINGVIFGLTST
DLLFHLGAEEISSSSGTSDRFSRILKHILTQRSYYPLYPPQEDMAIDYESFYVYAQLPVTPDVLIIPSELRYFVKDVLGC
VCVNPGRLTKGQVGGTFARLYLRRPAADGAERQSPCIAVQVVRI
;
D
5 'polydeoxyribonucleotide/polyribonucleotide hybrid' (GTP)GCGGCACG(DA)(DC)(DC) E
6 'polydeoxyribonucleotide' (DA)(DT)(DG)(DG)(DT)(DC)(DG)(DT)(DG)(DC)(DC)(DG)(DC)(DC)(DA)(DA)(DT)(DA)(DA) F
#
# COMPACT_ATOMS: atom_id res chain seq x y z
N GLU A 2 -55.72 -20.84 -23.78
CA GLU A 2 -56.29 -20.87 -22.44
C GLU A 2 -55.49 -19.98 -21.49
N THR A 3 -56.16 -19.47 -20.46
CA THR A 3 -55.51 -18.61 -19.48
C THR A 3 -54.53 -19.41 -18.64
N PHE A 4 -53.36 -18.83 -18.38
CA PHE A 4 -52.34 -19.48 -17.58
C PHE A 4 -52.70 -19.39 -16.11
N ASP A 5 -52.51 -20.50 -15.39
CA ASP A 5 -52.82 -20.56 -13.96
C ASP A 5 -51.53 -20.49 -13.17
N PRO A 6 -51.28 -19.42 -12.42
CA PRO A 6 -50.03 -19.34 -11.64
C PRO A 6 -49.94 -20.37 -10.52
N THR A 7 -51.05 -20.79 -9.93
CA THR A 7 -51.01 -21.68 -8.79
C THR A 7 -50.44 -23.06 -9.13
N GLU A 8 -50.57 -23.50 -10.37
CA GLU A 8 -49.98 -24.76 -10.80
C GLU A 8 -48.54 -24.62 -11.24
N LEU A 9 -47.98 -23.41 -11.17
CA LEU A 9 -46.60 -23.20 -11.59
C LEU A 9 -45.59 -24.07 -10.85
N PRO A 10 -45.63 -24.22 -9.52
CA PRO A 10 -44.63 -25.09 -8.87
C PRO A 10 -44.63 -26.52 -9.35
N GLU A 11 -45.79 -27.06 -9.71
CA GLU A 11 -45.85 -28.46 -10.13
C GLU A 11 -45.24 -28.66 -11.50
N LEU A 12 -45.56 -27.78 -12.45
CA LEU A 12 -45.07 -27.94 -13.82
C LEU A 12 -43.57 -27.69 -13.92
N LEU A 13 -43.05 -26.76 -13.11
CA LEU A 13 -41.66 -26.37 -13.22
C LEU A 13 -40.70 -27.55 -13.01
N LYS A 14 -41.10 -28.52 -12.19
CA LYS A 14 -40.27 -29.70 -12.00
C LYS A 14 -40.16 -30.50 -13.30
N LEU A 15 -41.26 -30.62 -14.03
CA LEU A 15 -41.23 -31.40 -15.27
C LEU A 15 -40.46 -30.69 -16.37
N TYR A 16 -40.67 -29.37 -16.51
CA TYR A 16 -40.05 -28.63 -17.62
C TYR A 16 -38.53 -28.66 -17.51
N TYR A 17 -38.00 -28.50 -16.31
CA TYR A 17 -36.56 -28.56 -16.09
C TYR A 17 -36.02 -29.98 -16.21
N ARG A 18 -36.88 -30.99 -16.29
CA ARG A 18 -36.47 -32.38 -16.31
C ARG A 18 -36.33 -32.95 -17.71
N ARG A 19 -37.24 -32.60 -18.63
CA ARG A 19 -37.29 -33.28 -19.92
C ARG A 19 -37.54 -32.35 -21.10
N LEU A 20 -37.54 -31.03 -20.89
CA LEU A 20 -37.86 -30.11 -21.98
C LEU A 20 -36.76 -29.07 -22.20
N PHE A 21 -36.05 -28.70 -21.15
CA PHE A 21 -35.01 -27.68 -21.28
C PHE A 21 -33.87 -28.20 -22.15
N PRO A 22 -33.49 -27.48 -23.21
CA PRO A 22 -32.41 -27.94 -24.12
C PRO A 22 -31.02 -27.75 -23.53
N TYR A 23 -30.63 -28.74 -22.71
CA TYR A 23 -29.40 -28.61 -21.93
C TYR A 23 -28.17 -28.64 -22.82
N SER A 24 -28.16 -29.53 -23.83
CA SER A 24 -26.95 -29.74 -24.63
C SER A 24 -26.55 -28.47 -25.35
N GLN A 25 -27.47 -27.84 -26.06
CA GLN A 25 -27.14 -26.60 -26.75
C GLN A 25 -26.90 -25.45 -25.79
N TYR A 26 -27.61 -25.41 -24.65
CA TYR A 26 -27.37 -24.38 -23.65
C TYR A 26 -25.95 -24.46 -23.09
N TYR A 27 -25.38 -25.66 -23.01
CA TYR A 27 -24.01 -25.80 -22.55
C TYR A 27 -23.01 -25.52 -23.67
N ARG A 28 -23.29 -26.05 -24.87
CA ARG A 28 -22.38 -25.86 -25.99
C ARG A 28 -22.29 -24.39 -26.38
N TRP A 29 -23.36 -23.62 -26.17
CA TRP A 29 -23.32 -22.20 -26.46
C TRP A 29 -22.41 -21.46 -25.50
N LEU A 30 -22.60 -21.68 -24.19
CA LEU A 30 -21.88 -20.89 -23.20
C LEU A 30 -20.44 -21.35 -23.04
N ASN A 31 -20.13 -22.59 -23.43
CA ASN A 31 -18.75 -23.05 -23.31
C ASN A 31 -17.86 -22.47 -24.40
N TYR A 32 -18.46 -22.07 -25.52
CA TYR A 32 -17.75 -21.46 -26.66
C TYR A 32 -16.62 -22.36 -27.17
N GLY A 33 -16.93 -23.65 -27.34
CA GLY A 33 -16.02 -24.55 -28.03
C GLY A 33 -14.83 -25.03 -27.22
N GLY A 34 -14.79 -24.73 -25.93
CA GLY A 34 -13.72 -25.22 -25.08
C GLY A 34 -12.35 -24.70 -25.42
N VAL A 35 -12.26 -23.64 -26.23
CA VAL A 35 -10.96 -23.07 -26.56
C VAL A 35 -10.36 -22.37 -25.34
N ILE A 36 -11.17 -21.62 -24.59
CA ILE A 36 -10.70 -20.88 -23.43
C ILE A 36 -10.66 -21.82 -22.24
N LYS A 37 -9.69 -21.61 -21.36
CA LYS A 37 -9.28 -22.65 -20.41
C LYS A 37 -10.35 -22.92 -19.35
N ASN A 38 -11.00 -21.87 -18.82
CA ASN A 38 -12.21 -22.05 -18.00
C ASN A 38 -13.29 -21.03 -18.37
N TYR A 39 -13.59 -20.89 -19.66
CA TYR A 39 -14.55 -19.87 -20.05
C TYR A 39 -15.94 -20.12 -19.47
N PHE A 40 -16.29 -21.36 -19.15
CA PHE A 40 -17.59 -21.62 -18.56
C PHE A 40 -17.57 -21.58 -17.04
N GLN A 41 -16.50 -22.08 -16.42
CA GLN A 41 -16.44 -22.17 -14.97
C GLN A 41 -16.39 -20.80 -14.30
N HIS A 42 -16.14 -19.73 -15.05
CA HIS A 42 -16.06 -18.38 -14.50
C HIS A 42 -17.34 -17.58 -14.73
N ARG A 43 -18.42 -18.23 -15.15
CA ARG A 43 -19.65 -17.53 -15.49
C ARG A 43 -20.55 -17.40 -14.27
N GLU A 44 -21.19 -16.23 -14.15
CA GLU A 44 -22.11 -15.96 -13.05
C GLU A 44 -23.55 -16.19 -13.49
N PHE A 45 -24.23 -17.08 -12.78
CA PHE A 45 -25.66 -17.32 -12.96
C PHE A 45 -26.41 -16.82 -11.73
N SER A 46 -27.58 -16.25 -11.96
CA SER A 46 -28.47 -15.84 -10.87
C SER A 46 -29.79 -16.57 -10.99
N PHE A 47 -30.30 -17.04 -9.85
CA PHE A 47 -31.50 -17.86 -9.80
C PHE A 47 -32.54 -17.16 -8.92
N THR A 48 -33.80 -17.22 -9.35
CA THR A 48 -34.92 -16.70 -8.58
C THR A 48 -35.71 -17.88 -8.04
N LEU A 49 -35.56 -18.16 -6.74
CA LEU A 49 -36.19 -19.29 -6.10
C LEU A 49 -37.52 -18.88 -5.47
N LYS A 50 -38.10 -19.78 -4.69
CA LYS A 50 -39.37 -19.52 -4.03
C LYS A 50 -39.20 -18.46 -2.94
N ASP A 51 -40.34 -17.93 -2.49
CA ASP A 51 -40.40 -16.89 -1.47
C ASP A 51 -39.67 -15.62 -1.87
N ASP A 52 -39.57 -15.37 -3.17
CA ASP A 52 -38.92 -14.16 -3.71
C ASP A 52 -37.49 -14.03 -3.23
N ILE A 53 -36.77 -15.15 -3.10
CA ILE A 53 -35.37 -15.12 -2.71
C ILE A 53 -34.51 -14.91 -3.95
N TYR A 54 -33.71 -13.85 -3.94
CA TYR A 54 -32.86 -13.49 -5.07
C TYR A 54 -31.40 -13.68 -4.65
N ILE A 55 -30.83 -14.81 -5.07
CA ILE A 55 -29.42 -15.10 -4.83
C ILE A 55 -28.65 -14.80 -6.12
N ARG A 56 -27.47 -14.19 -5.98
CA ARG A 56 -26.77 -13.62 -7.11
C ARG A 56 -25.65 -14.50 -7.65
N TYR A 57 -24.70 -14.88 -6.81
CA TYR A 57 -23.48 -15.57 -7.27
C TYR A 57 -23.69 -17.07 -7.22
N GLN A 58 -23.73 -17.69 -8.41
CA GLN A 58 -23.69 -19.14 -8.56
C GLN A 58 -22.75 -19.51 -9.69
N SER A 59 -22.10 -20.66 -9.55
CA SER A 59 -21.19 -21.16 -10.57
C SER A 59 -21.41 -22.66 -10.75
N PHE A 60 -20.90 -23.19 -11.86
CA PHE A 60 -21.05 -24.59 -12.19
C PHE A 60 -19.74 -25.13 -12.73
N ASN A 61 -19.58 -26.45 -12.69
CA ASN A 61 -18.35 -27.08 -13.13
C ASN A 61 -18.45 -27.66 -14.53
N ASN A 62 -19.55 -28.34 -14.85
CA ASN A 62 -19.74 -28.95 -16.15
C ASN A 62 -21.25 -29.06 -16.42
N GLN A 63 -21.61 -29.91 -17.38
CA GLN A 63 -23.01 -30.15 -17.66
C GLN A 63 -23.71 -30.86 -16.51
N SER A 64 -23.02 -31.81 -15.86
CA SER A 64 -23.64 -32.59 -14.79
C SER A 64 -24.04 -31.70 -13.62
N ASP A 65 -23.16 -30.78 -13.22
CA ASP A 65 -23.51 -29.85 -12.15
C ASP A 65 -24.67 -28.97 -12.56
N LEU A 66 -24.64 -28.44 -13.80
CA LEU A 66 -25.75 -27.62 -14.27
C LEU A 66 -27.06 -28.38 -14.24
N GLU A 67 -27.00 -29.71 -14.40
CA GLU A 67 -28.20 -30.52 -14.28
C GLU A 67 -28.64 -30.63 -12.83
N LYS A 68 -27.81 -31.27 -11.99
CA LYS A 68 -28.27 -31.67 -10.67
C LYS A 68 -28.47 -30.46 -9.74
N GLU A 69 -27.56 -29.49 -9.77
CA GLU A 69 -27.67 -28.36 -8.84
C GLU A 69 -28.94 -27.57 -9.09
N MET A 70 -29.29 -27.33 -10.36
CA MET A 70 -30.47 -26.52 -10.63
C MET A 70 -31.75 -27.34 -10.57
N GLN A 71 -31.66 -28.65 -10.83
CA GLN A 71 -32.81 -29.52 -10.60
C GLN A 71 -33.24 -29.51 -9.14
N LYS A 72 -32.27 -29.54 -8.21
CA LYS A 72 -32.58 -29.52 -6.79
C LYS A 72 -33.11 -28.16 -6.32
N MET A 73 -32.96 -27.11 -7.12
CA MET A 73 -33.42 -25.78 -6.74
C MET A 73 -34.74 -25.39 -7.41
N ASN A 74 -34.90 -25.68 -8.70
CA ASN A 74 -36.06 -25.33 -9.49
C ASN A 74 -36.37 -23.83 -9.41
N PRO A 75 -35.50 -22.98 -9.94
CA PRO A 75 -35.76 -21.54 -9.85
C PRO A 75 -36.90 -21.11 -10.76
N TYR A 76 -37.51 -19.97 -10.40
CA TYR A 76 -38.52 -19.37 -11.26
C TYR A 76 -37.88 -18.68 -12.47
N LYS A 77 -36.78 -17.97 -12.27
CA LYS A 77 -36.14 -17.21 -13.33
C LYS A 77 -34.64 -17.42 -13.29
N ILE A 78 -34.01 -17.36 -14.47
CA ILE A 78 -32.59 -17.59 -14.64
C ILE A 78 -31.99 -16.38 -15.35
N ASP A 79 -30.86 -15.88 -14.85
CA ASP A 79 -30.16 -14.78 -15.49
C ASP A 79 -28.68 -15.11 -15.63
N ILE A 80 -28.09 -14.59 -16.70
CA ILE A 80 -26.70 -14.85 -17.06
C ILE A 80 -25.91 -13.56 -16.87
N GLY A 81 -24.78 -13.64 -16.19
CA GLY A 81 -23.92 -12.51 -15.93
C GLY A 81 -22.71 -12.47 -16.84
N ALA A 82 -21.61 -11.94 -16.30
CA ALA A 82 -20.36 -11.80 -17.03
C ALA A 82 -19.34 -12.81 -16.55
N VAL A 83 -18.35 -13.06 -17.39
CA VAL A 83 -17.27 -14.00 -17.07
C VAL A 83 -16.28 -13.27 -16.18
N TYR A 84 -16.22 -13.67 -14.91
CA TYR A 84 -15.36 -13.01 -13.94
C TYR A 84 -13.97 -13.65 -13.93
N SER A 85 -13.05 -12.99 -13.21
CA SER A 85 -11.68 -13.48 -13.16
C SER A 85 -11.58 -14.81 -12.42
N HIS A 86 -12.38 -15.00 -11.38
CA HIS A 86 -12.39 -16.23 -10.59
C HIS A 86 -13.80 -16.81 -10.59
N ARG A 87 -13.96 -17.95 -9.93
CA ARG A 87 -15.27 -18.59 -9.84
C ARG A 87 -16.19 -17.75 -8.96
N PRO A 88 -17.37 -17.35 -9.45
CA PRO A 88 -18.21 -16.44 -8.66
C PRO A 88 -18.65 -16.99 -7.32
N ASN A 89 -18.87 -18.30 -7.21
CA ASN A 89 -19.35 -18.85 -5.93
C ASN A 89 -18.29 -18.83 -4.83
N GLN A 90 -17.04 -18.54 -5.17
CA GLN A 90 -15.93 -18.51 -4.22
C GLN A 90 -15.43 -17.08 -4.08
N HIS A 91 -16.36 -16.12 -4.15
CA HIS A 91 -15.99 -14.71 -4.16
C HIS A 91 -15.70 -14.20 -2.76
N ASN A 92 -16.12 -14.93 -1.72
CA ASN A 92 -15.87 -14.50 -0.35
C ASN A 92 -14.39 -14.56 0.00
N THR A 93 -13.70 -15.60 -0.49
CA THR A 93 -12.33 -15.90 -0.07
C THR A 93 -11.29 -15.27 -1.00
N VAL A 94 -11.70 -14.69 -2.13
CA VAL A 94 -10.74 -14.14 -3.08
C VAL A 94 -10.01 -12.95 -2.46
N LYS A 95 -8.93 -12.54 -3.13
CA LYS A 95 -8.13 -11.41 -2.66
C LYS A 95 -8.97 -10.14 -2.60
N LEU A 96 -8.40 -9.11 -1.98
CA LEU A 96 -9.11 -7.87 -1.67
C LEU A 96 -9.78 -7.25 -2.89
N GLY A 97 -9.03 -7.07 -3.97
CA GLY A 97 -9.58 -6.40 -5.13
C GLY A 97 -9.33 -7.12 -6.44
N ALA A 98 -8.88 -8.35 -6.37
CA ALA A 98 -8.60 -9.15 -7.56
C ALA A 98 -9.85 -9.71 -8.22
N PHE A 99 -11.04 -9.28 -7.82
CA PHE A 99 -12.30 -9.78 -8.38
C PHE A 99 -12.93 -8.69 -9.23
N GLN A 100 -12.91 -8.90 -10.55
CA GLN A 100 -13.55 -7.97 -11.47
C GLN A 100 -14.01 -8.72 -12.72
N ALA A 101 -14.97 -8.14 -13.41
CA ALA A 101 -15.49 -8.72 -14.65
C ALA A 101 -14.50 -8.53 -15.79
N GLN A 102 -14.53 -9.46 -16.74
CA GLN A 102 -13.62 -9.41 -17.88
C GLN A 102 -14.34 -9.37 -19.23
N GLU A 103 -15.38 -10.17 -19.42
CA GLU A 103 -16.06 -10.25 -20.70
C GLU A 103 -17.55 -10.48 -20.50
N LYS A 104 -18.34 -9.98 -21.45
CA LYS A 104 -19.76 -10.27 -21.54
C LYS A 104 -20.24 -9.93 -22.94
N GLU A 105 -21.33 -10.56 -23.35
CA GLU A 105 -21.92 -10.27 -24.64
C GLU A 105 -22.56 -8.87 -24.63
N LEU A 106 -22.87 -8.38 -25.82
CA LEU A 106 -23.53 -7.07 -25.95
C LEU A 106 -25.03 -7.32 -25.93
N VAL A 107 -25.68 -6.88 -24.87
CA VAL A 107 -27.10 -7.12 -24.68
C VAL A 107 -27.88 -5.85 -24.97
N PHE A 108 -28.99 -6.00 -25.71
CA PHE A 108 -29.89 -4.91 -26.01
C PHE A 108 -31.30 -5.29 -25.58
N ASP A 109 -31.95 -4.40 -24.84
CA ASP A 109 -33.29 -4.63 -24.32
C ASP A 109 -34.21 -3.53 -24.82
N ILE A 110 -35.36 -3.93 -25.37
CA ILE A 110 -36.39 -3.01 -25.81
C ILE A 110 -37.63 -3.27 -24.96
N ASP A 111 -38.14 -2.22 -24.33
CA ASP A 111 -39.27 -2.34 -23.42
C ASP A 111 -40.47 -1.58 -23.99
N MET A 112 -41.66 -2.20 -23.85
CA MET A 112 -42.88 -1.56 -24.35
C MET A 112 -43.21 -0.29 -23.56
N THR A 113 -42.83 -0.23 -22.28
CA THR A 113 -43.19 0.88 -21.42
C THR A 113 -42.59 2.21 -21.89
N ASP A 114 -41.58 2.18 -22.76
CA ASP A 114 -41.01 3.39 -23.33
C ASP A 114 -41.89 4.01 -24.42
N TYR A 115 -42.97 3.33 -24.80
CA TYR A 115 -43.87 3.80 -25.85
C TYR A 115 -45.24 4.17 -25.30
N ASP A 116 -45.30 4.55 -24.02
CA ASP A 116 -46.59 4.85 -23.39
C ASP A 116 -47.21 6.12 -23.94
N ASP A 117 -46.39 7.08 -24.37
CA ASP A 117 -46.88 8.38 -24.84
C ASP A 117 -47.20 8.37 -26.33
N VAL A 118 -47.11 7.23 -26.99
CA VAL A 118 -47.47 7.10 -28.39
C VAL A 118 -48.63 6.11 -28.48
N ARG A 119 -48.73 5.25 -27.48
CA ARG A 119 -49.70 4.16 -27.47
C ARG A 119 -51.08 4.68 -27.10
N ARG A 120 -52.11 4.13 -27.74
CA ARG A 120 -53.48 4.51 -27.47
C ARG A 120 -54.42 3.34 -27.26
N CYS A 121 -53.93 2.10 -27.27
CA CYS A 121 -54.78 0.92 -27.23
C CYS A 121 -54.63 0.10 -25.95
N CYS A 122 -53.41 -0.29 -25.61
CA CYS A 122 -53.20 -1.24 -24.52
C CYS A 122 -52.89 -0.51 -23.22
N SER A 123 -52.60 -1.29 -22.19
CA SER A 123 -52.08 -0.79 -20.93
C SER A 123 -50.55 -0.73 -20.98
N SER A 124 -49.96 -0.20 -19.91
CA SER A 124 -48.51 -0.05 -19.86
C SER A 124 -47.81 -1.40 -19.78
N ALA A 125 -48.49 -2.42 -19.26
CA ALA A 125 -47.88 -3.71 -19.01
C ALA A 125 -48.39 -4.83 -19.90
N ASP A 126 -49.26 -4.54 -20.86
CA ASP A 126 -49.85 -5.55 -21.73
C ASP A 126 -49.79 -5.10 -23.18
N ILE A 127 -50.08 -6.03 -24.09
CA ILE A 127 -49.96 -5.80 -25.52
C ILE A 127 -51.19 -6.35 -26.23
N CYS A 128 -51.42 -5.86 -27.45
CA CYS A 128 -52.44 -6.41 -28.34
C CYS A 128 -51.78 -6.70 -29.67
N PRO A 129 -52.36 -7.59 -30.48
CA PRO A 129 -51.75 -7.90 -31.79
C PRO A 129 -51.59 -6.69 -32.68
N LYS A 130 -52.63 -5.86 -32.79
CA LYS A 130 -52.70 -4.80 -33.77
C LYS A 130 -51.57 -3.79 -33.65
N CYS A 131 -50.94 -3.67 -32.48
CA CYS A 131 -49.84 -2.75 -32.28
C CYS A 131 -48.48 -3.43 -32.19
N TRP A 132 -48.43 -4.76 -32.07
CA TRP A 132 -47.15 -5.43 -31.89
C TRP A 132 -46.20 -5.18 -33.04
N THR A 133 -46.72 -4.80 -34.21
CA THR A 133 -45.85 -4.50 -35.35
C THR A 133 -44.83 -3.43 -35.02
N LEU A 134 -45.12 -2.53 -34.08
CA LEU A 134 -44.13 -1.52 -33.73
C LEU A 134 -42.82 -2.18 -33.30
N MET A 135 -42.93 -3.29 -32.54
CA MET A 135 -41.75 -4.09 -32.20
C MET A 135 -40.92 -4.44 -33.41
N THR A 136 -41.54 -4.98 -34.47
CA THR A 136 -40.72 -5.36 -35.62
C THR A 136 -40.14 -4.12 -36.28
N MET A 137 -40.87 -2.99 -36.20
CA MET A 137 -40.34 -1.75 -36.73
C MET A 137 -39.06 -1.35 -36.00
N ALA A 138 -38.94 -1.72 -34.73
CA ALA A 138 -37.68 -1.54 -34.03
C ALA A 138 -36.61 -2.48 -34.56
N ILE A 139 -36.94 -3.77 -34.70
CA ILE A 139 -35.91 -4.77 -34.96
C ILE A 139 -35.19 -4.47 -36.28
N ARG A 140 -35.97 -4.23 -37.34
CA ARG A 140 -35.37 -3.99 -38.65
C ARG A 140 -34.50 -2.74 -38.67
N ILE A 141 -34.66 -1.84 -37.70
CA ILE A 141 -33.77 -0.70 -37.60
C ILE A 141 -32.46 -1.09 -36.94
N ILE A 142 -32.53 -1.89 -35.88
CA ILE A 142 -31.32 -2.28 -35.16
C ILE A 142 -30.63 -3.44 -35.85
N ASP A 143 -31.40 -4.40 -36.35
CA ASP A 143 -30.81 -5.57 -37.00
C ASP A 143 -29.95 -5.18 -38.18
N ARG A 144 -30.43 -4.23 -38.99
CA ARG A 144 -29.60 -3.68 -40.06
C ARG A 144 -28.38 -2.98 -39.50
N ALA A 145 -28.57 -2.17 -38.46
CA ALA A 145 -27.48 -1.34 -37.95
C ALA A 145 -26.33 -2.18 -37.43
N LEU A 146 -26.63 -3.28 -36.74
CA LEU A 146 -25.59 -4.16 -36.23
C LEU A 146 -25.05 -5.09 -37.31
N LYS A 147 -25.64 -5.08 -38.50
CA LYS A 147 -25.20 -6.00 -39.55
C LYS A 147 -24.33 -5.29 -40.59
N GLU A 148 -24.82 -4.18 -41.15
CA GLU A 148 -24.10 -3.50 -42.22
C GLU A 148 -23.14 -2.45 -41.69
N ASP A 149 -23.60 -1.61 -40.75
CA ASP A 149 -22.78 -0.49 -40.29
C ASP A 149 -21.61 -0.98 -39.43
N PHE A 150 -21.87 -1.87 -38.48
CA PHE A 150 -20.84 -2.35 -37.58
C PHE A 150 -20.23 -3.69 -37.98
N GLY A 151 -20.93 -4.48 -38.79
CA GLY A 151 -20.36 -5.73 -39.27
C GLY A 151 -20.45 -6.90 -38.32
N PHE A 152 -21.18 -6.78 -37.22
CA PHE A 152 -21.34 -7.91 -36.32
C PHE A 152 -22.12 -9.03 -37.01
N LYS A 153 -21.66 -10.27 -36.83
CA LYS A 153 -22.17 -11.40 -37.57
C LYS A 153 -23.10 -12.30 -36.77
N HIS A 154 -22.81 -12.51 -35.49
CA HIS A 154 -23.54 -13.48 -34.67
C HIS A 154 -24.45 -12.74 -33.71
N ARG A 155 -25.75 -12.74 -34.01
CA ARG A 155 -26.75 -12.10 -33.17
C ARG A 155 -27.93 -13.05 -32.98
N LEU A 156 -28.50 -13.02 -31.78
CA LEU A 156 -29.65 -13.85 -31.43
C LEU A 156 -30.75 -12.97 -30.87
N TRP A 157 -31.95 -13.07 -31.44
CA TRP A 157 -33.09 -12.29 -30.99
C TRP A 157 -34.07 -13.21 -30.30
N VAL A 158 -34.41 -12.89 -29.05
CA VAL A 158 -35.23 -13.74 -28.20
C VAL A 158 -36.42 -12.94 -27.68
N TYR A 159 -37.58 -13.59 -27.59
CA TYR A 159 -38.75 -12.93 -27.03
C TYR A 159 -38.59 -12.84 -25.52
N SER A 160 -38.74 -11.62 -24.97
CA SER A 160 -38.59 -11.41 -23.54
C SER A 160 -39.64 -12.19 -22.76
N GLY A 161 -40.86 -12.26 -23.28
CA GLY A 161 -41.92 -13.03 -22.66
C GLY A 161 -43.23 -12.30 -22.53
N ARG A 162 -43.20 -11.01 -22.20
CA ARG A 162 -44.44 -10.25 -22.20
C ARG A 162 -44.43 -8.95 -23.02
N ARG A 163 -43.39 -8.13 -22.92
CA ARG A 163 -43.44 -6.82 -23.57
C ARG A 163 -42.09 -6.40 -24.15
N GLY A 164 -41.38 -7.30 -24.81
CA GLY A 164 -40.14 -6.89 -25.44
C GLY A 164 -39.44 -8.04 -26.13
N VAL A 165 -38.36 -7.67 -26.81
CA VAL A 165 -37.44 -8.63 -27.44
C VAL A 165 -36.02 -8.24 -27.08
N HIS A 166 -35.23 -9.21 -26.61
CA HIS A 166 -33.84 -9.03 -26.28
C HIS A 166 -32.96 -9.42 -27.47
N CYS A 167 -31.79 -8.78 -27.56
CA CYS A 167 -30.85 -9.06 -28.63
C CYS A 167 -29.48 -9.30 -28.01
N TRP A 168 -28.93 -10.50 -28.22
CA TRP A 168 -27.61 -10.87 -27.74
C TRP A 168 -26.65 -10.82 -28.93
N VAL A 169 -25.57 -10.05 -28.77
CA VAL A 169 -24.49 -10.03 -29.75
C VAL A 169 -23.28 -10.70 -29.12
N CYS A 170 -22.76 -11.74 -29.77
CA CYS A 170 -21.72 -12.57 -29.18
C CYS A 170 -20.57 -12.84 -30.15
N ASP A 171 -20.21 -11.86 -30.97
CA ASP A 171 -19.03 -11.99 -31.81
C ASP A 171 -17.79 -11.94 -30.91
N GLU A 172 -16.70 -12.53 -31.41
CA GLU A 172 -15.52 -12.73 -30.58
C GLU A 172 -14.92 -11.41 -30.13
N SER A 173 -14.85 -10.42 -31.03
CA SER A 173 -14.29 -9.12 -30.65
C SER A 173 -15.25 -8.32 -29.79
N VAL A 174 -16.56 -8.58 -29.92
CA VAL A 174 -17.55 -7.78 -29.20
C VAL A 174 -17.47 -8.07 -27.70
N ARG A 175 -17.21 -9.32 -27.32
CA ARG A 175 -17.34 -9.74 -25.93
C ARG A 175 -16.29 -9.09 -25.03
N LYS A 176 -15.23 -8.52 -25.59
CA LYS A 176 -14.16 -7.94 -24.79
C LYS A 176 -14.14 -6.42 -24.83
N LEU A 177 -15.19 -5.79 -25.37
CA LEU A 177 -15.24 -4.34 -25.44
C LEU A 177 -15.36 -3.73 -24.05
N SER A 178 -14.79 -2.54 -23.89
CA SER A 178 -14.87 -1.81 -22.64
C SER A 178 -16.21 -1.07 -22.54
N SER A 179 -16.48 -0.54 -21.34
CA SER A 179 -17.76 0.12 -21.09
C SER A 179 -17.95 1.36 -21.93
N ALA A 180 -16.88 2.11 -22.19
CA ALA A 180 -16.99 3.33 -22.99
C ALA A 180 -17.47 3.02 -24.41
N VAL A 181 -16.96 1.94 -25.00
CA VAL A 181 -17.37 1.57 -26.35
C VAL A 181 -18.84 1.16 -26.37
N ARG A 182 -19.29 0.47 -25.31
CA ARG A 182 -20.71 0.12 -25.22
C ARG A 182 -21.58 1.36 -25.12
N SER A 183 -21.16 2.33 -24.30
CA SER A 183 -21.92 3.58 -24.21
C SER A 183 -21.96 4.29 -25.56
N GLY A 184 -20.83 4.31 -26.27
CA GLY A 184 -20.81 4.96 -27.58
C GLY A 184 -21.70 4.27 -28.59
N ILE A 185 -21.70 2.93 -28.60
CA ILE A 185 -22.52 2.21 -29.56
C ILE A 185 -23.99 2.32 -29.20
N VAL A 186 -24.31 2.53 -27.92
CA VAL A 186 -25.68 2.81 -27.55
C VAL A 186 -26.08 4.20 -28.01
N GLU A 187 -25.20 5.19 -27.83
CA GLU A 187 -25.51 6.55 -28.26
C GLU A 187 -25.70 6.63 -29.77
N TYR A 188 -24.90 5.88 -30.53
CA TYR A 188 -25.04 5.90 -31.98
C TYR A 188 -26.39 5.40 -32.45
N LEU A 189 -27.09 4.61 -31.64
CA LEU A 189 -28.40 4.08 -32.00
C LEU A 189 -29.55 4.80 -31.32
N SER A 190 -29.29 5.87 -30.57
CA SER A 190 -30.32 6.60 -29.85
C SER A 190 -30.64 7.91 -30.56
N LEU A 191 -31.92 8.17 -30.77
CA LEU A 191 -32.38 9.39 -31.42
C LEU A 191 -33.41 10.18 -30.63
N VAL A 192 -34.34 9.52 -29.94
CA VAL A 192 -35.43 10.19 -29.25
C VAL A 192 -34.90 10.66 -27.90
N LYS A 193 -34.66 11.97 -27.78
CA LYS A 193 -34.19 12.57 -26.53
C LYS A 193 -35.39 12.84 -25.62
N GLY A 194 -35.78 11.80 -24.88
CA GLY A 194 -36.88 11.93 -23.94
C GLY A 194 -36.51 12.65 -22.68
N GLY A 195 -37.02 13.86 -22.51
CA GLY A 195 -36.72 14.69 -21.35
C GLY A 195 -37.73 14.54 -20.24
N GLN A 196 -37.86 15.59 -19.44
CA GLN A 196 -38.79 15.62 -18.31
C GLN A 196 -40.21 15.91 -18.82
N ASP A 197 -40.77 14.91 -19.51
CA ASP A 197 -42.09 14.98 -20.11
C ASP A 197 -42.19 16.18 -21.06
N VAL A 198 -41.21 16.27 -21.95
CA VAL A 198 -41.14 17.31 -22.97
C VAL A 198 -41.89 16.83 -24.20
N LYS A 199 -42.75 17.68 -24.75
CA LYS A 199 -43.58 17.27 -25.88
C LYS A 199 -42.73 16.88 -27.08
N LYS A 200 -41.74 17.71 -27.42
CA LYS A 200 -40.87 17.44 -28.56
C LYS A 200 -39.63 16.70 -28.09
N LYS A 201 -39.38 15.52 -28.66
CA LYS A 201 -38.27 14.68 -28.26
C LYS A 201 -37.33 14.33 -29.41
N VAL A 202 -37.66 14.70 -30.64
CA VAL A 202 -36.84 14.38 -31.80
C VAL A 202 -36.39 15.69 -32.44
N HIS A 203 -35.08 15.87 -32.59
CA HIS A 203 -34.49 17.04 -33.19
C HIS A 203 -33.51 16.62 -34.27
N LEU A 204 -33.37 17.46 -35.29
CA LEU A 204 -32.45 17.18 -36.39
C LEU A 204 -32.10 18.49 -37.10
N SER A 205 -31.06 18.42 -37.92
CA SER A 205 -30.59 19.55 -38.71
C SER A 205 -30.78 19.26 -40.20
N GLU A 206 -30.32 20.20 -41.02
CA GLU A 206 -30.42 20.01 -42.47
C GLU A 206 -29.59 18.81 -42.92
N LYS A 207 -28.36 18.70 -42.41
CA LYS A 207 -27.50 17.58 -42.76
C LYS A 207 -28.11 16.28 -42.24
N ILE A 208 -28.08 15.25 -43.08
CA ILE A 208 -28.73 13.96 -42.78
C ILE A 208 -27.65 12.88 -42.79
N HIS A 209 -27.48 12.21 -41.65
CA HIS A 209 -26.60 11.07 -41.58
C HIS A 209 -27.24 9.88 -42.29
N PRO A 210 -26.43 9.05 -42.95
CA PRO A 210 -27.01 7.89 -43.65
C PRO A 210 -27.78 6.94 -42.73
N PHE A 211 -27.33 6.76 -41.50
CA PHE A 211 -28.03 5.91 -40.55
C PHE A 211 -29.42 6.41 -40.22
N ILE A 212 -29.66 7.71 -40.29
CA ILE A 212 -30.98 8.26 -40.04
C ILE A 212 -31.80 8.40 -41.32
N ARG A 213 -31.20 8.19 -42.49
CA ARG A 213 -31.95 8.22 -43.74
C ARG A 213 -32.40 6.83 -44.17
N LYS A 214 -31.52 5.83 -44.07
CA LYS A 214 -31.95 4.47 -44.35
C LYS A 214 -33.01 4.02 -43.36
N SER A 215 -32.94 4.53 -42.11
CA SER A 215 -33.98 4.25 -41.15
C SER A 215 -35.33 4.81 -41.60
N ILE A 216 -35.33 6.00 -42.19
CA ILE A 216 -36.57 6.54 -42.76
C ILE A 216 -37.05 5.69 -43.93
N ASN A 217 -36.11 5.25 -44.78
CA ASN A 217 -36.47 4.37 -45.88
C ASN A 217 -37.16 3.09 -45.38
N ILE A 218 -36.69 2.53 -44.28
CA ILE A 218 -37.36 1.38 -43.68
C ILE A 218 -38.70 1.73 -43.06
N ILE A 219 -38.78 2.83 -42.30
CA ILE A 219 -39.99 3.15 -41.56
C ILE A 219 -41.13 3.52 -42.51
N LYS A 220 -40.81 3.99 -43.73
CA LYS A 220 -41.85 4.37 -44.68
C LYS A 220 -42.69 3.16 -45.09
N LYS A 221 -42.09 1.96 -45.07
CA LYS A 221 -42.82 0.77 -45.50
C LYS A 221 -43.98 0.46 -44.57
N TYR A 222 -43.79 0.64 -43.26
CA TYR A 222 -44.78 0.24 -42.27
C TYR A 222 -45.54 1.41 -41.67
N PHE A 223 -45.14 2.66 -41.95
CA PHE A 223 -45.81 3.79 -41.32
C PHE A 223 -47.29 3.86 -41.71
N GLU A 224 -47.59 3.77 -43.00
CA GLU A 224 -48.98 3.90 -43.44
C GLU A 224 -49.84 2.77 -42.90
N GLU A 225 -49.29 1.56 -42.80
CA GLU A 225 -50.05 0.43 -42.27
C GLU A 225 -50.28 0.58 -40.77
N TYR A 226 -49.30 1.08 -40.03
CA TYR A 226 -49.38 1.12 -38.57
C TYR A 226 -50.06 2.38 -38.05
N ALA A 227 -49.50 3.55 -38.33
CA ALA A 227 -49.98 4.77 -37.70
C ALA A 227 -51.29 5.24 -38.29
N LEU A 228 -51.43 5.19 -39.61
CA LEU A 228 -52.57 5.82 -40.27
C LEU A 228 -53.81 4.94 -40.31
N VAL A 229 -53.66 3.63 -40.28
CA VAL A 229 -54.79 2.71 -40.36
C VAL A 229 -54.94 1.89 -39.08
N ASN A 230 -53.87 1.21 -38.67
CA ASN A 230 -53.94 0.39 -37.46
C ASN A 230 -54.07 1.25 -36.23
N GLN A 231 -53.08 2.12 -35.97
CA GLN A 231 -53.16 3.01 -34.81
C GLN A 231 -54.28 4.01 -34.96
N ASP A 232 -54.41 4.62 -36.14
CA ASP A 232 -55.44 5.61 -36.42
C ASP A 232 -55.41 6.74 -35.39
N ILE A 233 -54.30 7.48 -35.40
CA ILE A 233 -54.05 8.53 -34.41
C ILE A 233 -54.59 9.89 -34.82
N LEU A 234 -55.39 9.96 -35.90
CA LEU A 234 -55.90 11.22 -36.41
C LEU A 234 -57.42 11.14 -36.60
N GLU A 235 -58.12 10.64 -35.58
CA GLU A 235 -59.56 10.44 -35.65
C GLU A 235 -60.38 11.50 -34.93
N ASN A 236 -60.00 11.88 -33.72
CA ASN A 236 -60.75 12.89 -32.96
C ASN A 236 -59.79 13.94 -32.42
N LYS A 237 -60.37 14.94 -31.74
CA LYS A 237 -59.60 16.16 -31.41
C LYS A 237 -58.38 15.84 -30.57
N GLU A 238 -58.55 15.02 -29.52
CA GLU A 238 -57.40 14.66 -28.69
C GLU A 238 -56.50 13.64 -29.36
N SER A 239 -56.90 13.10 -30.51
CA SER A 239 -56.00 12.25 -31.28
C SER A 239 -54.94 13.07 -32.01
N TRP A 240 -55.31 14.20 -32.62
CA TRP A 240 -54.30 15.01 -33.32
C TRP A 240 -53.84 16.24 -32.55
N ASP A 241 -54.39 16.53 -31.36
CA ASP A 241 -53.87 17.66 -30.61
C ASP A 241 -52.41 17.41 -30.19
N LYS A 242 -52.12 16.18 -29.74
CA LYS A 242 -50.74 15.85 -29.37
C LYS A 242 -49.83 15.88 -30.59
N ILE A 243 -50.33 15.49 -31.75
CA ILE A 243 -49.55 15.56 -32.98
C ILE A 243 -49.25 17.01 -33.33
N LEU A 244 -50.25 17.88 -33.24
CA LEU A 244 -50.04 19.30 -33.49
C LEU A 244 -49.10 19.93 -32.48
N ALA A 245 -49.03 19.40 -31.25
CA ALA A 245 -48.11 19.94 -30.26
C ALA A 245 -46.67 19.93 -30.77
N LEU A 246 -46.27 18.88 -31.49
CA LEU A 246 -44.95 18.86 -32.11
C LEU A 246 -44.85 19.92 -33.20
N VAL A 247 -45.91 20.08 -33.99
CA VAL A 247 -45.93 21.06 -35.07
C VAL A 247 -45.90 22.46 -34.47
N PRO A 248 -45.18 23.42 -35.07
CA PRO A 248 -45.24 24.80 -34.58
C PRO A 248 -46.66 25.34 -34.64
N GLU A 249 -47.02 26.15 -33.63
CA GLU A 249 -48.39 26.62 -33.48
C GLU A 249 -48.83 27.50 -34.64
N THR A 250 -47.90 28.05 -35.42
CA THR A 250 -48.27 28.90 -36.54
C THR A 250 -49.02 28.13 -37.63
N ILE A 251 -48.89 26.80 -37.66
CA ILE A 251 -49.55 25.98 -38.67
C ILE A 251 -50.81 25.31 -38.13
N HIS A 252 -51.05 25.37 -36.81
CA HIS A 252 -52.21 24.72 -36.22
C HIS A 252 -53.52 25.24 -36.81
N ASP A 253 -53.56 26.54 -37.14
CA ASP A 253 -54.78 27.12 -37.68
C ASP A 253 -55.20 26.45 -38.98
N GLU A 254 -54.25 26.28 -39.90
CA GLU A 254 -54.56 25.60 -41.16
C GLU A 254 -54.79 24.12 -40.95
N LEU A 255 -54.00 23.49 -40.08
CA LEU A 255 -54.09 22.04 -39.91
C LEU A 255 -55.39 21.61 -39.26
N GLN A 256 -55.92 22.42 -38.34
CA GLN A 256 -57.20 22.09 -37.71
C GLN A 256 -58.32 22.09 -38.73
N GLN A 257 -58.35 23.09 -39.61
CA GLN A 257 -59.37 23.10 -40.66
C GLN A 257 -59.15 21.98 -41.66
N SER A 258 -57.90 21.62 -41.94
CA SER A 258 -57.63 20.51 -42.85
C SER A 258 -58.15 19.20 -42.27
N PHE A 259 -57.92 18.96 -40.98
CA PHE A 259 -58.33 17.71 -40.37
C PHE A 259 -59.83 17.72 -40.02
N GLN A 260 -60.44 18.90 -39.94
CA GLN A 260 -61.83 18.98 -39.50
C GLN A 260 -62.79 18.42 -40.53
N LYS A 261 -62.53 18.66 -41.81
CA LYS A 261 -63.47 18.31 -42.87
C LYS A 261 -63.27 16.90 -43.42
N SER A 262 -62.34 16.13 -42.85
CA SER A 262 -62.06 14.78 -43.32
C SER A 262 -62.74 13.75 -42.41
N HIS A 263 -62.47 12.48 -42.69
CA HIS A 263 -63.11 11.38 -41.97
C HIS A 263 -62.16 10.35 -41.38
N ASN A 264 -61.02 10.10 -42.01
CA ASN A 264 -60.08 9.08 -41.52
C ASN A 264 -58.66 9.61 -41.63
N SER A 265 -57.73 8.87 -41.03
CA SER A 265 -56.37 9.35 -40.84
C SER A 265 -55.54 9.35 -42.11
N LEU A 266 -55.97 8.64 -43.16
CA LEU A 266 -55.19 8.61 -44.39
C LEU A 266 -55.14 9.98 -45.05
N GLN A 267 -56.29 10.61 -45.26
CA GLN A 267 -56.30 11.96 -45.80
C GLN A 267 -55.76 12.96 -44.79
N ARG A 268 -55.88 12.68 -43.49
CA ARG A 268 -55.22 13.52 -42.49
C ARG A 268 -53.73 13.56 -42.73
N TRP A 269 -53.11 12.39 -42.91
CA TRP A 269 -51.67 12.32 -43.16
C TRP A 269 -51.32 12.96 -44.50
N GLU A 270 -52.16 12.76 -45.51
CA GLU A 270 -51.89 13.36 -46.82
C GLU A 270 -51.88 14.88 -46.74
N HIS A 271 -52.90 15.47 -46.11
CA HIS A 271 -52.94 16.92 -45.94
C HIS A 271 -51.81 17.41 -45.05
N LEU A 272 -51.47 16.65 -44.01
CA LEU A 272 -50.36 17.04 -43.14
C LEU A 272 -49.06 17.07 -43.92
N LYS A 273 -48.82 16.08 -44.78
CA LYS A 273 -47.63 16.09 -45.62
C LYS A 273 -47.63 17.27 -46.57
N LYS A 274 -48.79 17.57 -47.17
CA LYS A 274 -48.86 18.70 -48.10
C LYS A 274 -48.53 20.01 -47.40
N VAL A 275 -49.13 20.24 -46.22
CA VAL A 275 -48.89 21.48 -45.51
C VAL A 275 -47.46 21.55 -44.98
N ALA A 276 -46.91 20.40 -44.56
CA ALA A 276 -45.52 20.38 -44.11
C ALA A 276 -44.57 20.73 -45.26
N SER A 277 -44.82 20.18 -46.45
CA SER A 277 -44.00 20.52 -47.61
C SER A 277 -44.13 22.00 -47.96
N ARG A 278 -45.36 22.54 -47.85
CA ARG A 278 -45.55 23.97 -48.08
C ARG A 278 -44.75 24.80 -47.08
N TYR A 279 -44.73 24.40 -45.81
CA TYR A 279 -43.92 25.08 -44.82
C TYR A 279 -42.43 24.99 -45.14
N GLN A 280 -41.97 23.81 -45.58
CA GLN A 280 -40.56 23.64 -45.93
C GLN A 280 -40.18 24.55 -47.10
N ASN A 281 -41.06 24.67 -48.10
CA ASN A 281 -40.72 25.45 -49.28
C ASN A 281 -40.46 26.90 -48.94
N ASN A 282 -41.28 27.50 -48.08
CA ASN A 282 -41.09 28.89 -47.70
C ASN A 282 -40.06 29.06 -46.59
N ILE A 283 -39.70 27.98 -45.89
CA ILE A 283 -38.71 28.05 -44.82
C ILE A 283 -37.72 26.90 -44.93
N GLY A 289 -36.06 21.90 -44.77
CA GLY A 289 -35.34 22.50 -43.66
C GLY A 289 -35.42 21.69 -42.39
N PRO A 290 -36.31 22.08 -41.48
CA PRO A 290 -36.47 21.32 -40.23
C PRO A 290 -37.01 19.91 -40.42
N TRP A 291 -37.53 19.57 -41.60
CA TRP A 291 -38.05 18.25 -41.90
C TRP A 291 -39.19 17.88 -40.94
N LEU A 292 -40.27 18.66 -41.03
CA LEU A 292 -41.40 18.48 -40.14
C LEU A 292 -42.05 17.11 -40.31
N GLU A 293 -42.20 16.65 -41.56
CA GLU A 293 -42.91 15.40 -41.81
C GLU A 293 -42.16 14.21 -41.21
N TRP A 294 -40.84 14.32 -41.05
CA TRP A 294 -40.05 13.22 -40.51
C TRP A 294 -40.02 13.22 -38.99
N GLU A 295 -40.16 14.40 -38.37
CA GLU A 295 -40.07 14.49 -36.91
C GLU A 295 -41.18 13.68 -36.24
N ILE A 296 -42.41 13.78 -36.75
CA ILE A 296 -43.52 13.06 -36.13
C ILE A 296 -43.32 11.55 -36.24
N MET A 297 -42.90 11.07 -37.41
CA MET A 297 -42.66 9.64 -37.58
C MET A 297 -41.56 9.16 -36.66
N LEU A 298 -40.46 9.92 -36.57
CA LEU A 298 -39.34 9.49 -35.74
C LEU A 298 -39.70 9.53 -34.26
N GLN A 299 -40.54 10.47 -33.85
CA GLN A 299 -40.91 10.59 -32.45
C GLN A 299 -42.01 9.59 -32.05
N TYR A 300 -42.81 9.12 -33.00
CA TYR A 300 -43.82 8.12 -32.70
C TYR A 300 -43.37 6.69 -32.92
N CYS A 301 -42.29 6.45 -33.67
CA CYS A 301 -42.00 5.09 -34.12
C CYS A 301 -40.55 4.64 -34.00
N PHE A 302 -39.59 5.54 -33.78
CA PHE A 302 -38.20 5.10 -33.70
C PHE A 302 -37.97 4.28 -32.43
N PRO A 303 -37.16 3.22 -32.51
CA PRO A 303 -36.91 2.39 -31.32
C PRO A 303 -36.21 3.19 -30.22
N ARG A 304 -36.57 2.86 -28.98
CA ARG A 304 -35.98 3.49 -27.79
C ARG A 304 -35.33 2.41 -26.93
N LEU A 305 -34.07 2.63 -26.57
CA LEU A 305 -33.32 1.66 -25.79
C LEU A 305 -32.98 2.23 -24.42
N ASP A 306 -32.83 1.33 -23.45
CA ASP A 306 -32.45 1.69 -22.09
C ASP A 306 -30.93 1.74 -21.99
N ILE A 307 -30.41 2.83 -21.44
CA ILE A 307 -28.97 2.97 -21.30
C ILE A 307 -28.45 2.04 -20.22
N ASN A 308 -29.20 1.91 -19.12
CA ASN A 308 -28.71 1.17 -17.96
C ASN A 308 -28.61 -0.33 -18.23
N VAL A 309 -29.47 -0.87 -19.09
CA VAL A 309 -29.46 -2.31 -19.32
C VAL A 309 -28.20 -2.73 -20.06
N SER A 310 -27.63 -1.82 -20.86
CA SER A 310 -26.56 -2.17 -21.77
C SER A 310 -25.20 -1.56 -21.42
N LYS A 311 -25.16 -0.45 -20.67
CA LYS A 311 -23.86 0.21 -20.49
C LYS A 311 -22.95 -0.60 -19.57
N GLY A 312 -23.53 -1.27 -18.57
CA GLY A 312 -22.72 -1.97 -17.60
C GLY A 312 -22.17 -3.28 -18.14
N ILE A 313 -21.12 -3.77 -17.50
CA ILE A 313 -20.48 -5.01 -17.93
C ILE A 313 -20.91 -6.21 -17.08
N ASN A 314 -21.38 -5.97 -15.86
CA ASN A 314 -21.79 -7.05 -14.95
C ASN A 314 -23.29 -7.11 -14.76
N HIS A 315 -24.07 -6.42 -15.59
CA HIS A 315 -25.50 -6.36 -15.40
C HIS A 315 -26.13 -7.69 -15.82
N LEU A 316 -27.08 -8.16 -15.01
CA LEU A 316 -27.72 -9.45 -15.23
C LEU A 316 -28.88 -9.30 -16.22
N LEU A 317 -29.11 -10.35 -17.01
CA LEU A 317 -30.20 -10.35 -17.96
C LEU A 317 -30.80 -11.76 -18.03
N LYS A 318 -32.11 -11.81 -18.28
CA LYS A 318 -32.82 -13.08 -18.30
C LYS A 318 -32.29 -13.98 -19.42
N SER A 319 -32.07 -15.24 -19.08
CA SER A 319 -31.53 -16.21 -20.01
C SER A 319 -32.61 -16.74 -20.95
N PRO A 320 -32.23 -17.15 -22.16
CA PRO A 320 -33.21 -17.75 -23.08
C PRO A 320 -33.77 -19.05 -22.51
N PHE A 321 -34.99 -19.36 -22.94
CA PHE A 321 -35.73 -20.57 -22.55
C PHE A 321 -36.06 -20.61 -21.07
N SER A 322 -36.22 -19.45 -20.45
CA SER A 322 -36.74 -19.37 -19.09
C SER A 322 -38.26 -19.16 -19.13
N VAL A 323 -38.90 -19.44 -18.00
CA VAL A 323 -40.36 -19.35 -17.89
C VAL A 323 -40.70 -18.13 -17.05
N HIS A 324 -41.43 -17.20 -17.64
CA HIS A 324 -41.85 -16.01 -16.89
C HIS A 324 -42.90 -16.41 -15.85
N PRO A 325 -42.80 -15.90 -14.63
CA PRO A 325 -43.75 -16.31 -13.58
C PRO A 325 -45.20 -15.97 -13.92
N LYS A 326 -45.46 -14.87 -14.61
CA LYS A 326 -46.83 -14.42 -14.86
C LYS A 326 -47.38 -14.97 -16.17
N THR A 327 -46.72 -14.65 -17.29
CA THR A 327 -47.25 -15.04 -18.59
C THR A 327 -47.09 -16.53 -18.85
N GLY A 328 -46.10 -17.18 -18.23
CA GLY A 328 -45.85 -18.58 -18.43
C GLY A 328 -45.25 -18.93 -19.78
N ARG A 329 -45.21 -18.00 -20.72
CA ARG A 329 -44.65 -18.28 -22.03
C ARG A 329 -43.14 -18.51 -21.93
N ILE A 330 -42.65 -19.50 -22.68
CA ILE A 330 -41.22 -19.74 -22.73
C ILE A 330 -40.55 -18.65 -23.55
N SER A 331 -39.40 -18.17 -23.07
CA SER A 331 -38.62 -17.18 -23.81
C SER A 331 -37.96 -17.90 -24.98
N VAL A 332 -38.42 -17.59 -26.19
CA VAL A 332 -38.01 -18.36 -27.37
C VAL A 332 -37.26 -17.45 -28.34
N PRO A 333 -36.31 -17.98 -29.10
CA PRO A 333 -35.61 -17.17 -30.09
C PRO A 333 -36.50 -16.80 -31.26
N ILE A 334 -36.14 -15.70 -31.92
CA ILE A 334 -36.85 -15.20 -33.09
C ILE A 334 -36.12 -15.70 -34.34
N ASP A 335 -36.89 -16.03 -35.37
CA ASP A 335 -36.33 -16.39 -36.66
C ASP A 335 -36.08 -15.11 -37.44
N LEU A 336 -34.81 -14.86 -37.79
CA LEU A 336 -34.42 -13.57 -38.35
C LEU A 336 -34.94 -13.35 -39.76
N GLN A 337 -35.23 -14.43 -40.50
CA GLN A 337 -35.67 -14.31 -41.88
C GLN A 337 -37.19 -14.27 -42.03
N LYS A 338 -37.95 -14.41 -40.96
CA LYS A 338 -39.40 -14.26 -41.00
C LYS A 338 -39.89 -13.45 -39.81
N VAL A 339 -39.21 -12.34 -39.56
CA VAL A 339 -39.55 -11.49 -38.41
C VAL A 339 -40.98 -10.96 -38.55
N ASP A 340 -41.39 -10.68 -39.78
CA ASP A 340 -42.76 -10.22 -40.01
C ASP A 340 -43.79 -11.34 -39.82
N GLN A 341 -43.35 -12.59 -39.81
CA GLN A 341 -44.24 -13.74 -39.67
C GLN A 341 -44.24 -14.32 -38.26
N PHE A 342 -43.95 -13.50 -37.26
CA PHE A 342 -43.94 -13.95 -35.87
C PHE A 342 -45.22 -13.50 -35.16
N ASP A 343 -45.91 -14.46 -34.56
CA ASP A 343 -47.12 -14.20 -33.79
C ASP A 343 -46.80 -14.28 -32.31
N PRO A 344 -46.88 -13.18 -31.55
CA PRO A 344 -46.54 -13.23 -30.12
C PRO A 344 -47.42 -14.17 -29.32
N PHE A 345 -48.69 -14.29 -29.67
CA PHE A 345 -49.63 -15.12 -28.91
C PHE A 345 -49.56 -16.59 -29.31
N THR A 346 -48.79 -16.93 -30.33
CA THR A 346 -48.53 -18.32 -30.70
C THR A 346 -47.44 -18.94 -29.82
N VAL A 347 -46.68 -18.13 -29.10
CA VAL A 347 -45.57 -18.62 -28.28
C VAL A 347 -46.09 -19.64 -27.28
N PRO A 348 -45.52 -20.85 -27.23
CA PRO A 348 -46.09 -21.89 -26.36
C PRO A 348 -45.93 -21.55 -24.89
N THR A 349 -46.89 -22.02 -24.11
CA THR A 349 -46.90 -21.84 -22.67
C THR A 349 -46.39 -23.12 -21.99
N ILE A 350 -45.83 -22.95 -20.78
CA ILE A 350 -45.32 -24.09 -20.05
C ILE A 350 -46.42 -25.10 -19.75
N SER A 351 -47.62 -24.62 -19.43
CA SER A 351 -48.74 -25.51 -19.20
C SER A 351 -49.10 -26.28 -20.46
N PHE A 352 -49.11 -25.61 -21.61
CA PHE A 352 -49.49 -26.26 -22.85
C PHE A 352 -48.48 -27.33 -23.25
N ILE A 353 -47.19 -27.01 -23.14
CA ILE A 353 -46.16 -27.98 -23.49
C ILE A 353 -46.16 -29.14 -22.49
N CYS A 354 -46.45 -28.87 -21.21
CA CYS A 354 -46.56 -29.95 -20.23
C CYS A 354 -47.74 -30.85 -20.57
N ARG A 355 -48.86 -30.27 -20.98
CA ARG A 355 -50.02 -31.06 -21.40
C ARG A 355 -49.68 -31.93 -22.61
N GLU A 356 -48.95 -31.37 -23.58
CA GLU A 356 -48.52 -32.15 -24.73
C GLU A 356 -47.60 -33.29 -24.32
N LEU A 357 -46.66 -33.02 -23.41
CA LEU A 357 -45.72 -34.05 -22.97
C LEU A 357 -46.44 -35.17 -22.22
N ASP A 358 -47.43 -34.81 -21.39
CA ASP A 358 -48.16 -35.83 -20.65
C ASP A 358 -48.95 -36.74 -21.58
N ALA A 359 -49.48 -36.21 -22.67
CA ALA A 359 -50.24 -37.00 -23.64
C ALA A 359 -49.32 -37.62 -24.69
N ILE A 360 -48.32 -38.37 -24.22
CA ILE A 360 -47.36 -39.02 -25.11
C ILE A 360 -47.28 -40.50 -24.79
N ARG A 379 -30.04 -39.49 -25.99
CA ARG A 379 -31.05 -39.97 -26.93
C ARG A 379 -32.35 -39.20 -26.74
N THR A 380 -32.49 -38.56 -25.57
CA THR A 380 -33.72 -37.85 -25.23
C THR A 380 -33.97 -36.70 -26.19
N ARG A 381 -35.00 -36.83 -27.03
CA ARG A 381 -35.43 -35.81 -27.96
C ARG A 381 -36.92 -35.51 -27.79
N ASP A 382 -37.39 -35.53 -26.54
CA ASP A 382 -38.81 -35.31 -26.28
C ASP A 382 -39.25 -33.89 -26.60
N TYR A 383 -38.31 -32.95 -26.70
CA TYR A 383 -38.66 -31.61 -27.15
C TYR A 383 -39.06 -31.60 -28.62
N LYS A 384 -38.61 -32.58 -29.40
CA LYS A 384 -39.00 -32.68 -30.80
C LYS A 384 -40.44 -33.11 -30.98
N LYS A 385 -40.97 -33.90 -30.06
CA LYS A 385 -42.38 -34.29 -30.10
C LYS A 385 -43.29 -33.19 -29.57
N THR A 386 -42.73 -32.13 -29.02
CA THR A 386 -43.47 -30.97 -28.52
C THR A 386 -43.31 -29.84 -29.53
N SER A 387 -44.23 -28.87 -29.48
CA SER A 387 -44.23 -27.75 -30.42
C SER A 387 -42.99 -26.87 -30.28
N LEU A 388 -42.09 -27.22 -29.36
CA LEU A 388 -40.88 -26.45 -29.14
C LEU A 388 -39.77 -26.76 -30.15
N ALA A 389 -39.95 -27.79 -30.98
CA ALA A 389 -38.92 -28.16 -31.94
C ALA A 389 -38.62 -27.07 -32.96
N PRO A 390 -39.61 -26.45 -33.62
CA PRO A 390 -39.27 -25.37 -34.55
C PRO A 390 -38.59 -24.19 -33.88
N TYR A 391 -38.82 -23.98 -32.59
CA TYR A 391 -38.23 -22.85 -31.88
C TYR A 391 -36.87 -23.17 -31.30
N VAL A 392 -36.45 -24.43 -31.33
CA VAL A 392 -35.08 -24.78 -30.93
C VAL A 392 -34.23 -25.09 -32.15
N LYS A 393 -34.87 -25.35 -33.29
CA LYS A 393 -34.11 -25.51 -34.52
C LYS A 393 -33.37 -24.23 -34.90
N VAL A 394 -33.97 -23.08 -34.61
CA VAL A 394 -33.28 -21.81 -34.84
C VAL A 394 -32.08 -21.65 -33.91
N PHE A 395 -32.20 -22.12 -32.67
CA PHE A 395 -31.06 -22.10 -31.75
C PHE A 395 -29.94 -23.00 -32.26
N GLU A 396 -30.31 -24.18 -32.76
CA GLU A 396 -29.32 -25.08 -33.36
C GLU A 396 -28.66 -24.44 -34.57
N HIS A 397 -29.44 -23.75 -35.40
CA HIS A 397 -28.88 -23.04 -36.55
C HIS A 397 -27.90 -21.95 -36.12
N PHE A 398 -28.25 -21.21 -35.07
CA PHE A 398 -27.37 -20.18 -34.55
C PHE A 398 -26.03 -20.77 -34.10
N LEU A 399 -26.09 -21.86 -33.34
CA LEU A 399 -24.85 -22.50 -32.89
C LEU A 399 -24.04 -23.07 -34.05
N GLU A 400 -24.72 -23.67 -35.03
CA GLU A 400 -24.01 -24.20 -36.19
C GLU A 400 -23.30 -23.08 -36.95
N ASN A 401 -23.98 -21.95 -37.13
CA ASN A 401 -23.36 -20.81 -37.80
C ASN A 401 -22.18 -20.26 -37.01
N LEU A 402 -22.30 -20.19 -35.68
CA LEU A 402 -21.20 -19.67 -34.88
C LEU A 402 -19.99 -20.61 -34.94
N ASP A 403 -20.23 -21.92 -34.97
CA ASP A 403 -19.14 -22.88 -35.12
C ASP A 403 -18.40 -22.70 -36.44
N LYS A 404 -19.11 -22.27 -37.48
CA LYS A 404 -18.44 -21.98 -38.75
C LYS A 404 -17.35 -20.93 -38.57
N SER A 405 -17.67 -19.82 -37.90
CA SER A 405 -16.65 -18.81 -37.62
C SER A 405 -15.58 -19.34 -36.68
N ARG A 406 -15.98 -20.15 -35.69
CA ARG A 406 -15.01 -20.76 -34.79
C ARG A 406 -13.92 -21.49 -35.57
N LYS A 407 -14.32 -22.35 -36.51
CA LYS A 407 -13.36 -23.13 -37.26
C LYS A 407 -12.75 -22.35 -38.43
N GLY A 408 -13.36 -21.24 -38.83
CA GLY A 408 -12.78 -20.46 -39.91
C GLY A 408 -11.74 -19.46 -39.44
N GLU A 409 -11.80 -19.09 -38.17
CA GLU A 409 -10.84 -18.13 -37.62
C GLU A 409 -9.57 -18.82 -37.11
N LEU A 410 -9.74 -19.78 -36.21
CA LEU A 410 -8.58 -20.43 -35.58
C LEU A 410 -7.85 -21.33 -36.56
N LEU A 411 -8.60 -22.14 -37.33
CA LEU A 411 -7.98 -23.14 -38.20
C LEU A 411 -7.51 -22.56 -39.52
N LYS A 412 -7.81 -21.31 -39.83
CA LYS A 412 -7.38 -20.69 -41.08
C LYS A 412 -6.62 -19.40 -40.83
N TYR B 22 12.94 5.41 -38.53
CA TYR B 22 13.66 5.86 -39.71
C TYR B 22 13.17 7.25 -40.19
N PRO B 23 11.85 7.52 -40.17
CA PRO B 23 11.40 8.90 -40.36
C PRO B 23 11.74 9.74 -39.14
N HIS B 24 12.98 10.20 -39.08
CA HIS B 24 13.56 10.74 -37.86
C HIS B 24 13.05 12.15 -37.53
N CYS B 25 12.02 12.61 -38.23
CA CYS B 25 11.50 13.95 -38.03
C CYS B 25 10.27 13.98 -37.14
N LEU B 26 9.70 12.83 -36.82
CA LEU B 26 8.69 12.69 -35.79
C LEU B 26 8.65 11.22 -35.40
N GLN B 27 8.54 10.98 -34.10
CA GLN B 27 8.70 9.61 -33.62
C GLN B 27 7.94 9.43 -32.32
N PHE B 28 7.13 8.38 -32.25
CA PHE B 28 6.59 7.92 -30.98
C PHE B 28 7.75 7.34 -30.17
N TYR B 29 7.92 7.82 -28.94
CA TYR B 29 9.11 7.50 -28.16
C TYR B 29 8.92 6.19 -27.43
N LEU B 30 9.40 5.10 -28.05
CA LEU B 30 9.49 3.80 -27.41
C LEU B 30 10.85 3.20 -27.73
N GLN B 31 11.09 1.95 -27.31
CA GLN B 31 12.37 1.29 -27.53
C GLN B 31 13.53 2.14 -27.02
N PRO B 32 13.73 2.20 -25.71
CA PRO B 32 14.77 3.09 -25.17
C PRO B 32 16.13 2.72 -25.73
N PRO B 33 17.02 3.69 -25.88
CA PRO B 33 18.29 3.44 -26.58
C PRO B 33 19.25 2.62 -25.73
N SER B 34 20.35 2.23 -26.36
CA SER B 34 21.35 1.38 -25.73
C SER B 34 22.77 1.90 -25.90
N GLU B 35 22.95 3.06 -26.52
CA GLU B 35 24.27 3.63 -26.70
C GLU B 35 24.79 4.20 -25.38
N ASN B 36 26.08 4.50 -25.33
CA ASN B 36 26.70 5.13 -24.18
C ASN B 36 27.31 6.47 -24.59
N ILE B 37 27.25 7.42 -23.66
CA ILE B 37 27.64 8.80 -23.94
C ILE B 37 28.46 9.34 -22.77
N SER B 38 29.19 10.43 -23.05
CA SER B 38 29.91 11.12 -22.01
C SER B 38 28.96 11.94 -21.13
N LEU B 39 29.38 12.19 -19.89
CA LEU B 39 28.51 12.89 -18.94
C LEU B 39 28.31 14.35 -19.32
N ILE B 40 29.30 14.97 -19.97
CA ILE B 40 29.13 16.35 -20.43
C ILE B 40 28.01 16.44 -21.45
N GLU B 41 28.01 15.53 -22.43
CA GLU B 41 26.89 15.46 -23.37
C GLU B 41 25.59 15.09 -22.65
N PHE B 42 25.70 14.26 -21.60
CA PHE B 42 24.53 13.90 -20.81
C PHE B 42 23.85 15.13 -20.23
N GLU B 43 24.63 16.06 -19.66
CA GLU B 43 24.04 17.27 -19.12
C GLU B 43 23.62 18.25 -20.22
N ASN B 44 24.41 18.33 -21.30
CA ASN B 44 24.10 19.26 -22.38
C ASN B 44 22.78 18.91 -23.06
N LEU B 45 22.51 17.62 -23.28
CA LEU B 45 21.25 17.22 -23.88
C LEU B 45 20.07 17.61 -23.00
N ALA B 46 20.17 17.36 -21.70
CA ALA B 46 19.08 17.72 -20.80
C ALA B 46 18.83 19.22 -20.79
N ILE B 47 19.90 20.02 -20.73
CA ILE B 47 19.71 21.47 -20.65
C ILE B 47 19.16 22.01 -21.98
N ASP B 48 19.60 21.46 -23.11
CA ASP B 48 19.08 21.91 -24.40
C ASP B 48 17.61 21.56 -24.56
N ARG B 49 17.23 20.34 -24.16
CA ARG B 49 15.82 19.96 -24.25
C ARG B 49 14.97 20.83 -23.34
N VAL B 50 15.46 21.13 -22.14
CA VAL B 50 14.73 21.99 -21.23
C VAL B 50 14.54 23.37 -21.84
N LYS B 51 15.60 23.92 -22.45
CA LYS B 51 15.50 25.24 -23.06
C LYS B 51 14.48 25.26 -24.19
N LEU B 52 14.53 24.26 -25.08
CA LEU B 52 13.59 24.21 -26.19
C LEU B 52 12.15 24.07 -25.69
N LEU B 53 11.94 23.20 -24.69
CA LEU B 53 10.60 22.94 -24.21
C LEU B 53 10.05 24.14 -23.44
N LYS B 54 10.94 24.91 -22.80
CA LYS B 54 10.53 26.16 -22.16
C LYS B 54 10.15 27.20 -23.19
N SER B 55 10.91 27.34 -24.27
CA SER B 55 10.58 28.29 -25.31
C SER B 55 9.29 27.92 -26.06
N VAL B 56 8.95 26.63 -26.10
CA VAL B 56 7.65 26.25 -26.66
C VAL B 56 6.52 26.88 -25.86
N GLU B 57 6.67 26.97 -24.53
CA GLU B 57 5.69 27.67 -23.70
C GLU B 57 5.51 29.11 -24.15
N ASN B 58 6.62 29.84 -24.32
CA ASN B 58 6.54 31.24 -24.71
C ASN B 58 5.90 31.39 -26.09
N LEU B 59 6.28 30.53 -27.03
CA LEU B 59 5.70 30.62 -28.37
C LEU B 59 4.21 30.31 -28.36
N GLY B 60 3.78 29.33 -27.56
CA GLY B 60 2.38 28.99 -27.49
C GLY B 60 1.53 29.96 -26.70
N VAL B 61 2.14 30.74 -25.81
CA VAL B 61 1.43 31.71 -25.00
C VAL B 61 1.33 33.07 -25.70
N SER B 62 2.45 33.59 -26.19
CA SER B 62 2.48 34.93 -26.75
C SER B 62 1.80 35.03 -28.12
N TYR B 63 1.76 33.94 -28.87
CA TYR B 63 1.20 33.93 -30.23
C TYR B 63 -0.03 33.01 -30.27
N VAL B 64 -0.55 32.82 -31.48
CA VAL B 64 -1.64 31.89 -31.73
C VAL B 64 -1.13 30.79 -32.66
N LYS B 65 -1.79 29.65 -32.63
CA LYS B 65 -1.33 28.40 -33.24
C LYS B 65 -1.34 28.42 -34.77
N GLY B 66 -1.59 29.51 -35.49
CA GLY B 66 -1.66 29.43 -36.94
C GLY B 66 -0.83 30.43 -37.70
N THR B 67 -0.29 31.44 -37.01
CA THR B 67 0.50 32.47 -37.68
C THR B 67 1.80 31.89 -38.25
N GLU B 68 2.24 32.49 -39.36
CA GLU B 68 3.52 32.10 -39.95
C GLU B 68 4.68 32.42 -39.03
N GLN B 69 4.56 33.46 -38.21
CA GLN B 69 5.65 33.83 -37.30
C GLN B 69 5.89 32.74 -36.27
N TYR B 70 4.82 32.11 -35.77
CA TYR B 70 4.99 31.00 -34.83
C TYR B 70 5.80 29.87 -35.46
N GLN B 71 5.42 29.44 -36.66
CA GLN B 71 6.16 28.38 -37.34
C GLN B 71 7.60 28.79 -37.58
N SER B 72 7.81 30.02 -38.05
CA SER B 72 9.17 30.47 -38.37
C SER B 72 10.05 30.49 -37.13
N LYS B 73 9.56 31.06 -36.04
CA LYS B 73 10.35 31.13 -34.82
C LYS B 73 10.65 29.73 -34.27
N LEU B 74 9.65 28.86 -34.24
CA LEU B 74 9.86 27.54 -33.67
C LEU B 74 10.84 26.72 -34.52
N GLU B 75 10.72 26.80 -35.85
CA GLU B 75 11.64 26.05 -36.69
C GLU B 75 13.04 26.65 -36.66
N SER B 76 13.16 27.97 -36.54
CA SER B 76 14.49 28.58 -36.40
C SER B 76 15.15 28.15 -35.10
N GLU B 77 14.39 28.09 -34.00
CA GLU B 77 14.98 27.63 -32.75
C GLU B 77 15.34 26.16 -32.81
N LEU B 78 14.50 25.34 -33.46
CA LEU B 78 14.83 23.94 -33.63
C LEU B 78 16.12 23.78 -34.44
N ARG B 79 16.30 24.63 -35.45
CA ARG B 79 17.55 24.65 -36.21
C ARG B 79 18.72 25.07 -35.33
N LYS B 80 18.51 26.02 -34.43
CA LYS B 80 19.58 26.54 -33.58
C LYS B 80 20.15 25.48 -32.65
N LEU B 81 19.29 24.66 -32.06
CA LEU B 81 19.70 23.69 -31.04
C LEU B 81 19.95 22.31 -31.62
N LYS B 82 20.09 22.23 -32.95
CA LYS B 82 20.38 20.97 -33.64
C LYS B 82 19.33 19.90 -33.34
N PHE B 83 18.09 20.15 -33.74
CA PHE B 83 17.02 19.20 -33.54
C PHE B 83 16.33 18.93 -34.87
N SER B 84 15.73 17.76 -34.98
CA SER B 84 15.20 17.25 -36.25
C SER B 84 14.03 18.08 -36.78
N TYR B 85 14.02 18.31 -38.09
CA TYR B 85 12.88 18.93 -38.78
C TYR B 85 12.83 18.38 -40.21
N ARG B 86 12.14 19.09 -41.10
CA ARG B 86 11.58 18.54 -42.34
C ARG B 86 12.44 17.46 -42.98
N GLU B 87 11.78 16.38 -43.40
CA GLU B 87 12.43 15.23 -44.02
C GLU B 87 12.52 15.45 -45.53
N ASN B 88 13.61 16.07 -45.97
CA ASN B 88 13.89 16.13 -47.40
C ASN B 88 15.40 16.03 -47.65
N LEU B 89 16.18 15.85 -46.59
CA LEU B 89 17.63 15.91 -46.70
C LEU B 89 18.35 14.72 -46.07
N GLU B 90 17.90 13.49 -46.32
CA GLU B 90 18.56 12.25 -45.89
C GLU B 90 19.22 12.29 -44.52
N ASP B 91 20.55 12.20 -44.50
CA ASP B 91 21.30 11.80 -43.31
C ASP B 91 21.45 12.86 -42.23
N GLU B 92 20.35 13.23 -41.58
CA GLU B 92 20.47 13.94 -40.29
C GLU B 92 20.35 12.94 -39.15
N TYR B 93 21.26 11.98 -39.08
CA TYR B 93 21.27 11.00 -38.02
C TYR B 93 21.57 11.62 -36.65
N GLU B 94 22.42 12.65 -36.62
CA GLU B 94 22.80 13.31 -35.37
C GLU B 94 21.61 13.96 -34.68
N PRO B 95 20.78 14.76 -35.36
CA PRO B 95 19.59 15.31 -34.68
C PRO B 95 18.62 14.24 -34.20
N ARG B 96 18.48 13.15 -34.96
CA ARG B 96 17.66 12.03 -34.52
C ARG B 96 18.17 11.47 -33.20
N ARG B 97 19.46 11.18 -33.14
CA ARG B 97 20.05 10.67 -31.90
C ARG B 97 19.89 11.68 -30.77
N ARG B 98 20.10 12.96 -31.06
CA ARG B 98 19.98 14.00 -30.05
C ARG B 98 18.60 14.00 -29.42
N ASP B 99 17.55 14.05 -30.25
CA ASP B 99 16.19 14.06 -29.74
C ASP B 99 15.83 12.78 -29.01
N HIS B 100 16.24 11.63 -29.57
CA HIS B 100 15.93 10.35 -28.94
C HIS B 100 16.51 10.25 -27.54
N ILE B 101 17.78 10.67 -27.38
CA ILE B 101 18.39 10.63 -26.06
C ILE B 101 17.78 11.68 -25.15
N SER B 102 17.47 12.86 -25.70
CA SER B 102 17.00 13.97 -24.88
C SER B 102 15.65 13.65 -24.24
N HIS B 103 14.72 13.07 -25.00
CA HIS B 103 13.42 12.77 -24.42
C HIS B 103 13.55 11.79 -23.26
N PHE B 104 14.32 10.73 -23.44
CA PHE B 104 14.44 9.72 -22.39
C PHE B 104 15.20 10.26 -21.19
N ILE B 105 16.20 11.11 -21.40
CA ILE B 105 16.91 11.66 -20.26
C ILE B 105 16.03 12.64 -19.50
N LEU B 106 15.14 13.36 -20.19
CA LEU B 106 14.24 14.27 -19.51
C LEU B 106 13.06 13.56 -18.87
N ARG B 107 12.79 12.31 -19.26
CA ARG B 107 11.70 11.57 -18.62
C ARG B 107 11.96 11.34 -17.14
N LEU B 108 13.23 11.18 -16.75
CA LEU B 108 13.54 10.89 -15.36
C LEU B 108 13.26 12.07 -14.44
N ALA B 109 13.43 13.30 -14.92
CA ALA B 109 13.34 14.46 -14.05
C ALA B 109 11.90 14.90 -13.84
N TYR B 110 11.14 15.06 -14.92
CA TYR B 110 9.79 15.59 -14.85
C TYR B 110 8.74 14.55 -14.49
N CYS B 111 9.14 13.40 -13.94
CA CYS B 111 8.19 12.38 -13.52
C CYS B 111 7.97 12.35 -12.02
N GLN B 112 8.56 13.29 -11.27
CA GLN B 112 8.47 13.23 -9.81
C GLN B 112 7.17 13.83 -9.30
N SER B 113 6.94 15.11 -9.56
CA SER B 113 5.80 15.83 -9.03
C SER B 113 4.68 15.90 -10.08
N GLU B 114 3.44 15.89 -9.60
CA GLU B 114 2.29 15.91 -10.50
C GLU B 114 2.08 17.27 -11.14
N GLU B 115 2.72 18.32 -10.63
CA GLU B 115 2.70 19.62 -11.29
C GLU B 115 3.67 19.70 -12.46
N LEU B 116 4.58 18.75 -12.57
CA LEU B 116 5.55 18.72 -13.67
C LEU B 116 5.20 17.71 -14.75
N ARG B 117 4.49 16.64 -14.42
CA ARG B 117 4.11 15.65 -15.43
C ARG B 117 3.18 16.26 -16.47
N ARG B 118 2.17 17.02 -16.01
CA ARG B 118 1.26 17.67 -16.94
C ARG B 118 1.99 18.72 -17.78
N TRP B 119 2.91 19.45 -17.16
CA TRP B 119 3.71 20.43 -17.90
C TRP B 119 4.55 19.74 -18.98
N PHE B 120 5.12 18.58 -18.67
CA PHE B 120 5.86 17.84 -19.68
C PHE B 120 4.95 17.39 -20.82
N ILE B 121 3.83 16.76 -20.48
CA ILE B 121 2.97 16.16 -21.49
C ILE B 121 2.38 17.22 -22.41
N GLN B 122 1.90 18.34 -21.84
CA GLN B 122 1.24 19.36 -22.66
C GLN B 122 2.18 19.90 -23.74
N GLN B 123 3.37 20.31 -23.34
CA GLN B 123 4.33 20.87 -24.29
C GLN B 123 4.93 19.84 -25.23
N GLU B 124 5.13 18.59 -24.79
CA GLU B 124 5.54 17.58 -25.75
C GLU B 124 4.46 17.29 -26.79
N MET B 125 3.19 17.27 -26.39
CA MET B 125 2.12 17.12 -27.36
C MET B 125 2.07 18.30 -28.32
N ASP B 126 2.30 19.51 -27.82
CA ASP B 126 2.34 20.67 -28.70
C ASP B 126 3.48 20.55 -29.71
N LEU B 127 4.65 20.11 -29.25
CA LEU B 127 5.78 19.92 -30.16
C LEU B 127 5.48 18.86 -31.21
N LEU B 128 4.83 17.77 -30.80
CA LEU B 128 4.47 16.73 -31.76
C LEU B 128 3.44 17.25 -32.77
N ARG B 129 2.49 18.07 -32.32
CA ARG B 129 1.56 18.71 -33.24
C ARG B 129 2.30 19.55 -34.28
N PHE B 130 3.26 20.37 -33.83
CA PHE B 130 4.04 21.16 -34.77
C PHE B 130 4.80 20.28 -35.75
N ARG B 131 5.47 19.24 -35.25
CA ARG B 131 6.22 18.34 -36.12
C ARG B 131 5.31 17.61 -37.11
N PHE B 132 4.08 17.31 -36.72
CA PHE B 132 3.11 16.68 -37.61
C PHE B 132 2.62 17.62 -38.69
N SER B 133 2.46 18.91 -38.36
CA SER B 133 1.94 19.86 -39.33
C SER B 133 2.92 20.18 -40.46
N ILE B 134 4.17 19.72 -40.36
CA ILE B 134 5.20 20.17 -41.29
C ILE B 134 5.60 19.05 -42.24
N LEU B 135 5.02 17.86 -42.05
CA LEU B 135 5.25 16.77 -42.99
C LEU B 135 4.66 17.16 -44.34
N PRO B 136 5.38 16.99 -45.46
CA PRO B 136 5.01 17.71 -46.68
C PRO B 136 3.63 17.38 -47.22
N LYS B 137 3.45 16.20 -47.82
CA LYS B 137 2.09 15.66 -47.97
C LYS B 137 2.04 14.13 -47.97
N ASP B 138 3.11 13.47 -48.40
CA ASP B 138 3.02 12.11 -48.90
C ASP B 138 3.89 11.11 -48.15
N LYS B 139 4.72 11.56 -47.21
CA LYS B 139 5.45 10.65 -46.35
C LYS B 139 4.68 10.29 -45.10
N ILE B 140 3.45 10.78 -44.95
CA ILE B 140 2.64 10.50 -43.78
C ILE B 140 2.23 9.03 -43.70
N GLN B 141 1.96 8.41 -44.85
CA GLN B 141 1.43 7.05 -44.85
C GLN B 141 2.43 6.06 -44.26
N ASP B 142 3.69 6.15 -44.68
CA ASP B 142 4.70 5.23 -44.18
C ASP B 142 4.91 5.44 -42.69
N PHE B 143 4.89 6.70 -42.24
CA PHE B 143 5.04 7.01 -40.82
C PHE B 143 3.97 6.32 -39.98
N LEU B 144 2.73 6.31 -40.47
CA LEU B 144 1.65 5.71 -39.71
C LEU B 144 1.89 4.22 -39.46
N LYS B 145 2.50 3.55 -40.45
CA LYS B 145 2.91 2.17 -40.28
C LYS B 145 4.17 2.02 -39.44
N ASP B 146 5.01 3.05 -39.37
CA ASP B 146 6.24 3.00 -38.61
C ASP B 146 6.03 3.28 -37.13
N SER B 147 4.80 3.61 -36.72
CA SER B 147 4.52 3.86 -35.31
C SER B 147 3.53 2.86 -34.73
N GLN B 148 3.30 1.73 -35.39
CA GLN B 148 2.37 0.71 -34.93
C GLN B 148 0.97 1.28 -34.72
N LEU B 149 0.38 1.80 -35.80
CA LEU B 149 -0.95 2.39 -35.72
C LEU B 149 -2.00 1.69 -36.59
N GLN B 150 -1.60 1.03 -37.68
CA GLN B 150 -2.48 0.21 -38.50
C GLN B 150 -3.66 1.02 -39.05
N PHE B 151 -3.30 2.03 -39.84
CA PHE B 151 -4.29 2.83 -40.56
C PHE B 151 -4.17 2.60 -42.06
N GLU B 152 -5.10 3.15 -42.84
CA GLU B 152 -5.13 2.91 -44.28
C GLU B 152 -5.70 4.11 -45.04
N ALA B 153 -5.41 4.18 -46.33
CA ALA B 153 -5.97 5.19 -47.22
C ALA B 153 -6.89 4.52 -48.25
N ILE B 154 -7.61 5.35 -48.98
CA ILE B 154 -8.55 4.89 -50.01
C ILE B 154 -8.17 5.50 -51.34
N SER B 155 -8.36 4.73 -52.41
CA SER B 155 -8.03 5.20 -53.75
C SER B 155 -9.07 6.19 -54.24
N ASP B 156 -8.80 6.77 -55.42
CA ASP B 156 -9.70 7.77 -55.98
C ASP B 156 -11.06 7.19 -56.33
N GLU B 157 -11.09 5.99 -56.90
CA GLU B 157 -12.36 5.37 -57.27
C GLU B 157 -13.21 5.10 -56.04
N GLU B 158 -12.61 4.63 -54.95
CA GLU B 158 -13.36 4.43 -53.72
C GLU B 158 -13.84 5.75 -53.14
N LYS B 159 -13.03 6.80 -53.25
CA LYS B 159 -13.44 8.12 -52.78
C LYS B 159 -14.66 8.62 -53.56
N THR B 160 -14.66 8.42 -54.88
CA THR B 160 -15.80 8.83 -55.69
C THR B 160 -17.03 7.96 -55.41
N LEU B 161 -16.81 6.69 -55.10
CA LEU B 161 -17.94 5.80 -54.81
C LEU B 161 -18.71 6.25 -53.57
N ARG B 162 -18.00 6.66 -52.52
CA ARG B 162 -18.62 7.04 -51.25
C ARG B 162 -18.65 8.54 -51.04
N GLU B 163 -18.49 9.33 -52.11
CA GLU B 163 -18.39 10.78 -51.95
C GLU B 163 -19.64 11.35 -51.27
N GLN B 164 -20.81 11.00 -51.80
CA GLN B 164 -22.06 11.51 -51.22
C GLN B 164 -22.26 11.02 -49.79
N GLU B 165 -21.94 9.74 -49.53
CA GLU B 165 -22.09 9.21 -48.18
C GLU B 165 -21.19 9.94 -47.20
N ILE B 166 -19.93 10.17 -47.56
CA ILE B 166 -19.02 10.86 -46.66
C ILE B 166 -19.45 12.29 -46.43
N VAL B 167 -19.83 13.01 -47.50
CA VAL B 167 -20.20 14.41 -47.31
C VAL B 167 -21.49 14.52 -46.50
N ALA B 168 -22.39 13.55 -46.63
CA ALA B 168 -23.58 13.52 -45.76
C ALA B 168 -23.18 13.24 -44.32
N SER B 169 -22.25 12.32 -44.11
CA SER B 169 -21.81 11.97 -42.76
C SER B 169 -20.88 13.01 -42.16
N SER B 170 -20.54 14.05 -42.90
CA SER B 170 -19.56 15.02 -42.46
C SER B 170 -20.08 15.81 -41.25
N PRO B 171 -19.17 16.36 -40.45
CA PRO B 171 -19.59 17.25 -39.35
C PRO B 171 -20.07 18.59 -39.86
N SER B 172 -20.26 19.55 -38.95
CA SER B 172 -20.81 20.87 -39.30
C SER B 172 -19.93 21.62 -40.29
N LEU B 173 -18.82 21.00 -40.72
CA LEU B 173 -18.00 21.50 -41.82
C LEU B 173 -18.87 21.93 -42.99
N SER B 174 -18.74 23.20 -43.38
CA SER B 174 -19.59 23.76 -44.42
C SER B 174 -19.17 23.26 -45.80
N GLY B 175 -20.15 23.15 -46.68
CA GLY B 175 -19.91 22.81 -48.08
C GLY B 175 -19.91 21.32 -48.34
N LEU B 176 -20.34 20.97 -49.55
CA LEU B 176 -20.33 19.59 -50.02
C LEU B 176 -19.03 19.24 -50.75
N LYS B 177 -18.17 20.23 -51.01
CA LYS B 177 -16.95 20.01 -51.77
C LYS B 177 -15.99 19.08 -51.03
N LEU B 178 -15.83 17.87 -51.54
CA LEU B 178 -14.87 16.92 -50.98
C LEU B 178 -13.49 17.26 -51.54
N GLY B 179 -12.74 18.05 -50.80
CA GLY B 179 -11.46 18.55 -51.25
C GLY B 179 -10.39 17.50 -51.41
N PHE B 180 -9.17 17.93 -51.73
CA PHE B 180 -8.06 17.01 -51.94
C PHE B 180 -7.57 16.37 -50.65
N GLU B 181 -8.04 16.82 -49.49
CA GLU B 181 -7.67 16.19 -48.23
C GLU B 181 -8.10 14.73 -48.23
N SER B 182 -7.15 13.83 -48.00
CA SER B 182 -7.43 12.41 -48.07
C SER B 182 -8.32 11.97 -46.92
N ILE B 183 -9.04 10.87 -47.14
CA ILE B 183 -9.94 10.28 -46.15
C ILE B 183 -9.32 8.98 -45.67
N TYR B 184 -9.21 8.83 -44.35
CA TYR B 184 -8.53 7.70 -43.75
C TYR B 184 -9.52 6.68 -43.22
N LYS B 185 -9.09 5.42 -43.24
CA LYS B 185 -9.92 4.26 -42.90
C LYS B 185 -9.36 3.65 -41.63
N ILE B 186 -10.18 3.55 -40.59
CA ILE B 186 -9.70 3.19 -39.26
C ILE B 186 -10.63 2.14 -38.65
N PRO B 187 -10.13 1.24 -37.80
CA PRO B 187 -11.04 0.41 -37.00
C PRO B 187 -11.94 1.27 -36.13
N PHE B 188 -13.19 0.84 -35.99
CA PHE B 188 -14.20 1.69 -35.35
C PHE B 188 -13.88 1.95 -33.88
N ALA B 189 -13.32 0.97 -33.17
CA ALA B 189 -13.08 1.12 -31.75
C ALA B 189 -12.10 2.26 -31.46
N ASP B 190 -11.25 2.59 -32.44
CA ASP B 190 -10.28 3.66 -32.25
C ASP B 190 -10.87 5.04 -32.50
N ALA B 191 -12.11 5.13 -33.00
CA ALA B 191 -12.74 6.41 -33.30
C ALA B 191 -13.87 6.73 -32.32
N LEU B 192 -13.68 6.34 -31.05
CA LEU B 192 -14.75 6.47 -30.07
C LEU B 192 -15.21 7.91 -29.92
N ASP B 193 -14.28 8.86 -29.95
CA ASP B 193 -14.65 10.26 -29.76
C ASP B 193 -15.45 10.80 -30.93
N LEU B 194 -15.49 10.11 -32.06
CA LEU B 194 -16.16 10.63 -33.25
C LEU B 194 -17.54 10.03 -33.47
N PHE B 195 -17.62 8.70 -33.63
CA PHE B 195 -18.91 8.09 -33.94
C PHE B 195 -19.89 8.19 -32.78
N ARG B 196 -19.41 8.51 -31.58
CA ARG B 196 -20.32 8.78 -30.48
C ARG B 196 -21.18 10.00 -30.77
N GLY B 197 -20.62 11.02 -31.41
CA GLY B 197 -21.35 12.21 -31.77
C GLY B 197 -22.03 12.18 -33.11
N ARG B 198 -22.01 11.05 -33.82
CA ARG B 198 -22.58 10.92 -35.16
C ARG B 198 -21.99 11.97 -36.10
N LYS B 199 -20.65 11.93 -36.23
CA LYS B 199 -19.94 12.89 -37.05
C LYS B 199 -19.06 12.25 -38.11
N VAL B 200 -19.08 10.93 -38.25
CA VAL B 200 -18.29 10.22 -39.24
C VAL B 200 -19.17 9.17 -39.91
N TYR B 201 -18.57 8.45 -40.85
CA TYR B 201 -19.26 7.40 -41.58
C TYR B 201 -18.72 6.03 -41.17
N LEU B 202 -19.63 5.12 -40.82
CA LEU B 202 -19.27 3.78 -40.39
C LEU B 202 -19.79 2.78 -41.42
N GLU B 203 -18.93 1.87 -41.85
CA GLU B 203 -19.30 0.86 -42.82
C GLU B 203 -18.47 -0.39 -42.58
N ASP B 204 -19.15 -1.52 -42.40
CA ASP B 204 -18.51 -2.82 -42.19
C ASP B 204 -17.52 -2.75 -41.03
N GLY B 205 -17.93 -2.10 -39.95
CA GLY B 205 -17.08 -1.97 -38.79
C GLY B 205 -15.85 -1.10 -38.98
N PHE B 206 -15.86 -0.23 -39.98
CA PHE B 206 -14.72 0.63 -40.28
C PHE B 206 -15.19 2.07 -40.38
N ALA B 207 -14.46 2.97 -39.74
CA ALA B 207 -14.77 4.39 -39.73
C ALA B 207 -13.96 5.12 -40.78
N TYR B 208 -14.59 6.10 -41.42
CA TYR B 208 -13.95 6.95 -42.41
C TYR B 208 -13.84 8.36 -41.83
N VAL B 209 -12.64 8.92 -41.82
CA VAL B 209 -12.40 10.19 -41.17
C VAL B 209 -11.69 11.16 -42.10
N PRO B 210 -11.91 12.47 -41.98
CA PRO B 210 -11.09 13.44 -42.72
C PRO B 210 -9.71 13.56 -42.10
N LEU B 211 -8.79 14.12 -42.88
CA LEU B 211 -7.41 14.26 -42.43
C LEU B 211 -7.28 15.24 -41.28
N LYS B 212 -8.22 16.18 -41.16
CA LYS B 212 -8.15 17.18 -40.09
C LYS B 212 -8.30 16.53 -38.71
N ASP B 213 -9.18 15.54 -38.59
CA ASP B 213 -9.50 14.99 -37.29
C ASP B 213 -8.55 13.87 -36.85
N ILE B 214 -7.69 13.37 -37.75
CA ILE B 214 -6.77 12.31 -37.36
C ILE B 214 -5.73 12.80 -36.38
N VAL B 215 -5.43 14.11 -36.38
CA VAL B 215 -4.47 14.66 -35.44
C VAL B 215 -4.95 14.45 -34.01
N ALA B 216 -6.24 14.67 -33.76
CA ALA B 216 -6.78 14.52 -32.43
C ALA B 216 -6.62 13.10 -31.92
N ILE B 217 -6.94 12.10 -32.75
CA ILE B 217 -6.83 10.72 -32.29
C ILE B 217 -5.37 10.32 -32.11
N ILE B 218 -4.48 10.79 -32.99
CA ILE B 218 -3.06 10.46 -32.83
C ILE B 218 -2.53 11.02 -31.51
N LEU B 219 -2.84 12.29 -31.21
CA LEU B 219 -2.37 12.87 -29.95
C LEU B 219 -3.02 12.20 -28.75
N ASN B 220 -4.31 11.85 -28.85
CA ASN B 220 -4.99 11.22 -27.73
C ASN B 220 -4.40 9.85 -27.43
N GLU B 221 -4.04 9.10 -28.47
CA GLU B 221 -3.41 7.81 -28.25
C GLU B 221 -1.96 7.93 -27.80
N PHE B 222 -1.26 8.98 -28.21
CA PHE B 222 0.09 9.22 -27.71
C PHE B 222 0.09 9.58 -26.23
N ARG B 223 -0.92 10.33 -25.79
CA ARG B 223 -0.96 10.81 -24.41
C ARG B 223 -1.01 9.67 -23.41
N ALA B 224 -1.85 8.67 -23.67
CA ALA B 224 -1.99 7.55 -22.73
C ALA B 224 -0.68 6.79 -22.60
N LYS B 225 0.00 6.51 -23.72
CA LYS B 225 1.26 5.80 -23.66
C LYS B 225 2.32 6.62 -22.95
N LEU B 226 2.35 7.93 -23.19
CA LEU B 226 3.31 8.79 -22.51
C LEU B 226 3.09 8.79 -21.00
N SER B 227 1.82 8.89 -20.58
CA SER B 227 1.52 8.87 -19.15
C SER B 227 1.87 7.53 -18.52
N LYS B 228 1.58 6.43 -19.22
CA LYS B 228 1.91 5.11 -18.69
C LYS B 228 3.42 4.95 -18.55
N ALA B 229 4.18 5.41 -19.55
CA ALA B 229 5.64 5.34 -19.46
C ALA B 229 6.16 6.19 -18.31
N LEU B 230 5.60 7.39 -18.12
CA LEU B 230 6.04 8.24 -17.02
C LEU B 230 5.76 7.59 -15.67
N ALA B 231 4.58 7.00 -15.51
CA ALA B 231 4.26 6.34 -14.25
C ALA B 231 5.18 5.15 -13.99
N LEU B 232 5.39 4.31 -15.01
CA LEU B 232 6.23 3.14 -14.81
C LEU B 232 7.68 3.52 -14.57
N THR B 233 8.09 4.70 -14.96
CA THR B 233 9.48 5.09 -14.67
C THR B 233 9.61 5.60 -13.25
N ALA B 234 8.63 6.31 -12.74
CA ALA B 234 8.73 6.92 -11.39
C ALA B 234 8.93 5.87 -10.29
N ARG B 235 8.20 4.77 -10.35
CA ARG B 235 8.25 3.74 -9.29
C ARG B 235 9.52 2.90 -9.36
N SER B 236 10.19 2.89 -10.49
CA SER B 236 11.46 2.17 -10.58
C SER B 236 12.55 3.23 -10.68
N LEU B 237 12.38 4.34 -10.01
CA LEU B 237 13.42 5.40 -10.13
C LEU B 237 14.27 5.45 -8.87
N PRO B 238 13.89 4.83 -7.74
CA PRO B 238 14.74 4.85 -6.58
C PRO B 238 16.04 4.12 -6.95
N ALA B 239 15.96 3.01 -7.67
CA ALA B 239 17.18 2.31 -8.11
C ALA B 239 18.12 3.26 -8.85
N VAL B 240 17.63 4.31 -9.53
CA VAL B 240 18.59 5.12 -10.26
C VAL B 240 19.23 6.21 -9.40
N GLN B 241 18.60 6.59 -8.29
CA GLN B 241 19.18 7.60 -7.40
C GLN B 241 20.45 7.11 -6.71
N SER B 242 20.72 5.80 -6.74
CA SER B 242 21.91 5.28 -6.08
C SER B 242 23.18 5.82 -6.73
N ASP B 243 23.11 6.15 -8.01
CA ASP B 243 24.27 6.72 -8.69
C ASP B 243 24.52 8.13 -8.16
N GLU B 244 25.76 8.39 -7.76
CA GLU B 244 26.09 9.69 -7.14
C GLU B 244 26.35 10.76 -8.18
N ARG B 245 26.56 10.37 -9.45
CA ARG B 245 26.86 11.35 -10.49
C ARG B 245 25.62 12.00 -11.09
N LEU B 246 24.43 11.48 -10.81
CA LEU B 246 23.21 11.96 -11.43
C LEU B 246 22.30 12.72 -10.47
N GLN B 247 22.72 12.91 -9.23
CA GLN B 247 21.91 13.61 -8.24
C GLN B 247 21.65 15.07 -8.62
N PRO B 248 22.66 15.85 -9.06
CA PRO B 248 22.36 17.24 -9.47
C PRO B 248 21.34 17.35 -10.58
N LEU B 249 21.32 16.42 -11.54
CA LEU B 249 20.38 16.50 -12.65
C LEU B 249 18.94 16.24 -12.22
N LEU B 250 18.73 15.24 -11.38
CA LEU B 250 17.38 14.86 -11.00
C LEU B 250 16.73 15.87 -10.04
N ASN B 251 17.51 16.78 -9.47
CA ASN B 251 16.98 17.71 -8.48
C ASN B 251 17.14 19.18 -8.86
N HIS B 252 17.86 19.50 -9.94
CA HIS B 252 18.08 20.88 -10.29
C HIS B 252 17.68 21.18 -11.74
N LEU B 253 16.53 20.66 -12.17
CA LEU B 253 15.97 21.00 -13.47
C LEU B 253 14.73 21.87 -13.30
N SER B 254 14.50 22.32 -12.06
CA SER B 254 13.51 23.35 -11.77
C SER B 254 14.10 24.29 -10.73
N HIS B 255 15.42 24.37 -10.69
CA HIS B 255 16.12 25.10 -9.63
C HIS B 255 16.16 26.59 -9.91
N SER B 256 16.81 26.99 -10.99
CA SER B 256 16.95 28.40 -11.34
C SER B 256 17.20 28.58 -12.83
N LYS B 270 10.96 49.92 -0.65
CA LYS B 270 12.08 50.32 -1.52
C LYS B 270 12.88 49.11 -1.98
N ILE B 271 13.20 48.23 -1.04
CA ILE B 271 13.98 47.03 -1.36
C ILE B 271 13.10 46.04 -2.11
N SER B 272 13.64 45.46 -3.17
CA SER B 272 12.93 44.55 -4.05
C SER B 272 13.39 43.12 -3.84
N LEU B 273 12.90 42.22 -4.70
CA LEU B 273 13.19 40.81 -4.55
C LEU B 273 14.43 40.39 -5.33
N ASP B 274 14.75 41.11 -6.41
CA ASP B 274 15.73 40.64 -7.38
C ASP B 274 17.16 41.08 -7.07
N GLN B 275 17.47 41.43 -5.82
CA GLN B 275 18.84 41.72 -5.45
C GLN B 275 19.24 41.15 -4.09
N ILE B 276 18.33 40.46 -3.38
CA ILE B 276 18.64 39.96 -2.05
C ILE B 276 19.87 39.07 -2.06
N ASP B 277 19.99 38.21 -3.08
CA ASP B 277 21.16 37.34 -3.19
C ASP B 277 22.45 38.16 -3.14
N LEU B 278 22.48 39.28 -3.87
CA LEU B 278 23.67 40.12 -3.85
C LEU B 278 23.95 40.61 -2.43
N LEU B 279 22.91 41.05 -1.72
CA LEU B 279 23.09 41.50 -0.35
C LEU B 279 23.67 40.40 0.52
N SER B 280 23.35 39.14 0.21
CA SER B 280 23.89 38.02 0.98
C SER B 280 25.42 38.05 0.99
N THR B 281 26.01 38.44 -0.14
CA THR B 281 27.46 38.53 -0.20
C THR B 281 27.99 39.84 0.39
N LYS B 282 27.15 40.88 0.42
CA LYS B 282 27.67 42.21 0.66
C LYS B 282 27.43 42.70 2.10
N SER B 283 26.19 42.70 2.56
CA SER B 283 25.83 43.39 3.79
C SER B 283 25.43 42.48 4.94
N PHE B 284 24.95 41.27 4.66
CA PHE B 284 24.47 40.40 5.73
C PHE B 284 25.62 39.99 6.65
N PRO B 285 25.34 39.78 7.93
CA PRO B 285 26.33 39.17 8.82
C PRO B 285 26.51 37.70 8.50
N PRO B 286 27.57 37.06 9.00
CA PRO B 286 27.81 35.65 8.65
C PRO B 286 26.66 34.71 9.01
N CYS B 287 25.97 34.95 10.13
CA CYS B 287 24.87 34.08 10.52
C CYS B 287 23.74 34.12 9.49
N MET B 288 23.28 35.34 9.16
CA MET B 288 22.16 35.45 8.24
C MET B 288 22.57 35.08 6.81
N ARG B 289 23.82 35.33 6.45
CA ARG B 289 24.33 34.85 5.17
C ARG B 289 24.32 33.33 5.11
N GLN B 290 24.70 32.68 6.20
CA GLN B 290 24.64 31.22 6.26
C GLN B 290 23.20 30.74 6.10
N LEU B 291 22.25 31.41 6.76
CA LEU B 291 20.85 31.03 6.62
C LEU B 291 20.36 31.20 5.20
N HIS B 292 20.74 32.30 4.55
CA HIS B 292 20.33 32.52 3.17
C HIS B 292 20.93 31.47 2.23
N LYS B 293 22.20 31.11 2.45
CA LYS B 293 22.81 30.05 1.65
C LYS B 293 22.08 28.73 1.85
N ALA B 294 21.71 28.42 3.09
CA ALA B 294 20.96 27.20 3.36
C ALA B 294 19.63 27.20 2.62
N LEU B 295 18.91 28.32 2.65
CA LEU B 295 17.63 28.39 1.95
C LEU B 295 17.81 28.27 0.45
N ARG B 296 18.85 28.90 -0.09
CA ARG B 296 19.11 28.83 -1.53
C ARG B 296 19.42 27.40 -1.96
N GLU B 297 20.20 26.67 -1.15
CA GLU B 297 20.65 25.34 -1.56
C GLU B 297 19.64 24.25 -1.25
N ASN B 298 19.25 24.09 0.01
CA ASN B 298 18.42 22.98 0.43
C ASN B 298 16.94 23.18 0.17
N HIS B 299 16.50 24.40 -0.16
CA HIS B 299 15.09 24.71 -0.41
C HIS B 299 14.21 24.35 0.77
N HIS B 300 14.71 24.58 1.99
CA HIS B 300 13.97 24.32 3.21
C HIS B 300 14.78 24.83 4.39
N LEU B 301 14.10 25.08 5.50
CA LEU B 301 14.76 25.50 6.73
C LEU B 301 13.97 24.99 7.92
N ARG B 302 14.67 24.82 9.04
CA ARG B 302 14.03 24.40 10.27
C ARG B 302 13.37 25.60 10.94
N HIS B 303 12.76 25.36 12.10
CA HIS B 303 11.91 26.38 12.72
C HIS B 303 12.73 27.57 13.22
N GLY B 304 13.85 27.29 13.90
CA GLY B 304 14.64 28.37 14.45
C GLY B 304 15.19 29.29 13.36
N GLY B 305 15.76 28.70 12.31
CA GLY B 305 16.23 29.49 11.19
C GLY B 305 15.10 30.25 10.52
N ARG B 306 13.94 29.61 10.38
CA ARG B 306 12.78 30.28 9.80
C ARG B 306 12.44 31.54 10.58
N MET B 307 12.29 31.42 11.90
CA MET B 307 11.92 32.57 12.72
C MET B 307 12.98 33.66 12.64
N GLN B 308 14.25 33.28 12.81
CA GLN B 308 15.33 34.25 12.85
C GLN B 308 15.44 35.01 11.53
N TYR B 309 15.51 34.28 10.43
CA TYR B 309 15.66 34.92 9.12
C TYR B 309 14.43 35.74 8.77
N GLY B 310 13.23 35.24 9.08
CA GLY B 310 12.04 36.00 8.78
C GLY B 310 11.97 37.30 9.53
N LEU B 311 12.33 37.29 10.82
CA LEU B 311 12.28 38.52 11.58
C LEU B 311 13.34 39.50 11.11
N PHE B 312 14.54 39.02 10.76
CA PHE B 312 15.56 39.92 10.24
C PHE B 312 15.08 40.52 8.92
N LEU B 313 14.50 39.69 8.06
CA LEU B 313 14.03 40.11 6.74
C LEU B 313 12.89 41.13 6.86
N LYS B 314 12.05 41.00 7.89
CA LYS B 314 11.14 42.09 8.23
C LYS B 314 11.92 43.33 8.64
N GLY B 315 12.99 43.14 9.41
CA GLY B 315 13.76 44.27 9.90
C GLY B 315 14.33 45.13 8.79
N ILE B 316 14.80 44.50 7.71
CA ILE B 316 15.39 45.30 6.64
C ILE B 316 14.34 46.14 5.91
N GLY B 317 13.08 45.74 5.93
CA GLY B 317 12.04 46.60 5.37
C GLY B 317 10.97 45.95 4.51
N LEU B 318 11.01 44.63 4.35
CA LEU B 318 10.01 43.98 3.52
C LEU B 318 8.62 44.06 4.14
N THR B 319 7.58 44.01 3.30
CA THR B 319 6.20 43.98 3.74
C THR B 319 5.68 42.55 3.67
N LEU B 320 4.38 42.39 3.89
CA LEU B 320 3.80 41.06 3.98
C LEU B 320 3.72 40.37 2.62
N GLU B 321 3.33 41.12 1.59
CA GLU B 321 3.08 40.52 0.28
C GLU B 321 4.35 39.89 -0.29
N GLN B 322 5.44 40.65 -0.34
CA GLN B 322 6.68 40.10 -0.88
C GLN B 322 7.32 39.08 0.04
N ALA B 323 7.06 39.15 1.35
CA ALA B 323 7.54 38.09 2.24
C ALA B 323 6.86 36.76 1.92
N LEU B 324 5.54 36.79 1.73
CA LEU B 324 4.83 35.58 1.33
C LEU B 324 5.32 35.10 -0.03
N GLN B 325 5.52 36.03 -0.97
CA GLN B 325 6.06 35.68 -2.28
C GLN B 325 7.40 34.96 -2.14
N PHE B 326 8.30 35.52 -1.33
CA PHE B 326 9.64 34.95 -1.16
C PHE B 326 9.57 33.56 -0.56
N TRP B 327 8.82 33.40 0.53
CA TRP B 327 8.77 32.08 1.18
C TRP B 327 8.12 31.04 0.28
N LYS B 328 7.02 31.40 -0.39
CA LYS B 328 6.38 30.41 -1.25
C LYS B 328 7.26 30.06 -2.45
N GLN B 329 7.96 31.04 -3.01
CA GLN B 329 8.86 30.73 -4.12
C GLN B 329 10.00 29.83 -3.68
N GLU B 330 10.53 30.05 -2.48
CA GLU B 330 11.60 29.22 -1.98
C GLU B 330 11.13 27.83 -1.56
N PHE B 331 9.85 27.65 -1.26
CA PHE B 331 9.38 26.32 -0.87
C PHE B 331 8.82 25.52 -2.04
N ILE B 332 8.28 26.17 -3.08
CA ILE B 332 7.80 25.42 -4.24
C ILE B 332 8.95 24.70 -4.93
N LYS B 333 10.13 25.31 -4.94
CA LYS B 333 11.30 24.65 -5.54
C LYS B 333 11.68 23.38 -4.81
N GLY B 334 11.16 23.17 -3.61
CA GLY B 334 11.29 21.91 -2.89
C GLY B 334 10.32 20.84 -3.35
N LYS B 335 9.66 21.06 -4.48
CA LYS B 335 8.76 20.08 -5.10
C LYS B 335 7.52 19.82 -4.24
N MET B 336 7.02 20.87 -3.59
CA MET B 336 5.76 20.80 -2.85
C MET B 336 4.76 21.78 -3.46
N ASP B 337 3.51 21.35 -3.53
CA ASP B 337 2.46 22.16 -4.15
C ASP B 337 2.06 23.30 -3.22
N PRO B 338 1.50 24.38 -3.78
CA PRO B 338 1.19 25.57 -2.96
C PRO B 338 0.16 25.31 -1.86
N ASP B 339 -0.69 24.30 -1.99
CA ASP B 339 -1.69 24.05 -0.95
C ASP B 339 -1.02 23.73 0.39
N LYS B 340 -0.01 22.88 0.36
CA LYS B 340 0.68 22.50 1.59
C LYS B 340 1.31 23.71 2.26
N PHE B 341 2.00 24.55 1.48
CA PHE B 341 2.61 25.76 2.03
C PHE B 341 1.55 26.70 2.60
N ASP B 342 0.46 26.89 1.87
CA ASP B 342 -0.55 27.86 2.28
C ASP B 342 -1.20 27.44 3.59
N LYS B 343 -1.50 26.15 3.76
CA LYS B 343 -2.15 25.75 5.00
C LYS B 343 -1.15 25.39 6.10
N GLY B 344 0.14 25.30 5.78
CA GLY B 344 1.11 25.03 6.81
C GLY B 344 1.87 26.22 7.38
N TYR B 345 2.44 27.04 6.51
CA TYR B 345 3.39 28.07 6.96
C TYR B 345 2.86 29.48 6.82
N SER B 346 1.81 29.69 6.03
CA SER B 346 1.32 31.04 5.80
C SER B 346 0.83 31.68 7.09
N TYR B 347 0.21 30.90 7.97
CA TYR B 347 -0.27 31.45 9.23
C TYR B 347 0.87 31.99 10.07
N ASN B 348 1.95 31.20 10.22
CA ASN B 348 3.08 31.66 11.00
C ASN B 348 3.75 32.86 10.36
N ILE B 349 3.88 32.85 9.03
CA ILE B 349 4.53 33.98 8.36
C ILE B 349 3.72 35.25 8.56
N ARG B 350 2.39 35.17 8.44
CA ARG B 350 1.55 36.33 8.67
C ARG B 350 1.62 36.78 10.13
N HIS B 351 1.62 35.83 11.07
CA HIS B 351 1.66 36.19 12.48
C HIS B 351 2.98 36.85 12.85
N SER B 352 4.06 36.50 12.16
CA SER B 352 5.35 37.12 12.44
C SER B 352 5.29 38.64 12.29
N PHE B 353 4.49 39.13 11.33
CA PHE B 353 4.38 40.57 11.12
C PHE B 353 3.30 41.21 11.99
N GLY B 354 2.47 40.42 12.67
CA GLY B 354 1.46 40.97 13.54
C GLY B 354 0.14 41.25 12.82
N LYS B 355 -0.38 40.25 12.10
CA LYS B 355 -1.64 40.39 11.39
C LYS B 355 -2.66 39.33 11.81
N GLU B 356 -2.40 38.63 12.92
CA GLU B 356 -3.33 37.64 13.43
C GLU B 356 -2.97 37.34 14.88
N GLY B 357 -4.00 37.20 15.70
CA GLY B 357 -3.80 37.03 17.14
C GLY B 357 -4.03 38.34 17.86
N LYS B 358 -3.12 38.68 18.77
CA LYS B 358 -3.19 39.98 19.42
C LYS B 358 -2.79 41.12 18.49
N ARG B 359 -2.30 40.81 17.29
CA ARG B 359 -1.79 41.81 16.34
C ARG B 359 -0.64 42.60 16.97
N THR B 360 0.42 41.86 17.29
CA THR B 360 1.63 42.42 17.89
C THR B 360 2.78 42.28 16.92
N ASP B 361 3.46 43.40 16.64
CA ASP B 361 4.61 43.42 15.75
C ASP B 361 5.89 43.23 16.56
N TYR B 362 6.75 42.35 16.09
CA TYR B 362 7.93 41.93 16.84
C TYR B 362 9.19 42.58 16.28
N THR B 363 10.17 42.74 17.16
CA THR B 363 11.53 43.24 16.92
C THR B 363 12.45 42.07 16.58
N PRO B 364 13.33 42.23 15.59
CA PRO B 364 14.25 41.14 15.24
C PRO B 364 15.12 40.75 16.42
N PHE B 365 15.50 39.47 16.44
CA PHE B 365 16.25 38.92 17.57
C PHE B 365 17.50 39.73 17.87
N SER B 366 17.72 40.02 19.14
CA SER B 366 18.96 40.64 19.57
C SER B 366 20.08 39.61 19.52
N CYS B 367 21.30 40.10 19.30
CA CYS B 367 22.44 39.21 19.08
C CYS B 367 22.73 38.34 20.31
N LEU B 368 22.40 38.84 21.50
CA LEU B 368 22.64 38.08 22.73
C LEU B 368 21.81 36.80 22.74
N LYS B 369 20.53 36.88 22.36
CA LYS B 369 19.70 35.68 22.33
C LYS B 369 20.13 34.74 21.22
N ILE B 370 20.63 35.27 20.10
CA ILE B 370 21.19 34.40 19.07
C ILE B 370 22.38 33.64 19.62
N ILE B 371 23.21 34.30 20.44
CA ILE B 371 24.38 33.64 21.00
C ILE B 371 23.97 32.59 22.03
N LEU B 372 23.01 32.92 22.89
CA LEU B 372 22.77 32.13 24.10
C LEU B 372 21.54 31.22 24.03
N SER B 373 20.54 31.54 23.21
CA SER B 373 19.28 30.84 23.25
C SER B 373 19.15 29.88 22.07
N ASN B 374 18.47 28.76 22.32
CA ASN B 374 18.15 27.73 21.34
C ASN B 374 19.40 27.25 20.61
N PRO B 375 20.25 26.47 21.27
CA PRO B 375 21.46 25.94 20.61
C PRO B 375 21.10 25.08 19.42
N PRO B 376 21.88 25.14 18.35
CA PRO B 376 21.58 24.35 17.15
C PRO B 376 21.94 22.88 17.34
N SER B 377 21.38 22.05 16.45
CA SER B 377 21.63 20.62 16.46
C SER B 377 21.85 20.11 15.05
N GLN B 378 21.87 18.79 14.89
CA GLN B 378 22.06 18.20 13.56
C GLN B 378 20.85 18.51 12.68
N GLY B 379 21.12 18.92 11.45
CA GLY B 379 20.09 19.33 10.52
C GLY B 379 19.68 20.79 10.63
N ASP B 380 20.18 21.51 11.63
CA ASP B 380 19.87 22.92 11.82
C ASP B 380 21.06 23.77 11.41
N TYR B 381 20.76 24.94 10.84
CA TYR B 381 21.80 25.87 10.42
C TYR B 381 21.74 27.21 11.13
N HIS B 382 20.86 27.38 12.11
CA HIS B 382 20.75 28.64 12.81
C HIS B 382 21.83 28.75 13.88
N GLY B 383 21.86 29.89 14.57
CA GLY B 383 22.85 30.15 15.59
C GLY B 383 23.97 31.06 15.11
N CYS B 384 24.86 31.39 16.04
CA CYS B 384 25.98 32.27 15.74
C CYS B 384 27.18 31.45 15.28
N PRO B 385 27.66 31.65 14.04
CA PRO B 385 28.83 30.88 13.59
C PRO B 385 30.06 31.12 14.43
N PHE B 386 30.25 32.33 14.97
CA PHE B 386 31.44 32.62 15.75
C PHE B 386 31.47 31.89 17.09
N ARG B 387 30.35 31.31 17.52
CA ARG B 387 30.29 30.60 18.80
C ARG B 387 29.99 29.12 18.63
N HIS B 388 28.93 28.77 17.90
CA HIS B 388 28.52 27.37 17.81
C HIS B 388 29.41 26.55 16.90
N SER B 389 30.02 27.17 15.89
CA SER B 389 30.88 26.47 14.95
C SER B 389 32.27 26.30 15.53
N ASP B 390 32.81 25.08 15.44
CA ASP B 390 34.16 24.82 15.94
C ASP B 390 35.19 25.54 15.08
N PRO B 391 36.36 25.85 15.64
CA PRO B 391 37.41 26.49 14.83
C PRO B 391 37.81 25.66 13.62
N GLU B 392 37.79 24.33 13.73
CA GLU B 392 38.13 23.47 12.60
C GLU B 392 37.15 23.59 11.45
N LEU B 393 35.99 24.21 11.66
CA LEU B 393 35.08 24.60 10.60
C LEU B 393 35.02 26.10 10.37
N LEU B 394 35.18 26.88 11.45
CA LEU B 394 35.14 28.34 11.33
C LEU B 394 36.30 28.84 10.48
N LYS B 395 37.43 28.13 10.47
CA LYS B 395 38.56 28.54 9.66
C LYS B 395 38.20 28.56 8.17
N GLN B 396 37.65 27.45 7.66
CA GLN B 396 37.24 27.44 6.26
C GLN B 396 35.99 28.28 6.02
N LYS B 397 35.16 28.49 7.04
CA LYS B 397 34.05 29.43 6.89
C LYS B 397 34.57 30.84 6.59
N LEU B 398 35.60 31.28 7.31
CA LEU B 398 36.25 32.54 6.98
C LEU B 398 36.95 32.48 5.63
N GLN B 399 37.60 31.34 5.33
CA GLN B 399 38.37 31.24 4.09
C GLN B 399 37.48 31.36 2.86
N SER B 400 36.30 30.74 2.88
CA SER B 400 35.40 30.79 1.74
C SER B 400 34.85 32.19 1.49
N TYR B 401 35.01 33.10 2.44
CA TYR B 401 34.51 34.47 2.30
C TYR B 401 35.63 35.48 2.04
N LYS B 402 36.77 35.02 1.53
CA LYS B 402 37.87 35.88 1.09
C LYS B 402 38.37 36.80 2.22
N ILE B 403 38.53 36.18 3.38
CA ILE B 403 39.03 36.87 4.58
C ILE B 403 40.53 36.64 4.67
N SER B 404 41.27 37.72 4.92
CA SER B 404 42.73 37.65 4.93
C SER B 404 43.21 36.74 6.05
N PRO B 405 44.33 36.01 5.83
CA PRO B 405 44.81 35.08 6.87
C PRO B 405 45.16 35.77 8.18
N GLY B 406 45.69 36.99 8.14
CA GLY B 406 45.93 37.72 9.37
C GLY B 406 44.65 38.06 10.10
N GLY B 407 43.64 38.52 9.36
CA GLY B 407 42.33 38.72 9.95
C GLY B 407 41.73 37.44 10.46
N ILE B 408 41.99 36.33 9.77
CA ILE B 408 41.50 35.02 10.22
C ILE B 408 42.12 34.67 11.58
N SER B 409 43.44 34.88 11.70
CA SER B 409 44.11 34.58 12.97
C SER B 409 43.61 35.49 14.09
N GLN B 410 43.40 36.77 13.78
CA GLN B 410 42.91 37.69 14.80
C GLN B 410 41.49 37.31 15.23
N ILE B 411 40.63 36.94 14.28
CA ILE B 411 39.27 36.53 14.61
C ILE B 411 39.28 35.25 15.44
N LEU B 412 40.15 34.30 15.10
CA LEU B 412 40.24 33.07 15.88
C LEU B 412 40.72 33.37 17.30
N ASP B 413 41.68 34.27 17.45
CA ASP B 413 42.15 34.65 18.78
C ASP B 413 41.02 35.30 19.59
N LEU B 414 40.26 36.19 18.95
CA LEU B 414 39.14 36.84 19.63
C LEU B 414 38.08 35.82 20.04
N VAL B 415 37.79 34.86 19.16
CA VAL B 415 36.81 33.83 19.48
C VAL B 415 37.28 32.97 20.66
N LYS B 416 38.57 32.62 20.66
CA LYS B 416 39.11 31.85 21.78
C LYS B 416 38.99 32.62 23.10
N GLY B 417 38.99 33.95 23.03
CA GLY B 417 38.82 34.79 24.19
C GLY B 417 37.38 35.10 24.55
N THR B 418 36.41 34.46 23.89
CA THR B 418 34.98 34.65 24.12
C THR B 418 34.53 36.09 23.88
N HIS B 419 35.24 36.81 23.01
CA HIS B 419 34.85 38.16 22.61
C HIS B 419 34.25 38.09 21.21
N TYR B 420 32.93 37.89 21.16
CA TYR B 420 32.26 37.60 19.90
C TYR B 420 31.91 38.89 19.14
N GLN B 421 31.34 39.87 19.85
CA GLN B 421 30.85 41.07 19.18
C GLN B 421 31.99 41.86 18.53
N VAL B 422 33.13 41.98 19.22
CA VAL B 422 34.26 42.67 18.63
C VAL B 422 34.80 41.90 17.43
N ALA B 423 34.74 40.57 17.48
CA ALA B 423 35.16 39.78 16.31
C ALA B 423 34.25 40.02 15.12
N CYS B 424 32.93 40.10 15.37
CA CYS B 424 32.00 40.39 14.29
C CYS B 424 32.23 41.80 13.73
N GLN B 425 32.55 42.74 14.62
CA GLN B 425 32.90 44.09 14.20
C GLN B 425 34.16 44.09 13.32
N LYS B 426 35.17 43.30 13.72
CA LYS B 426 36.38 43.19 12.93
C LYS B 426 36.09 42.58 11.56
N TYR B 427 35.21 41.58 11.52
CA TYR B 427 34.75 41.04 10.24
C TYR B 427 34.13 42.12 9.38
N PHE B 428 33.27 42.96 9.99
CA PHE B 428 32.65 44.05 9.24
C PHE B 428 33.70 45.01 8.68
N GLU B 429 34.68 45.37 9.50
CA GLU B 429 35.72 46.28 9.04
C GLU B 429 36.54 45.67 7.90
N MET B 430 36.90 44.39 8.02
CA MET B 430 37.69 43.75 6.98
C MET B 430 36.91 43.64 5.67
N ILE B 431 35.63 43.28 5.73
CA ILE B 431 34.85 43.18 4.50
C ILE B 431 34.41 44.55 3.98
N HIS B 432 34.53 45.59 4.78
CA HIS B 432 34.16 46.93 4.35
C HIS B 432 35.37 47.82 4.03
N ASN B 433 36.59 47.34 4.28
CA ASN B 433 37.82 48.07 3.97
C ASN B 433 37.85 49.42 4.67
N VAL B 434 37.60 49.41 5.98
CA VAL B 434 37.71 50.60 6.82
C VAL B 434 38.50 50.24 8.07
N ASP B 435 39.18 51.24 8.62
CA ASP B 435 39.98 51.01 9.82
C ASP B 435 39.09 50.78 11.04
N ASP B 436 38.08 51.62 11.22
CA ASP B 436 37.13 51.50 12.32
C ASP B 436 35.72 51.69 11.81
N CYS B 437 34.80 50.88 12.33
CA CYS B 437 33.40 50.98 11.90
C CYS B 437 32.74 52.25 12.45
N GLY B 438 32.98 52.56 13.72
CA GLY B 438 32.39 53.74 14.32
C GLY B 438 31.11 53.50 15.08
N PHE B 439 30.85 52.27 15.52
CA PHE B 439 29.62 51.97 16.25
C PHE B 439 29.85 50.72 17.09
N SER B 440 28.97 50.52 18.07
CA SER B 440 28.95 49.31 18.89
C SER B 440 27.82 48.42 18.40
N LEU B 441 28.14 47.17 18.07
CA LEU B 441 27.19 46.26 17.46
C LEU B 441 26.53 45.38 18.51
N ASN B 442 25.19 45.36 18.49
CA ASN B 442 24.43 44.46 19.35
C ASN B 442 23.21 43.87 18.63
N HIS B 443 23.03 44.13 17.34
CA HIS B 443 21.83 43.72 16.63
C HIS B 443 22.15 43.61 15.14
N PRO B 444 21.85 42.47 14.50
CA PRO B 444 22.15 42.34 13.07
C PRO B 444 21.47 43.37 12.20
N ASN B 445 20.29 43.87 12.59
CA ASN B 445 19.67 44.95 11.83
C ASN B 445 20.50 46.21 11.90
N GLN B 446 21.13 46.48 13.04
CA GLN B 446 22.09 47.58 13.14
C GLN B 446 23.26 47.36 12.20
N PHE B 447 23.77 46.12 12.13
CA PHE B 447 24.81 45.78 11.18
C PHE B 447 24.41 46.15 9.76
N PHE B 448 23.21 45.72 9.34
CA PHE B 448 22.77 45.97 7.97
C PHE B 448 22.57 47.46 7.72
N CYS B 449 21.98 48.17 8.67
CA CYS B 449 21.74 49.60 8.47
C CYS B 449 23.05 50.36 8.38
N GLU B 450 24.02 50.05 9.24
CA GLU B 450 25.31 50.71 9.17
C GLU B 450 26.03 50.40 7.86
N SER B 451 25.95 49.15 7.41
CA SER B 451 26.59 48.78 6.15
C SER B 451 25.98 49.54 4.98
N GLN B 452 24.63 49.60 4.94
CA GLN B 452 23.96 50.32 3.87
C GLN B 452 24.15 51.83 3.96
N ARG B 453 24.49 52.34 5.15
CA ARG B 453 24.74 53.77 5.30
C ARG B 453 25.93 54.21 4.44
N ILE B 454 26.98 53.39 4.40
CA ILE B 454 28.17 53.74 3.63
C ILE B 454 28.11 53.17 2.22
N LEU B 455 27.60 51.95 2.05
CA LEU B 455 27.53 51.36 0.72
C LEU B 455 26.61 52.16 -0.20
N ASN B 456 25.46 52.60 0.32
CA ASN B 456 24.52 53.37 -0.48
C ASN B 456 24.35 54.78 0.10
N GLU C 338 -57.43 -17.16 59.54
CA GLU C 338 -57.02 -15.96 58.83
C GLU C 338 -57.01 -16.19 57.32
N GLN C 339 -56.15 -15.46 56.61
CA GLN C 339 -56.04 -15.59 55.17
C GLN C 339 -54.67 -15.09 54.72
N VAL C 340 -54.00 -15.87 53.90
CA VAL C 340 -52.66 -15.54 53.40
C VAL C 340 -52.48 -16.21 52.05
N PHE C 341 -51.79 -15.53 51.13
CA PHE C 341 -51.55 -16.08 49.80
C PHE C 341 -50.15 -15.72 49.33
N HIS C 342 -49.69 -16.51 48.36
CA HIS C 342 -48.37 -16.33 47.77
C HIS C 342 -48.44 -15.44 46.54
N PHE C 343 -47.34 -14.75 46.27
CA PHE C 343 -47.27 -13.76 45.21
C PHE C 343 -45.85 -13.78 44.65
N TYR C 344 -45.69 -13.40 43.38
CA TYR C 344 -44.36 -13.30 42.78
C TYR C 344 -44.25 -11.91 42.15
N TRP C 345 -43.52 -11.01 42.80
CA TRP C 345 -43.45 -9.62 42.38
C TRP C 345 -42.33 -9.42 41.37
N LEU C 346 -42.54 -8.47 40.45
CA LEU C 346 -41.58 -8.21 39.39
C LEU C 346 -41.25 -6.73 39.26
N ASP C 347 -42.16 -5.86 39.69
CA ASP C 347 -41.97 -4.42 39.53
C ASP C 347 -42.63 -3.69 40.68
N ALA C 348 -42.25 -2.41 40.84
CA ALA C 348 -42.79 -1.58 41.90
C ALA C 348 -42.93 -0.15 41.37
N TYR C 349 -43.76 0.64 42.05
CA TYR C 349 -44.02 2.00 41.62
C TYR C 349 -44.47 2.83 42.81
N GLU C 350 -44.14 4.12 42.76
CA GLU C 350 -44.57 5.07 43.79
C GLU C 350 -44.80 6.43 43.16
N ASP C 351 -45.66 7.22 43.79
CA ASP C 351 -45.94 8.60 43.41
C ASP C 351 -45.97 9.48 44.66
N GLN C 352 -44.79 9.99 45.04
CA GLN C 352 -44.67 10.76 46.26
C GLN C 352 -45.47 12.05 46.20
N TYR C 353 -45.63 12.63 45.01
CA TYR C 353 -46.25 13.94 44.90
C TYR C 353 -47.76 13.89 45.11
N ASN C 354 -48.41 12.79 44.71
CA ASN C 354 -49.86 12.75 44.68
C ASN C 354 -50.47 11.75 45.66
N GLN C 355 -49.86 10.57 45.85
CA GLN C 355 -50.31 9.58 46.83
C GLN C 355 -49.14 9.22 47.74
N PRO C 356 -48.91 10.01 48.79
CA PRO C 356 -47.80 9.72 49.69
C PRO C 356 -48.03 8.45 50.50
N GLY C 357 -46.94 7.71 50.72
CA GLY C 357 -46.97 6.57 51.61
C GLY C 357 -47.68 5.34 51.10
N VAL C 358 -47.78 5.15 49.79
CA VAL C 358 -48.37 3.96 49.21
C VAL C 358 -47.43 3.42 48.14
N VAL C 359 -47.26 2.10 48.12
CA VAL C 359 -46.39 1.44 47.16
C VAL C 359 -47.16 0.29 46.51
N PHE C 360 -47.08 0.20 45.19
CA PHE C 360 -47.76 -0.83 44.43
C PHE C 360 -46.77 -1.93 44.09
N LEU C 361 -47.26 -3.17 44.04
CA LEU C 361 -46.45 -4.30 43.62
C LEU C 361 -47.23 -5.11 42.60
N PHE C 362 -46.59 -5.42 41.48
CA PHE C 362 -47.22 -6.13 40.38
C PHE C 362 -46.49 -7.44 40.14
N GLY C 363 -47.26 -8.48 39.80
CA GLY C 363 -46.64 -9.76 39.51
C GLY C 363 -47.60 -10.89 39.18
N LYS C 364 -47.19 -12.11 39.54
CA LYS C 364 -47.91 -13.33 39.19
C LYS C 364 -48.49 -13.98 40.43
N VAL C 365 -49.70 -14.54 40.27
CA VAL C 365 -50.38 -15.29 41.32
C VAL C 365 -50.97 -16.55 40.70
N TRP C 366 -51.25 -17.53 41.54
CA TRP C 366 -51.64 -18.87 41.13
C TRP C 366 -53.13 -19.09 41.37
N ILE C 367 -53.82 -19.60 40.34
CA ILE C 367 -55.21 -19.99 40.44
C ILE C 367 -55.34 -21.43 39.96
N GLU C 368 -55.97 -22.27 40.80
CA GLU C 368 -56.09 -23.69 40.48
C GLU C 368 -57.17 -23.97 39.42
N SER C 369 -58.25 -23.19 39.42
CA SER C 369 -59.36 -23.47 38.50
C SER C 369 -58.95 -23.31 37.04
N ALA C 370 -58.16 -22.28 36.73
CA ALA C 370 -57.73 -22.02 35.37
C ALA C 370 -56.40 -22.67 35.02
N GLU C 371 -55.82 -23.45 35.95
CA GLU C 371 -54.55 -24.14 35.80
C GLU C 371 -53.48 -23.30 35.09
N THR C 372 -53.41 -22.02 35.44
CA THR C 372 -52.39 -21.14 34.87
C THR C 372 -52.16 -19.98 35.83
N HIS C 373 -51.00 -19.33 35.67
CA HIS C 373 -50.65 -18.16 36.44
C HIS C 373 -51.30 -16.92 35.82
N VAL C 374 -51.76 -16.00 36.66
CA VAL C 374 -52.39 -14.77 36.19
C VAL C 374 -51.69 -13.58 36.85
N SER C 375 -52.05 -12.39 36.38
CA SER C 375 -51.44 -11.17 36.88
C SER C 375 -52.19 -10.65 38.10
N CYS C 376 -51.45 -9.98 38.98
CA CYS C 376 -52.01 -9.48 40.23
C CYS C 376 -51.25 -8.23 40.66
N CYS C 377 -51.92 -7.41 41.46
CA CYS C 377 -51.35 -6.22 42.06
C CYS C 377 -51.75 -6.13 43.52
N VAL C 378 -50.81 -5.70 44.37
CA VAL C 378 -51.06 -5.55 45.79
C VAL C 378 -50.59 -4.17 46.23
N MET C 379 -51.39 -3.51 47.06
CA MET C 379 -51.10 -2.18 47.57
C MET C 379 -50.61 -2.29 49.01
N VAL C 380 -49.48 -1.67 49.31
CA VAL C 380 -49.01 -1.54 50.69
C VAL C 380 -49.11 -0.07 51.08
N LYS C 381 -49.73 0.18 52.23
CA LYS C 381 -50.08 1.53 52.68
C LYS C 381 -49.54 1.76 54.08
N ASN C 382 -49.67 3.01 54.53
CA ASN C 382 -49.26 3.44 55.86
C ASN C 382 -47.78 3.16 56.12
N ILE C 383 -46.96 3.50 55.13
CA ILE C 383 -45.51 3.45 55.28
C ILE C 383 -45.08 4.77 55.89
N GLU C 384 -44.51 4.71 57.09
CA GLU C 384 -44.17 5.89 57.86
C GLU C 384 -42.69 6.22 57.71
N ARG C 385 -42.36 7.51 57.80
CA ARG C 385 -40.95 7.87 57.77
C ARG C 385 -40.25 7.42 59.05
N THR C 386 -38.94 7.27 58.95
CA THR C 386 -38.06 7.03 60.09
C THR C 386 -37.03 8.14 60.13
N LEU C 387 -36.79 8.69 61.32
CA LEU C 387 -35.82 9.75 61.52
C LEU C 387 -34.94 9.40 62.71
N TYR C 388 -33.64 9.67 62.56
CA TYR C 388 -32.66 9.37 63.60
C TYR C 388 -32.06 10.70 64.06
N PHE C 389 -32.31 11.06 65.30
CA PHE C 389 -31.77 12.27 65.90
C PHE C 389 -30.53 11.91 66.71
N LEU C 390 -29.45 12.67 66.49
CA LEU C 390 -28.21 12.45 67.23
C LEU C 390 -28.18 13.37 68.44
N PRO C 391 -28.19 12.84 69.65
CA PRO C 391 -28.11 13.72 70.83
C PRO C 391 -26.77 14.42 70.90
N ARG C 392 -26.80 15.67 71.34
CA ARG C 392 -25.58 16.43 71.50
C ARG C 392 -24.87 16.00 72.78
N GLU C 393 -23.54 16.03 72.74
CA GLU C 393 -22.73 15.58 73.87
C GLU C 393 -22.88 16.47 75.09
N MET C 394 -23.48 17.64 74.94
CA MET C 394 -23.67 18.64 76.00
C MET C 394 -24.81 19.54 75.52
N LYS C 395 -25.19 20.54 76.30
CA LYS C 395 -26.07 21.49 75.65
C LYS C 395 -25.25 22.67 75.14
N ILE C 396 -25.77 23.31 74.10
CA ILE C 396 -25.15 24.48 73.50
C ILE C 396 -26.19 25.57 73.37
N ASP C 397 -25.91 26.75 73.92
CA ASP C 397 -26.81 27.88 73.78
C ASP C 397 -26.75 28.39 72.35
N LEU C 398 -27.89 28.83 71.82
CA LEU C 398 -28.01 29.13 70.39
C LEU C 398 -27.73 30.61 70.14
N ASN C 399 -26.86 31.16 70.98
CA ASN C 399 -26.40 32.52 70.78
C ASN C 399 -24.88 32.56 70.56
N THR C 400 -24.13 31.97 71.48
CA THR C 400 -22.67 31.95 71.43
C THR C 400 -22.09 30.62 71.88
N GLY C 401 -22.90 29.56 71.90
CA GLY C 401 -22.42 28.26 72.31
C GLY C 401 -22.05 28.18 73.79
N LYS C 402 -22.90 28.74 74.64
CA LYS C 402 -22.63 28.82 76.07
C LYS C 402 -23.20 27.57 76.76
N GLU C 403 -22.33 26.61 77.07
CA GLU C 403 -22.71 25.42 77.80
C GLU C 403 -22.85 25.67 79.30
N THR C 404 -24.09 25.77 79.80
CA THR C 404 -24.30 26.20 81.18
C THR C 404 -23.94 25.11 82.20
N GLY C 405 -24.29 23.85 81.94
CA GLY C 405 -23.78 22.80 82.81
C GLY C 405 -24.45 21.44 82.99
N THR C 406 -25.75 21.29 82.75
CA THR C 406 -26.38 19.98 82.97
C THR C 406 -26.16 19.08 81.75
N PRO C 407 -25.75 17.83 81.94
CA PRO C 407 -25.55 16.93 80.80
C PRO C 407 -26.87 16.57 80.13
N ILE C 408 -26.79 16.20 78.86
CA ILE C 408 -27.95 15.83 78.06
C ILE C 408 -28.29 14.36 78.28
N SER C 409 -29.53 14.11 78.68
CA SER C 409 -30.06 12.76 78.82
C SER C 409 -30.98 12.45 77.64
N MET C 410 -31.37 11.18 77.53
CA MET C 410 -32.28 10.77 76.46
C MET C 410 -33.63 11.48 76.54
N LYS C 411 -34.21 11.59 77.74
CA LYS C 411 -35.54 12.16 77.88
C LYS C 411 -35.59 13.59 77.37
N ASP C 412 -34.46 14.32 77.45
CA ASP C 412 -34.42 15.68 76.94
C ASP C 412 -34.66 15.71 75.44
N VAL C 413 -34.04 14.78 74.70
CA VAL C 413 -34.21 14.74 73.25
C VAL C 413 -35.65 14.39 72.90
N TYR C 414 -36.25 13.45 73.64
CA TYR C 414 -37.63 13.08 73.39
C TYR C 414 -38.57 14.24 73.66
N GLU C 415 -38.30 15.02 74.71
CA GLU C 415 -39.15 16.16 75.02
C GLU C 415 -38.99 17.27 73.99
N GLU C 416 -37.76 17.50 73.52
CA GLU C 416 -37.49 18.63 72.64
C GLU C 416 -38.27 18.54 71.34
N PHE C 417 -38.28 17.35 70.71
CA PHE C 417 -39.02 17.19 69.47
C PHE C 417 -40.52 17.37 69.71
N ASP C 418 -41.03 16.84 70.82
CA ASP C 418 -42.45 16.91 71.10
C ASP C 418 -42.91 18.34 71.34
N GLU C 419 -42.11 19.13 72.05
CA GLU C 419 -42.57 20.46 72.46
C GLU C 419 -42.33 21.52 71.39
N LYS C 420 -41.21 21.47 70.67
CA LYS C 420 -40.81 22.54 69.77
C LYS C 420 -40.81 22.10 68.30
N ILE C 421 -40.08 21.04 67.96
CA ILE C 421 -39.90 20.67 66.57
C ILE C 421 -41.23 20.23 65.95
N ALA C 422 -41.97 19.38 66.65
CA ALA C 422 -43.25 18.91 66.12
C ALA C 422 -44.24 20.06 65.96
N THR C 423 -44.31 20.94 66.95
CA THR C 423 -45.22 22.07 66.87
C THR C 423 -44.84 23.03 65.75
N LYS C 424 -43.53 23.23 65.55
CA LYS C 424 -43.08 24.22 64.57
C LYS C 424 -43.43 23.79 63.14
N TYR C 425 -43.49 22.49 62.87
CA TYR C 425 -43.76 22.00 61.53
C TYR C 425 -45.05 21.19 61.45
N LYS C 426 -45.95 21.37 62.42
CA LYS C 426 -47.29 20.79 62.38
C LYS C 426 -47.25 19.27 62.28
N ILE C 427 -46.71 18.64 63.32
CA ILE C 427 -46.66 17.19 63.43
C ILE C 427 -47.68 16.77 64.48
N MET C 428 -48.67 15.98 64.06
CA MET C 428 -49.75 15.59 64.95
C MET C 428 -49.37 14.41 65.83
N LYS C 429 -49.11 13.26 65.21
CA LYS C 429 -48.83 12.02 65.93
C LYS C 429 -47.49 11.45 65.50
N PHE C 430 -46.75 10.91 66.48
CA PHE C 430 -45.46 10.29 66.21
C PHE C 430 -45.11 9.36 67.36
N LYS C 431 -44.31 8.35 67.06
CA LYS C 431 -43.81 7.41 68.05
C LYS C 431 -42.30 7.37 68.04
N SER C 432 -41.70 7.49 69.22
CA SER C 432 -40.25 7.57 69.35
C SER C 432 -39.76 6.50 70.31
N LYS C 433 -38.51 6.09 70.14
CA LYS C 433 -37.92 5.06 70.98
C LYS C 433 -36.40 5.15 70.89
N PRO C 434 -35.68 4.47 71.79
CA PRO C 434 -34.21 4.46 71.69
C PRO C 434 -33.73 3.43 70.69
N VAL C 435 -32.60 3.74 70.06
CA VAL C 435 -31.88 2.81 69.19
C VAL C 435 -30.39 3.02 69.39
N GLU C 436 -29.60 2.02 69.01
CA GLU C 436 -28.15 2.14 68.96
C GLU C 436 -27.70 1.94 67.52
N LYS C 437 -26.85 2.83 67.03
CA LYS C 437 -26.49 2.82 65.62
C LYS C 437 -25.01 3.10 65.45
N ASN C 438 -24.51 2.77 64.26
CA ASN C 438 -23.10 2.96 63.90
C ASN C 438 -22.99 3.85 62.68
N TYR C 439 -21.95 4.68 62.65
CA TYR C 439 -21.68 5.56 61.53
C TYR C 439 -20.21 5.45 61.15
N ALA C 440 -19.92 5.32 59.85
CA ALA C 440 -18.56 5.16 59.39
C ALA C 440 -18.30 5.92 58.10
N PHE C 441 -18.92 7.09 57.93
CA PHE C 441 -18.89 7.78 56.66
C PHE C 441 -18.35 9.21 56.83
N GLU C 442 -18.47 10.00 55.76
CA GLU C 442 -17.70 11.23 55.61
C GLU C 442 -18.13 12.36 56.52
N ILE C 443 -19.37 12.36 57.01
CA ILE C 443 -19.85 13.47 57.84
C ILE C 443 -19.10 13.45 59.16
N PRO C 444 -18.41 14.53 59.52
CA PRO C 444 -17.57 14.52 60.73
C PRO C 444 -18.38 14.81 61.98
N ASP C 445 -17.68 14.78 63.11
CA ASP C 445 -18.24 15.06 64.43
C ASP C 445 -19.39 14.09 64.74
N VAL C 446 -19.19 12.82 64.41
CA VAL C 446 -20.15 11.77 64.74
C VAL C 446 -19.37 10.58 65.29
N PRO C 447 -19.73 10.07 66.47
CA PRO C 447 -19.01 8.91 67.02
C PRO C 447 -19.29 7.65 66.23
N GLU C 448 -18.35 6.70 66.36
CA GLU C 448 -18.48 5.42 65.66
C GLU C 448 -19.70 4.64 66.15
N LYS C 449 -19.85 4.54 67.47
CA LYS C 449 -20.99 3.86 68.07
C LYS C 449 -21.67 4.81 69.04
N SER C 450 -22.99 4.89 68.97
CA SER C 450 -23.73 5.80 69.84
C SER C 450 -25.19 5.37 69.90
N GLU C 451 -25.91 5.99 70.83
CA GLU C 451 -27.35 5.81 70.96
C GLU C 451 -28.04 7.04 70.38
N TYR C 452 -29.10 6.79 69.62
CA TYR C 452 -29.82 7.81 68.88
C TYR C 452 -31.25 7.86 69.37
N LEU C 453 -32.05 8.73 68.76
CA LEU C 453 -33.49 8.77 68.98
C LEU C 453 -34.19 8.44 67.67
N GLU C 454 -34.93 7.33 67.65
CA GLU C 454 -35.63 6.90 66.45
C GLU C 454 -37.09 7.35 66.56
N VAL C 455 -37.51 8.23 65.66
CA VAL C 455 -38.87 8.73 65.65
C VAL C 455 -39.53 8.36 64.32
N LYS C 456 -40.82 8.07 64.37
CA LYS C 456 -41.57 7.66 63.21
C LYS C 456 -42.92 8.36 63.19
N TYR C 457 -43.34 8.77 61.99
CA TYR C 457 -44.65 9.39 61.81
C TYR C 457 -45.16 9.08 60.42
N SER C 458 -46.49 9.20 60.27
CA SER C 458 -47.17 8.79 59.06
C SER C 458 -46.76 9.66 57.88
N ALA C 459 -47.06 9.17 56.68
CA ALA C 459 -46.56 9.75 55.44
C ALA C 459 -47.30 11.00 54.99
N GLU C 460 -48.39 11.38 55.65
CA GLU C 460 -49.19 12.51 55.19
C GLU C 460 -48.72 13.85 55.75
N MET C 461 -47.90 13.85 56.79
CA MET C 461 -47.35 15.09 57.33
C MET C 461 -46.18 15.58 56.48
N PRO C 462 -45.86 16.87 56.55
CA PRO C 462 -44.78 17.41 55.70
C PRO C 462 -43.41 16.94 56.18
N GLN C 463 -42.39 17.46 55.50
CA GLN C 463 -41.02 16.99 55.64
C GLN C 463 -40.14 18.06 56.26
N LEU C 464 -39.29 17.65 57.20
CA LEU C 464 -38.38 18.54 57.88
C LEU C 464 -37.22 18.94 56.98
N PRO C 465 -36.57 20.08 57.26
CA PRO C 465 -35.41 20.47 56.47
C PRO C 465 -34.23 19.52 56.68
N GLN C 466 -33.32 19.53 55.70
CA GLN C 466 -32.20 18.61 55.73
C GLN C 466 -31.14 19.01 56.76
N ASP C 467 -31.10 20.29 57.13
CA ASP C 467 -30.07 20.81 58.03
C ASP C 467 -30.65 21.36 59.32
N LEU C 468 -31.68 20.71 59.86
CA LEU C 468 -32.29 21.17 61.09
C LEU C 468 -31.35 20.98 62.28
N LYS C 469 -31.36 21.95 63.19
CA LYS C 469 -30.56 21.89 64.41
C LYS C 469 -31.40 22.35 65.58
N GLY C 470 -31.03 21.91 66.78
CA GLY C 470 -31.80 22.20 67.97
C GLY C 470 -30.94 22.27 69.21
N GLU C 471 -31.61 22.40 70.36
CA GLU C 471 -30.92 22.53 71.64
C GLU C 471 -30.14 21.27 71.98
N THR C 472 -30.77 20.11 71.89
CA THR C 472 -30.20 18.87 72.42
C THR C 472 -29.78 17.89 71.34
N PHE C 473 -30.03 18.17 70.06
CA PHE C 473 -29.63 17.29 68.99
C PHE C 473 -28.72 18.03 68.01
N SER C 474 -27.71 17.31 67.52
CA SER C 474 -26.71 17.89 66.63
C SER C 474 -27.03 17.69 65.15
N HIS C 475 -27.63 16.56 64.79
CA HIS C 475 -27.92 16.29 63.38
C HIS C 475 -29.05 15.28 63.29
N VAL C 476 -29.71 15.25 62.13
CA VAL C 476 -30.83 14.37 61.88
C VAL C 476 -30.60 13.61 60.57
N PHE C 477 -30.86 12.31 60.59
CA PHE C 477 -30.69 11.45 59.44
C PHE C 477 -32.02 10.83 59.05
N GLY C 478 -32.15 10.52 57.76
CA GLY C 478 -33.37 9.91 57.26
C GLY C 478 -34.47 10.88 56.90
N THR C 479 -34.13 12.14 56.58
CA THR C 479 -35.15 13.13 56.28
C THR C 479 -35.77 12.88 54.90
N ASN C 480 -34.94 12.62 53.89
CA ASN C 480 -35.39 12.58 52.50
C ASN C 480 -35.38 11.17 51.91
N THR C 481 -35.55 10.14 52.75
CA THR C 481 -35.61 8.79 52.25
C THR C 481 -36.93 8.54 51.52
N SER C 482 -36.87 7.74 50.47
CA SER C 482 -38.07 7.40 49.71
C SER C 482 -38.81 6.23 50.35
N SER C 483 -40.10 6.13 50.04
CA SER C 483 -40.92 5.06 50.63
C SER C 483 -40.54 3.70 50.07
N LEU C 484 -40.30 3.62 48.76
CA LEU C 484 -39.93 2.34 48.14
C LEU C 484 -38.63 1.80 48.70
N GLU C 485 -37.62 2.66 48.80
CA GLU C 485 -36.34 2.24 49.37
C GLU C 485 -36.52 1.76 50.80
N LEU C 486 -37.27 2.53 51.61
CA LEU C 486 -37.47 2.13 53.00
C LEU C 486 -38.18 0.78 53.09
N PHE C 487 -39.20 0.56 52.26
CA PHE C 487 -39.89 -0.73 52.26
C PHE C 487 -38.96 -1.88 51.95
N LEU C 488 -38.21 -1.78 50.84
CA LEU C 488 -37.33 -2.88 50.47
C LEU C 488 -36.22 -3.11 51.50
N MET C 489 -35.66 -2.04 52.06
CA MET C 489 -34.57 -2.23 53.00
C MET C 489 -35.07 -2.78 54.34
N ASN C 490 -36.29 -2.40 54.75
CA ASN C 490 -36.82 -2.90 56.01
C ASN C 490 -37.26 -4.36 55.90
N ARG C 491 -37.92 -4.73 54.80
CA ARG C 491 -38.47 -6.08 54.70
C ARG C 491 -37.51 -7.08 54.08
N LYS C 492 -36.28 -6.67 53.76
CA LYS C 492 -35.23 -7.57 53.29
C LYS C 492 -35.66 -8.32 52.03
N ILE C 493 -35.90 -7.54 50.96
CA ILE C 493 -36.26 -8.08 49.66
C ILE C 493 -35.09 -7.82 48.70
N LYS C 494 -34.62 -8.89 48.05
CA LYS C 494 -33.49 -8.81 47.14
C LYS C 494 -33.95 -9.31 45.78
N GLY C 495 -34.45 -8.40 44.97
CA GLY C 495 -34.91 -8.73 43.63
C GLY C 495 -36.18 -9.56 43.66
N PRO C 496 -36.52 -10.17 42.52
CA PRO C 496 -37.71 -11.02 42.47
C PRO C 496 -37.61 -12.18 43.46
N CYS C 497 -38.74 -12.49 44.08
CA CYS C 497 -38.82 -13.56 45.07
C CYS C 497 -40.29 -13.87 45.30
N TRP C 498 -40.53 -14.97 46.01
CA TRP C 498 -41.88 -15.36 46.39
C TRP C 498 -42.23 -14.75 47.75
N LEU C 499 -43.41 -14.15 47.82
CA LEU C 499 -43.81 -13.38 48.99
C LEU C 499 -45.14 -13.91 49.54
N GLU C 500 -45.23 -13.94 50.86
CA GLU C 500 -46.47 -14.22 51.56
C GLU C 500 -47.10 -12.90 51.97
N VAL C 501 -48.38 -12.73 51.63
CA VAL C 501 -49.13 -11.52 51.97
C VAL C 501 -50.23 -11.91 52.95
N LYS C 502 -50.22 -11.29 54.12
CA LYS C 502 -51.11 -11.68 55.21
C LYS C 502 -52.26 -10.70 55.36
N SER C 503 -53.46 -11.25 55.55
CA SER C 503 -54.71 -10.51 55.73
C SER C 503 -55.00 -9.56 54.57
N PRO C 504 -55.30 -10.07 53.39
CA PRO C 504 -55.68 -9.17 52.28
C PRO C 504 -57.04 -8.52 52.53
N GLN C 505 -57.22 -7.36 51.91
CA GLN C 505 -58.50 -6.67 51.90
C GLN C 505 -58.89 -6.35 50.46
N LEU C 506 -60.18 -6.10 50.26
CA LEU C 506 -60.71 -5.80 48.94
C LEU C 506 -60.62 -4.31 48.66
N LEU C 507 -60.63 -3.98 47.37
CA LEU C 507 -60.53 -2.60 46.92
C LEU C 507 -61.90 -2.09 46.46
N ASN C 508 -62.14 -0.80 46.72
CA ASN C 508 -63.43 -0.21 46.37
C ASN C 508 -63.64 -0.20 44.87
N GLN C 509 -62.63 0.18 44.10
CA GLN C 509 -62.70 0.26 42.65
C GLN C 509 -61.43 -0.31 42.05
N PRO C 510 -61.50 -0.83 40.82
CA PRO C 510 -60.29 -1.34 40.15
C PRO C 510 -59.31 -0.21 39.88
N VAL C 511 -58.10 -0.35 40.41
CA VAL C 511 -57.05 0.63 40.19
C VAL C 511 -56.01 0.16 39.18
N SER C 512 -55.99 -1.13 38.85
CA SER C 512 -55.04 -1.68 37.90
C SER C 512 -55.78 -2.59 36.93
N TRP C 513 -55.18 -2.77 35.75
CA TRP C 513 -55.74 -3.61 34.71
C TRP C 513 -55.50 -5.10 34.96
N CYS C 514 -55.09 -5.47 36.17
CA CYS C 514 -54.81 -6.86 36.49
C CYS C 514 -56.10 -7.64 36.64
N LYS C 515 -55.97 -8.96 36.48
CA LYS C 515 -57.12 -9.85 36.69
C LYS C 515 -57.43 -10.02 38.17
N VAL C 516 -56.45 -9.77 39.04
CA VAL C 516 -56.63 -9.92 40.48
C VAL C 516 -56.07 -8.70 41.20
N GLU C 517 -56.65 -8.40 42.36
CA GLU C 517 -56.25 -7.24 43.16
C GLU C 517 -56.27 -7.62 44.63
N ALA C 518 -55.49 -6.88 45.42
CA ALA C 518 -55.42 -7.08 46.86
C ALA C 518 -54.77 -5.85 47.47
N MET C 519 -54.81 -5.79 48.79
CA MET C 519 -54.20 -4.67 49.50
C MET C 519 -53.87 -5.10 50.93
N ALA C 520 -52.92 -4.38 51.53
CA ALA C 520 -52.48 -4.62 52.90
C ALA C 520 -52.42 -3.30 53.65
N LEU C 521 -52.57 -3.37 54.96
CA LEU C 521 -52.64 -2.16 55.78
C LEU C 521 -51.28 -1.70 56.28
N LYS C 522 -50.35 -2.62 56.56
CA LYS C 522 -49.05 -2.25 57.09
C LYS C 522 -47.99 -3.10 56.41
N PRO C 523 -46.76 -2.59 56.28
CA PRO C 523 -45.71 -3.36 55.60
C PRO C 523 -45.27 -4.61 56.33
N ASP C 524 -45.58 -4.73 57.62
CA ASP C 524 -45.17 -5.88 58.41
C ASP C 524 -45.84 -7.18 57.94
N LEU C 525 -46.90 -7.10 57.14
CA LEU C 525 -47.65 -8.28 56.73
C LEU C 525 -47.11 -8.95 55.49
N VAL C 526 -46.00 -8.47 54.93
CA VAL C 526 -45.38 -9.05 53.74
C VAL C 526 -44.08 -9.72 54.15
N ASN C 527 -43.90 -10.97 53.73
CA ASN C 527 -42.69 -11.71 54.09
C ASN C 527 -42.19 -12.48 52.87
N VAL C 528 -40.94 -12.93 52.95
CA VAL C 528 -40.27 -13.57 51.82
C VAL C 528 -40.06 -15.06 52.13
N ILE C 529 -40.15 -15.88 51.10
CA ILE C 529 -39.85 -17.31 51.18
C ILE C 529 -38.90 -17.67 50.06
N LYS C 530 -38.25 -18.82 50.20
CA LYS C 530 -37.11 -19.18 49.36
C LYS C 530 -37.29 -20.47 48.57
N ASP C 531 -38.18 -21.38 48.98
CA ASP C 531 -38.19 -22.74 48.48
C ASP C 531 -39.16 -22.96 47.33
N VAL C 532 -39.35 -21.96 46.46
CA VAL C 532 -40.26 -22.08 45.32
C VAL C 532 -39.53 -21.66 44.06
N SER C 533 -39.72 -22.44 42.99
CA SER C 533 -39.15 -22.16 41.68
C SER C 533 -39.88 -21.00 41.01
N PRO C 534 -39.18 -20.20 40.19
CA PRO C 534 -39.83 -19.06 39.54
C PRO C 534 -40.91 -19.50 38.58
N PRO C 535 -42.00 -18.77 38.48
CA PRO C 535 -43.07 -19.11 37.55
C PRO C 535 -42.75 -18.64 36.15
N PRO C 536 -43.43 -19.17 35.13
CA PRO C 536 -43.22 -18.68 33.76
C PRO C 536 -43.79 -17.29 33.57
N LEU C 537 -43.26 -16.60 32.56
CA LEU C 537 -43.68 -15.25 32.22
C LEU C 537 -44.22 -15.21 30.79
N VAL C 538 -44.76 -14.06 30.43
CA VAL C 538 -45.32 -13.81 29.10
C VAL C 538 -44.47 -12.77 28.41
N VAL C 539 -44.00 -13.07 27.21
CA VAL C 539 -43.06 -12.22 26.49
C VAL C 539 -43.70 -11.75 25.19
N MET C 540 -43.66 -10.43 24.97
CA MET C 540 -44.23 -9.83 23.77
C MET C 540 -43.19 -8.98 23.07
N ALA C 541 -43.08 -9.15 21.75
CA ALA C 541 -42.20 -8.36 20.91
C ALA C 541 -43.05 -7.68 19.84
N PHE C 542 -42.69 -6.46 19.47
CA PHE C 542 -43.44 -5.76 18.43
C PHE C 542 -42.48 -4.91 17.60
N SER C 543 -42.92 -4.62 16.38
CA SER C 543 -42.20 -3.73 15.48
C SER C 543 -43.17 -2.70 14.93
N MET C 544 -42.62 -1.57 14.52
CA MET C 544 -43.41 -0.43 14.06
C MET C 544 -42.79 0.15 12.81
N LYS C 545 -43.63 0.53 11.85
CA LYS C 545 -43.14 1.21 10.66
C LYS C 545 -43.94 2.48 10.45
N THR C 546 -43.24 3.59 10.24
CA THR C 546 -43.85 4.91 10.09
C THR C 546 -43.63 5.42 8.66
N MET C 547 -44.10 6.64 8.42
CA MET C 547 -43.98 7.25 7.09
C MET C 547 -44.13 8.75 7.25
N GLN C 548 -43.12 9.51 6.82
CA GLN C 548 -43.17 10.95 6.90
C GLN C 548 -44.09 11.51 5.82
N ASN C 549 -45.09 12.27 6.23
CA ASN C 549 -46.09 12.78 5.29
C ASN C 549 -45.45 13.68 4.25
N ALA C 550 -45.94 13.59 3.02
CA ALA C 550 -45.35 14.32 1.91
C ALA C 550 -45.54 15.83 2.07
N LYS C 551 -46.74 16.26 2.45
CA LYS C 551 -47.02 17.69 2.55
C LYS C 551 -46.49 18.29 3.85
N ASN C 552 -47.00 17.81 4.98
CA ASN C 552 -46.58 18.29 6.28
C ASN C 552 -45.53 17.37 6.88
N HIS C 553 -44.68 17.93 7.73
CA HIS C 553 -43.63 17.17 8.41
C HIS C 553 -44.23 16.53 9.66
N GLN C 554 -44.49 15.23 9.59
CA GLN C 554 -45.07 14.48 10.70
C GLN C 554 -44.94 13.00 10.40
N ASN C 555 -44.88 12.20 11.46
CA ASN C 555 -44.67 10.76 11.35
C ASN C 555 -45.95 10.03 11.73
N GLU C 556 -46.50 9.26 10.78
CA GLU C 556 -47.69 8.47 11.01
C GLU C 556 -47.37 6.99 10.87
N ILE C 557 -47.90 6.19 11.80
CA ILE C 557 -47.62 4.75 11.82
C ILE C 557 -48.62 4.04 10.92
N ILE C 558 -48.10 3.12 10.10
CA ILE C 558 -48.93 2.47 9.08
C ILE C 558 -49.00 0.97 9.33
N ALA C 559 -47.99 0.39 9.95
CA ALA C 559 -47.89 -1.05 10.07
C ALA C 559 -47.25 -1.44 11.38
N MET C 560 -47.87 -2.40 12.07
CA MET C 560 -47.35 -2.92 13.32
C MET C 560 -47.62 -4.41 13.42
N ALA C 561 -46.58 -5.17 13.73
CA ALA C 561 -46.66 -6.61 13.87
C ALA C 561 -46.06 -7.02 15.21
N ALA C 562 -46.69 -8.02 15.85
CA ALA C 562 -46.30 -8.42 17.17
C ALA C 562 -46.32 -9.95 17.30
N LEU C 563 -45.41 -10.46 18.12
CA LEU C 563 -45.29 -11.88 18.43
C LEU C 563 -45.36 -12.06 19.95
N VAL C 564 -46.03 -13.14 20.36
CA VAL C 564 -46.35 -13.38 21.77
C VAL C 564 -46.02 -14.82 22.11
N HIS C 565 -45.37 -15.00 23.27
CA HIS C 565 -45.17 -16.32 23.86
C HIS C 565 -45.67 -16.30 25.30
N HIS C 566 -46.29 -17.40 25.72
CA HIS C 566 -47.02 -17.46 26.98
C HIS C 566 -46.33 -18.26 28.07
N SER C 567 -45.31 -19.04 27.75
CA SER C 567 -44.66 -19.93 28.72
C SER C 567 -43.15 -19.79 28.64
N PHE C 568 -42.66 -18.54 28.64
CA PHE C 568 -41.23 -18.27 28.61
C PHE C 568 -40.66 -18.53 30.00
N ALA C 569 -39.66 -19.40 30.08
CA ALA C 569 -39.07 -19.78 31.36
C ALA C 569 -37.76 -19.03 31.59
N LEU C 570 -37.61 -18.46 32.78
CA LEU C 570 -36.42 -17.72 33.14
C LEU C 570 -35.38 -18.59 33.85
N ASP C 571 -35.70 -19.85 34.15
CA ASP C 571 -34.78 -20.76 34.82
C ASP C 571 -34.36 -21.91 33.91
N LYS C 572 -34.45 -21.71 32.60
CA LYS C 572 -34.16 -22.76 31.62
C LYS C 572 -33.84 -22.06 30.30
N ALA C 573 -33.19 -22.78 29.39
CA ALA C 573 -32.82 -22.23 28.10
C ALA C 573 -34.06 -21.73 27.34
N ALA C 574 -33.80 -20.93 26.31
CA ALA C 574 -34.89 -20.31 25.58
C ALA C 574 -35.76 -21.37 24.90
N PRO C 575 -37.07 -21.16 24.84
CA PRO C 575 -37.94 -22.17 24.23
C PRO C 575 -37.77 -22.23 22.73
N LYS C 576 -38.08 -23.39 22.16
CA LYS C 576 -38.00 -23.63 20.73
C LYS C 576 -39.31 -24.23 20.26
N PRO C 577 -40.08 -23.55 19.40
CA PRO C 577 -39.80 -22.22 18.82
C PRO C 577 -40.07 -21.08 19.80
N PRO C 578 -39.44 -19.92 19.56
CA PRO C 578 -39.57 -18.80 20.51
C PRO C 578 -40.98 -18.24 20.64
N PHE C 579 -41.86 -18.42 19.66
CA PHE C 579 -43.16 -17.78 19.69
C PHE C 579 -44.26 -18.81 19.52
N GLN C 580 -45.47 -18.45 19.95
CA GLN C 580 -46.63 -19.32 19.84
C GLN C 580 -47.82 -18.58 19.25
N SER C 581 -47.79 -17.24 19.25
CA SER C 581 -48.87 -16.46 18.68
C SER C 581 -48.30 -15.22 18.00
N HIS C 582 -49.07 -14.67 17.06
CA HIS C 582 -48.65 -13.47 16.36
C HIS C 582 -49.86 -12.78 15.77
N PHE C 583 -49.68 -11.49 15.46
CA PHE C 583 -50.71 -10.72 14.77
C PHE C 583 -50.08 -9.51 14.12
N CYS C 584 -50.84 -8.87 13.23
CA CYS C 584 -50.33 -7.70 12.52
C CYS C 584 -51.48 -6.87 11.98
N VAL C 585 -51.26 -5.56 11.96
CA VAL C 585 -52.25 -4.59 11.51
C VAL C 585 -51.57 -3.59 10.58
N VAL C 586 -52.27 -3.23 9.50
CA VAL C 586 -51.78 -2.28 8.51
C VAL C 586 -52.91 -1.30 8.19
N SER C 587 -52.54 -0.03 7.97
CA SER C 587 -53.52 1.00 7.65
C SER C 587 -52.98 1.90 6.55
N LYS C 588 -53.91 2.46 5.78
CA LYS C 588 -53.55 3.41 4.73
C LYS C 588 -53.19 4.77 5.33
N PRO C 589 -52.32 5.53 4.68
CA PRO C 589 -51.89 6.82 5.25
C PRO C 589 -53.03 7.83 5.39
N LYS C 590 -53.66 8.18 4.28
CA LYS C 590 -54.71 9.20 4.25
C LYS C 590 -55.28 9.35 2.84
N ASP C 591 -54.51 9.95 1.94
CA ASP C 591 -54.99 10.22 0.59
C ASP C 591 -55.06 8.96 -0.26
N CYS C 592 -54.12 8.03 -0.07
CA CYS C 592 -54.08 6.83 -0.89
C CYS C 592 -55.17 5.84 -0.44
N ILE C 593 -55.34 4.79 -1.24
CA ILE C 593 -56.28 3.72 -0.95
C ILE C 593 -55.57 2.39 -1.10
N PHE C 594 -56.13 1.37 -0.46
CA PHE C 594 -55.56 0.03 -0.57
C PHE C 594 -55.71 -0.49 -2.00
N PRO C 595 -54.70 -1.18 -2.53
CA PRO C 595 -54.87 -1.83 -3.82
C PRO C 595 -55.98 -2.87 -3.78
N TYR C 596 -56.70 -2.99 -4.89
CA TYR C 596 -57.85 -3.89 -4.93
C TYR C 596 -57.42 -5.34 -4.86
N ALA C 597 -58.38 -6.20 -4.52
CA ALA C 597 -58.23 -7.63 -4.31
C ALA C 597 -57.33 -7.97 -3.13
N PHE C 598 -57.05 -7.01 -2.24
CA PHE C 598 -56.21 -7.29 -1.08
C PHE C 598 -56.88 -8.26 -0.12
N LYS C 599 -58.19 -8.14 0.07
CA LYS C 599 -58.91 -9.04 0.95
C LYS C 599 -58.87 -10.48 0.43
N GLU C 600 -59.01 -10.65 -0.88
CA GLU C 600 -58.95 -11.99 -1.45
C GLU C 600 -57.57 -12.62 -1.28
N VAL C 601 -56.51 -11.83 -1.47
CA VAL C 601 -55.16 -12.35 -1.23
C VAL C 601 -54.95 -12.68 0.23
N ILE C 602 -55.50 -11.86 1.14
CA ILE C 602 -55.39 -12.12 2.57
C ILE C 602 -56.05 -13.45 2.91
N GLU C 603 -57.25 -13.69 2.38
CA GLU C 603 -57.90 -14.97 2.58
C GLU C 603 -57.14 -16.12 1.92
N LYS C 604 -56.47 -15.85 0.80
CA LYS C 604 -55.73 -16.89 0.10
C LYS C 604 -54.52 -17.37 0.92
N LYS C 605 -53.69 -16.43 1.36
CA LYS C 605 -52.44 -16.81 2.03
C LYS C 605 -52.64 -17.16 3.50
N ASN C 606 -53.81 -16.91 4.07
CA ASN C 606 -54.13 -17.27 5.45
C ASN C 606 -53.12 -16.64 6.43
N VAL C 607 -53.09 -15.31 6.43
CA VAL C 607 -52.20 -14.53 7.28
C VAL C 607 -53.05 -13.82 8.33
N LYS C 608 -52.61 -13.87 9.58
CA LYS C 608 -53.33 -13.23 10.67
C LYS C 608 -53.13 -11.72 10.60
N VAL C 609 -53.75 -11.08 9.62
CA VAL C 609 -53.63 -9.65 9.40
C VAL C 609 -55.02 -9.03 9.49
N GLU C 610 -55.11 -7.89 10.18
CA GLU C 610 -56.36 -7.14 10.24
C GLU C 610 -56.18 -5.81 9.54
N VAL C 611 -57.07 -5.51 8.60
CA VAL C 611 -57.06 -4.24 7.87
C VAL C 611 -57.91 -3.24 8.63
N ALA C 612 -57.36 -2.05 8.87
CA ALA C 612 -58.04 -1.00 9.59
C ALA C 612 -58.42 0.13 8.63
N ALA C 613 -59.34 0.98 9.08
CA ALA C 613 -59.80 2.11 8.27
C ALA C 613 -58.90 3.32 8.45
N THR C 614 -58.77 3.81 9.67
CA THR C 614 -57.95 4.96 9.99
C THR C 614 -56.88 4.59 11.01
N GLU C 615 -56.02 5.56 11.29
CA GLU C 615 -54.95 5.36 12.28
C GLU C 615 -55.53 5.16 13.68
N ARG C 616 -56.62 5.87 14.00
CA ARG C 616 -57.22 5.77 15.32
C ARG C 616 -57.69 4.35 15.61
N THR C 617 -58.27 3.69 14.61
CA THR C 617 -58.69 2.30 14.77
C THR C 617 -57.48 1.39 15.04
N LEU C 618 -56.37 1.66 14.37
CA LEU C 618 -55.14 0.88 14.60
C LEU C 618 -54.64 1.05 16.03
N LEU C 619 -54.59 2.30 16.52
CA LEU C 619 -54.21 2.52 17.91
C LEU C 619 -55.15 1.83 18.88
N GLY C 620 -56.46 1.92 18.62
CA GLY C 620 -57.42 1.23 19.46
C GLY C 620 -57.22 -0.28 19.46
N PHE C 621 -56.93 -0.86 18.29
CA PHE C 621 -56.66 -2.28 18.21
C PHE C 621 -55.45 -2.67 19.04
N PHE C 622 -54.37 -1.90 18.94
CA PHE C 622 -53.17 -2.24 19.72
C PHE C 622 -53.43 -2.13 21.22
N LEU C 623 -54.05 -1.03 21.65
CA LEU C 623 -54.33 -0.85 23.07
C LEU C 623 -55.33 -1.86 23.61
N ALA C 624 -56.26 -2.34 22.77
CA ALA C 624 -57.18 -3.37 23.23
C ALA C 624 -56.53 -4.74 23.27
N LYS C 625 -55.63 -5.02 22.32
CA LYS C 625 -54.99 -6.32 22.26
C LYS C 625 -54.00 -6.51 23.41
N VAL C 626 -53.26 -5.47 23.76
CA VAL C 626 -52.28 -5.60 24.84
C VAL C 626 -52.97 -5.89 26.17
N HIS C 627 -54.18 -5.37 26.36
CA HIS C 627 -54.92 -5.68 27.59
C HIS C 627 -55.24 -7.16 27.68
N LYS C 628 -55.69 -7.76 26.57
CA LYS C 628 -56.06 -9.17 26.60
C LYS C 628 -54.82 -10.05 26.74
N ILE C 629 -53.75 -9.73 26.00
CA ILE C 629 -52.53 -10.52 26.11
C ILE C 629 -51.89 -10.34 27.49
N ASP C 630 -51.93 -9.11 28.01
CA ASP C 630 -51.33 -8.76 29.29
C ASP C 630 -49.85 -9.14 29.34
N PRO C 631 -49.01 -8.56 28.50
CA PRO C 631 -47.59 -8.92 28.52
C PRO C 631 -46.90 -8.40 29.77
N ASP C 632 -45.84 -9.09 30.17
CA ASP C 632 -45.04 -8.68 31.30
C ASP C 632 -43.66 -8.19 30.92
N ILE C 633 -43.11 -8.65 29.80
CA ILE C 633 -41.87 -8.14 29.25
C ILE C 633 -42.09 -7.81 27.79
N ILE C 634 -41.94 -6.52 27.45
CA ILE C 634 -42.09 -6.03 26.08
C ILE C 634 -40.69 -5.75 25.56
N VAL C 635 -40.27 -6.48 24.53
CA VAL C 635 -38.93 -6.37 23.98
C VAL C 635 -39.02 -5.75 22.59
N GLY C 636 -38.11 -4.83 22.31
CA GLY C 636 -38.08 -4.17 21.03
C GLY C 636 -36.74 -3.53 20.76
N HIS C 637 -36.67 -2.83 19.64
CA HIS C 637 -35.46 -2.12 19.23
C HIS C 637 -35.73 -0.62 19.22
N ASN C 638 -34.84 0.14 19.84
CA ASN C 638 -34.95 1.60 19.90
C ASN C 638 -36.27 2.02 20.51
N ILE C 639 -36.71 1.28 21.54
CA ILE C 639 -37.98 1.60 22.19
C ILE C 639 -37.86 2.89 22.99
N TYR C 640 -36.76 3.06 23.72
CA TYR C 640 -36.61 4.22 24.58
C TYR C 640 -36.28 5.49 23.80
N GLY C 641 -35.83 5.36 22.55
CA GLY C 641 -35.42 6.53 21.81
C GLY C 641 -36.48 7.17 20.95
N PHE C 642 -37.12 6.39 20.08
CA PHE C 642 -38.03 6.95 19.09
C PHE C 642 -39.41 6.30 19.11
N GLU C 643 -39.48 4.98 19.26
CA GLU C 643 -40.74 4.27 19.07
C GLU C 643 -41.79 4.67 20.09
N LEU C 644 -41.43 4.64 21.38
CA LEU C 644 -42.41 4.89 22.43
C LEU C 644 -42.91 6.33 22.38
N GLU C 645 -42.01 7.27 22.13
CA GLU C 645 -42.43 8.66 21.98
C GLU C 645 -43.39 8.83 20.82
N VAL C 646 -43.11 8.17 19.69
CA VAL C 646 -44.01 8.24 18.54
C VAL C 646 -45.38 7.69 18.89
N LEU C 647 -45.41 6.53 19.55
CA LEU C 647 -46.68 5.93 19.91
C LEU C 647 -47.48 6.83 20.85
N LEU C 648 -46.83 7.35 21.89
CA LEU C 648 -47.53 8.18 22.86
C LEU C 648 -48.00 9.49 22.24
N GLN C 649 -47.19 10.11 21.38
CA GLN C 649 -47.60 11.35 20.76
C GLN C 649 -48.74 11.13 19.77
N ARG C 650 -48.72 10.00 19.04
CA ARG C 650 -49.83 9.68 18.17
C ARG C 650 -51.12 9.47 18.96
N ILE C 651 -51.03 8.79 20.11
CA ILE C 651 -52.21 8.62 20.95
C ILE C 651 -52.78 9.96 21.35
N ASN C 652 -51.92 10.91 21.73
CA ASN C 652 -52.39 12.20 22.22
C ASN C 652 -53.00 13.03 21.10
N VAL C 653 -52.30 13.13 19.97
CA VAL C 653 -52.77 13.99 18.88
C VAL C 653 -54.02 13.41 18.24
N CYS C 654 -54.11 12.08 18.15
CA CYS C 654 -55.25 11.44 17.53
C CYS C 654 -56.39 11.19 18.52
N LYS C 655 -56.16 11.45 19.81
CA LYS C 655 -57.18 11.29 20.85
C LYS C 655 -57.67 9.84 20.91
N ALA C 656 -56.74 8.93 21.17
CA ALA C 656 -57.11 7.53 21.33
C ALA C 656 -57.75 7.30 22.70
N PRO C 657 -58.61 6.31 22.83
CA PRO C 657 -59.26 6.05 24.11
C PRO C 657 -58.46 5.12 25.02
N HIS C 658 -58.48 5.44 26.31
CA HIS C 658 -57.89 4.59 27.35
C HIS C 658 -56.40 4.34 27.10
N TRP C 659 -55.62 5.41 27.13
CA TRP C 659 -54.18 5.28 26.95
C TRP C 659 -53.54 4.50 28.08
N SER C 660 -54.14 4.55 29.28
CA SER C 660 -53.61 3.85 30.45
C SER C 660 -53.57 2.33 30.24
N LYS C 661 -54.10 1.83 29.13
CA LYS C 661 -54.00 0.41 28.83
C LYS C 661 -52.59 0.02 28.40
N ILE C 662 -51.76 0.99 28.01
CA ILE C 662 -50.39 0.68 27.60
C ILE C 662 -49.56 0.17 28.78
N GLY C 663 -49.96 0.49 30.00
CA GLY C 663 -49.26 -0.01 31.17
C GLY C 663 -50.08 -1.02 31.95
N ARG C 664 -50.01 -0.94 33.28
CA ARG C 664 -50.78 -1.84 34.14
C ARG C 664 -51.49 -1.06 35.25
N LEU C 665 -51.55 0.27 35.14
CA LEU C 665 -52.18 1.09 36.15
C LEU C 665 -53.08 2.12 35.47
N LYS C 666 -54.06 2.62 36.23
CA LYS C 666 -55.00 3.60 35.71
C LYS C 666 -54.52 5.00 36.09
N ARG C 667 -54.41 5.87 35.08
CA ARG C 667 -53.99 7.25 35.29
C ARG C 667 -54.85 8.17 34.43
N SER C 668 -54.68 9.47 34.62
CA SER C 668 -55.50 10.47 33.95
C SER C 668 -54.71 11.31 32.95
N ASN C 669 -53.63 11.95 33.40
CA ASN C 669 -52.79 12.78 32.54
C ASN C 669 -51.41 12.16 32.42
N MET C 670 -50.89 12.10 31.20
CA MET C 670 -49.59 11.45 31.03
C MET C 670 -48.50 12.48 30.81
N PRO C 671 -47.31 12.29 31.39
CA PRO C 671 -46.19 13.18 31.12
C PRO C 671 -45.54 12.86 29.78
N LYS C 672 -44.73 13.82 29.32
CA LYS C 672 -43.95 13.67 28.09
C LYS C 672 -42.52 14.09 28.34
N LEU C 673 -41.66 13.83 27.37
CA LEU C 673 -40.25 14.18 27.47
C LEU C 673 -39.99 15.57 26.92
N GLY C 678 -34.90 7.95 30.18
CA GLY C 678 -35.92 6.93 30.32
C GLY C 678 -36.85 7.15 31.50
N PHE C 679 -37.02 8.41 31.88
CA PHE C 679 -37.90 8.73 33.00
C PHE C 679 -39.36 8.67 32.58
N GLY C 680 -39.74 9.46 31.57
CA GLY C 680 -41.12 9.49 31.13
C GLY C 680 -41.60 8.15 30.59
N GLU C 681 -40.76 7.47 29.80
CA GLU C 681 -41.15 6.16 29.27
C GLU C 681 -41.38 5.15 30.39
N ARG C 682 -40.46 5.08 31.36
CA ARG C 682 -40.62 4.14 32.46
C ARG C 682 -41.85 4.46 33.29
N ASN C 683 -42.12 5.75 33.51
CA ASN C 683 -43.33 6.12 34.23
C ASN C 683 -44.59 5.74 33.45
N ALA C 684 -44.59 5.95 32.14
CA ALA C 684 -45.77 5.65 31.34
C ALA C 684 -46.01 4.16 31.20
N THR C 685 -44.96 3.35 31.30
CA THR C 685 -45.08 1.90 31.17
C THR C 685 -44.99 1.21 32.52
N CYS C 686 -45.63 1.79 33.53
CA CYS C 686 -45.62 1.22 34.88
C CYS C 686 -46.20 -0.18 34.87
N GLY C 687 -45.53 -1.09 35.59
CA GLY C 687 -45.99 -2.45 35.74
C GLY C 687 -45.50 -3.43 34.70
N ARG C 688 -44.86 -2.95 33.64
CA ARG C 688 -44.33 -3.82 32.59
C ARG C 688 -42.86 -3.51 32.38
N MET C 689 -42.05 -4.56 32.28
CA MET C 689 -40.64 -4.38 31.95
C MET C 689 -40.50 -4.11 30.45
N ILE C 690 -39.63 -3.15 30.13
CA ILE C 690 -39.30 -2.81 28.75
C ILE C 690 -37.85 -3.19 28.51
N CYS C 691 -37.62 -3.99 27.49
CA CYS C 691 -36.28 -4.43 27.11
C CYS C 691 -35.95 -3.89 25.72
N ASP C 692 -34.80 -3.24 25.59
CA ASP C 692 -34.30 -2.76 24.33
C ASP C 692 -33.05 -3.54 23.98
N VAL C 693 -33.06 -4.19 22.81
CA VAL C 693 -31.91 -4.99 22.41
C VAL C 693 -30.68 -4.13 22.20
N GLU C 694 -30.85 -2.84 21.88
CA GLU C 694 -29.71 -1.96 21.70
C GLU C 694 -28.92 -1.78 23.00
N ILE C 695 -29.62 -1.46 24.09
CA ILE C 695 -28.93 -1.23 25.37
C ILE C 695 -28.26 -2.50 25.86
N SER C 696 -28.98 -3.63 25.82
CA SER C 696 -28.41 -4.89 26.29
C SER C 696 -27.23 -5.31 25.43
N ALA C 697 -27.34 -5.16 24.11
CA ALA C 697 -26.21 -5.49 23.23
C ALA C 697 -25.02 -4.59 23.49
N LYS C 698 -25.23 -3.30 23.70
CA LYS C 698 -24.14 -2.40 24.05
C LYS C 698 -23.50 -2.77 25.37
N GLU C 699 -24.28 -3.27 26.32
CA GLU C 699 -23.75 -3.66 27.62
C GLU C 699 -23.00 -4.98 27.60
N LEU C 700 -23.38 -5.92 26.74
CA LEU C 700 -22.80 -7.26 26.77
C LEU C 700 -21.80 -7.53 25.65
N ILE C 701 -21.95 -6.93 24.47
CA ILE C 701 -21.13 -7.26 23.32
C ILE C 701 -20.68 -5.98 22.62
N ARG C 702 -19.43 -5.99 22.15
CA ARG C 702 -18.83 -4.87 21.46
C ARG C 702 -18.91 -5.11 19.95
N CYS C 703 -19.47 -4.15 19.22
CA CYS C 703 -19.60 -4.24 17.78
C CYS C 703 -19.22 -2.90 17.16
N LYS C 704 -19.27 -2.85 15.83
CA LYS C 704 -18.92 -1.64 15.10
C LYS C 704 -20.10 -0.69 14.96
N SER C 705 -21.30 -1.20 14.79
CA SER C 705 -22.51 -0.38 14.71
C SER C 705 -23.62 -1.10 15.46
N TYR C 706 -24.50 -0.31 16.07
CA TYR C 706 -25.57 -0.86 16.91
C TYR C 706 -26.94 -0.67 16.29
N HIS C 707 -27.03 -0.68 14.96
CA HIS C 707 -28.30 -0.70 14.27
C HIS C 707 -28.85 -2.13 14.27
N LEU C 708 -30.00 -2.32 13.63
CA LEU C 708 -30.56 -3.67 13.55
C LEU C 708 -29.81 -4.52 12.54
N SER C 709 -29.36 -3.91 11.44
CA SER C 709 -28.70 -4.67 10.39
C SER C 709 -27.40 -5.29 10.86
N GLU C 710 -26.57 -4.52 11.57
CA GLU C 710 -25.30 -5.04 12.06
C GLU C 710 -25.50 -6.13 13.09
N LEU C 711 -26.48 -5.94 13.99
CA LEU C 711 -26.75 -6.96 15.00
C LEU C 711 -27.24 -8.25 14.36
N VAL C 712 -28.10 -8.17 13.36
CA VAL C 712 -28.54 -9.36 12.67
C VAL C 712 -27.40 -10.02 11.92
N GLN C 713 -26.51 -9.21 11.33
CA GLN C 713 -25.38 -9.74 10.59
C GLN C 713 -24.41 -10.49 11.50
N GLN C 714 -24.18 -9.97 12.71
CA GLN C 714 -23.17 -10.55 13.58
C GLN C 714 -23.74 -11.64 14.50
N ILE C 715 -24.76 -11.31 15.29
CA ILE C 715 -25.27 -12.25 16.28
C ILE C 715 -25.95 -13.44 15.61
N LEU C 716 -26.74 -13.19 14.56
CA LEU C 716 -27.49 -14.24 13.90
C LEU C 716 -26.81 -14.78 12.64
N LYS C 717 -25.81 -14.07 12.11
CA LYS C 717 -25.10 -14.48 10.89
C LYS C 717 -26.07 -14.63 9.72
N THR C 718 -26.84 -13.58 9.48
CA THR C 718 -27.83 -13.57 8.41
C THR C 718 -27.97 -12.16 7.87
N GLU C 719 -28.23 -12.06 6.57
CA GLU C 719 -28.38 -10.77 5.90
C GLU C 719 -29.84 -10.32 5.95
N ARG C 720 -30.03 -9.02 6.10
CA ARG C 720 -31.36 -8.43 6.26
C ARG C 720 -31.56 -7.36 5.20
N VAL C 721 -32.76 -7.34 4.59
CA VAL C 721 -33.09 -6.39 3.55
C VAL C 721 -33.62 -5.11 4.18
N VAL C 722 -33.20 -3.97 3.66
CA VAL C 722 -33.58 -2.66 4.20
C VAL C 722 -34.47 -1.96 3.19
N ILE C 723 -35.60 -1.43 3.66
CA ILE C 723 -36.55 -0.71 2.83
C ILE C 723 -36.42 0.78 3.14
N PRO C 724 -36.02 1.61 2.19
CA PRO C 724 -35.86 3.04 2.46
C PRO C 724 -37.19 3.75 2.65
N MET C 725 -37.11 4.94 3.23
CA MET C 725 -38.31 5.74 3.47
C MET C 725 -38.94 6.23 2.18
N GLU C 726 -38.13 6.58 1.18
CA GLU C 726 -38.66 7.16 -0.05
C GLU C 726 -39.54 6.18 -0.80
N ASN C 727 -39.13 4.91 -0.84
CA ASN C 727 -39.84 3.92 -1.65
C ASN C 727 -41.19 3.51 -1.07
N ILE C 728 -41.53 3.97 0.14
CA ILE C 728 -42.79 3.58 0.77
C ILE C 728 -43.99 4.02 -0.06
N GLN C 729 -43.93 5.25 -0.60
CA GLN C 729 -45.04 5.75 -1.40
C GLN C 729 -45.24 4.92 -2.66
N ASN C 730 -44.15 4.50 -3.30
CA ASN C 730 -44.26 3.73 -4.53
C ASN C 730 -44.95 2.39 -4.30
N MET C 731 -44.67 1.74 -3.18
CA MET C 731 -45.20 0.41 -2.92
C MET C 731 -46.63 0.40 -2.39
N TYR C 732 -47.37 1.49 -2.54
CA TYR C 732 -48.78 1.53 -2.22
C TYR C 732 -49.68 1.19 -3.41
N SER C 733 -49.09 0.85 -4.57
CA SER C 733 -49.87 0.64 -5.78
C SER C 733 -50.33 -0.79 -5.95
N GLU C 734 -49.51 -1.76 -5.57
CA GLU C 734 -49.83 -3.17 -5.73
C GLU C 734 -50.04 -3.84 -4.38
N SER C 735 -50.94 -4.83 -4.35
CA SER C 735 -51.19 -5.57 -3.14
C SER C 735 -49.95 -6.33 -2.68
N SER C 736 -49.21 -6.92 -3.63
CA SER C 736 -48.01 -7.65 -3.29
C SER C 736 -46.96 -6.78 -2.61
N GLN C 737 -46.91 -5.49 -2.92
CA GLN C 737 -45.92 -4.61 -2.30
C GLN C 737 -46.28 -4.31 -0.86
N LEU C 738 -47.56 -4.08 -0.57
CA LEU C 738 -48.00 -3.95 0.82
C LEU C 738 -47.77 -5.24 1.59
N LEU C 739 -48.00 -6.39 0.94
CA LEU C 739 -47.70 -7.67 1.57
C LEU C 739 -46.21 -7.80 1.88
N TYR C 740 -45.36 -7.35 0.97
CA TYR C 740 -43.91 -7.37 1.23
C TYR C 740 -43.55 -6.48 2.40
N LEU C 741 -44.14 -5.29 2.49
CA LEU C 741 -43.88 -4.41 3.62
C LEU C 741 -44.29 -5.07 4.94
N LEU C 742 -45.49 -5.67 4.97
CA LEU C 742 -45.95 -6.34 6.18
C LEU C 742 -45.06 -7.50 6.56
N GLU C 743 -44.65 -8.31 5.57
CA GLU C 743 -43.76 -9.42 5.84
C GLU C 743 -42.40 -8.96 6.33
N HIS C 744 -41.91 -7.83 5.82
CA HIS C 744 -40.64 -7.28 6.29
C HIS C 744 -40.74 -6.84 7.75
N THR C 745 -41.86 -6.20 8.11
CA THR C 745 -42.06 -5.85 9.52
C THR C 745 -42.11 -7.10 10.41
N TRP C 746 -42.81 -8.14 9.95
CA TRP C 746 -42.86 -9.40 10.69
C TRP C 746 -41.48 -10.00 10.85
N LYS C 747 -40.68 -9.98 9.77
CA LYS C 747 -39.32 -10.52 9.83
C LYS C 747 -38.46 -9.74 10.81
N ASP C 748 -38.63 -8.41 10.84
CA ASP C 748 -37.89 -7.61 11.81
C ASP C 748 -38.26 -7.97 13.24
N ALA C 749 -39.55 -8.17 13.52
CA ALA C 749 -39.96 -8.60 14.85
C ALA C 749 -39.35 -9.95 15.20
N LYS C 750 -39.37 -10.89 14.26
CA LYS C 750 -38.76 -12.19 14.50
C LYS C 750 -37.27 -12.09 14.76
N PHE C 751 -36.56 -11.23 14.02
CA PHE C 751 -35.14 -11.05 14.25
C PHE C 751 -34.87 -10.47 15.63
N ILE C 752 -35.68 -9.51 16.07
CA ILE C 752 -35.51 -8.95 17.41
C ILE C 752 -35.68 -10.03 18.46
N LEU C 753 -36.74 -10.85 18.33
CA LEU C 753 -36.95 -11.91 19.31
C LEU C 753 -35.81 -12.92 19.29
N GLN C 754 -35.31 -13.28 18.11
CA GLN C 754 -34.22 -14.24 18.03
C GLN C 754 -32.94 -13.70 18.65
N ILE C 755 -32.64 -12.42 18.43
CA ILE C 755 -31.46 -11.82 19.06
C ILE C 755 -31.59 -11.83 20.57
N MET C 756 -32.78 -11.46 21.08
CA MET C 756 -32.99 -11.50 22.52
C MET C 756 -32.80 -12.90 23.08
N CYS C 757 -33.34 -13.91 22.39
CA CYS C 757 -33.21 -15.29 22.87
C CYS C 757 -31.77 -15.77 22.80
N GLU C 758 -31.01 -15.34 21.80
CA GLU C 758 -29.64 -15.82 21.65
C GLU C 758 -28.72 -15.19 22.69
N LEU C 759 -28.90 -13.90 22.99
CA LEU C 759 -28.01 -13.25 23.95
C LEU C 759 -28.29 -13.67 25.40
N ASN C 760 -29.42 -14.32 25.67
CA ASN C 760 -29.79 -14.72 27.03
C ASN C 760 -29.82 -13.52 27.97
N VAL C 761 -30.52 -12.47 27.53
CA VAL C 761 -30.54 -11.22 28.30
C VAL C 761 -31.33 -11.40 29.59
N LEU C 762 -32.49 -12.04 29.51
CA LEU C 762 -33.38 -12.12 30.67
C LEU C 762 -32.79 -12.90 31.84
N PRO C 763 -32.21 -14.09 31.66
CA PRO C 763 -31.57 -14.77 32.81
C PRO C 763 -30.44 -13.97 33.44
N LEU C 764 -29.61 -13.32 32.62
CA LEU C 764 -28.54 -12.49 33.18
C LEU C 764 -29.11 -11.32 33.97
N ALA C 765 -30.15 -10.68 33.45
CA ALA C 765 -30.78 -9.57 34.17
C ALA C 765 -31.36 -10.04 35.50
N LEU C 766 -32.02 -11.21 35.49
CA LEU C 766 -32.58 -11.74 36.72
C LEU C 766 -31.48 -12.05 37.74
N GLN C 767 -30.38 -12.65 37.29
CA GLN C 767 -29.29 -12.97 38.20
C GLN C 767 -28.66 -11.71 38.79
N ILE C 768 -28.43 -10.69 37.95
CA ILE C 768 -27.82 -9.46 38.44
C ILE C 768 -28.76 -8.75 39.40
N THR C 769 -30.05 -8.75 39.11
CA THR C 769 -31.02 -8.12 40.00
C THR C 769 -31.16 -8.88 41.32
N ASN C 770 -31.00 -10.20 41.29
CA ASN C 770 -31.02 -10.99 42.52
C ASN C 770 -29.73 -10.86 43.31
N ILE C 771 -28.63 -10.47 42.66
CA ILE C 771 -27.37 -10.19 43.34
C ILE C 771 -27.40 -8.81 44.00
N ALA C 772 -27.74 -7.77 43.23
CA ALA C 772 -27.73 -6.42 43.78
C ALA C 772 -28.95 -6.17 44.67
N GLY C 773 -30.12 -6.64 44.28
CA GLY C 773 -31.31 -6.42 45.06
C GLY C 773 -32.16 -5.24 44.64
N ASN C 774 -31.88 -4.65 43.49
CA ASN C 774 -32.65 -3.51 43.00
C ASN C 774 -33.92 -4.00 42.32
N ILE C 775 -34.60 -3.09 41.62
CA ILE C 775 -35.77 -3.43 40.83
C ILE C 775 -35.33 -3.95 39.47
N MET C 776 -36.03 -4.96 38.96
CA MET C 776 -35.61 -5.60 37.73
C MET C 776 -35.71 -4.67 36.53
N SER C 777 -36.67 -3.76 36.53
CA SER C 777 -36.84 -2.87 35.38
C SER C 777 -35.66 -1.92 35.22
N ARG C 778 -35.06 -1.49 36.33
CA ARG C 778 -33.92 -0.59 36.24
C ARG C 778 -32.68 -1.30 35.69
N THR C 779 -32.59 -2.62 35.85
CA THR C 779 -31.43 -3.36 35.37
C THR C 779 -31.33 -3.32 33.86
N LEU C 780 -32.47 -3.42 33.16
CA LEU C 780 -32.46 -3.48 31.70
C LEU C 780 -32.12 -2.17 31.04
N MET C 781 -32.05 -1.06 31.79
CA MET C 781 -31.69 0.23 31.22
C MET C 781 -30.19 0.51 31.30
N GLY C 782 -29.40 -0.43 31.77
CA GLY C 782 -27.97 -0.22 31.88
C GLY C 782 -27.61 0.62 33.09
N GLY C 783 -26.34 1.01 33.13
CA GLY C 783 -25.81 1.76 34.25
C GLY C 783 -25.27 0.86 35.34
N ARG C 784 -24.15 1.26 35.96
CA ARG C 784 -23.50 0.44 36.96
C ARG C 784 -23.53 1.05 38.35
N SER C 785 -23.91 2.32 38.49
CA SER C 785 -23.88 2.96 39.80
C SER C 785 -25.04 2.50 40.68
N GLU C 786 -26.23 2.33 40.10
CA GLU C 786 -27.40 2.01 40.89
C GLU C 786 -27.29 0.63 41.55
N ARG C 787 -26.76 -0.35 40.81
CA ARG C 787 -26.61 -1.69 41.36
C ARG C 787 -25.67 -1.68 42.56
N ASN C 788 -24.53 -1.00 42.44
CA ASN C 788 -23.61 -0.88 43.55
C ASN C 788 -24.24 -0.13 44.72
N GLU C 789 -25.01 0.91 44.44
CA GLU C 789 -25.68 1.65 45.50
C GLU C 789 -26.60 0.76 46.31
N PHE C 790 -27.47 0.01 45.64
CA PHE C 790 -28.36 -0.89 46.37
C PHE C 790 -27.60 -2.03 47.06
N LEU C 791 -26.53 -2.54 46.45
CA LEU C 791 -25.77 -3.61 47.09
C LEU C 791 -25.16 -3.12 48.40
N LEU C 792 -24.49 -1.97 48.37
CA LEU C 792 -23.92 -1.43 49.59
C LEU C 792 -25.00 -1.03 50.59
N LEU C 793 -26.15 -0.56 50.11
CA LEU C 793 -27.25 -0.23 51.03
C LEU C 793 -27.72 -1.45 51.79
N HIS C 794 -27.94 -2.57 51.08
CA HIS C 794 -28.32 -3.81 51.74
C HIS C 794 -27.25 -4.27 52.71
N ALA C 795 -25.98 -4.20 52.30
CA ALA C 795 -24.89 -4.64 53.16
C ALA C 795 -24.85 -3.84 54.46
N PHE C 796 -25.01 -2.52 54.37
CA PHE C 796 -24.92 -1.70 55.57
C PHE C 796 -26.18 -1.80 56.43
N TYR C 797 -27.36 -1.93 55.81
CA TYR C 797 -28.58 -2.08 56.60
C TYR C 797 -28.62 -3.41 57.32
N GLU C 798 -28.01 -4.45 56.76
CA GLU C 798 -28.04 -5.75 57.42
C GLU C 798 -27.25 -5.73 58.72
N ASN C 799 -26.23 -4.88 58.83
CA ASN C 799 -25.34 -4.83 59.99
C ASN C 799 -25.66 -3.66 60.91
N ASN C 800 -26.89 -3.16 60.91
CA ASN C 800 -27.35 -2.15 61.86
C ASN C 800 -26.51 -0.87 61.76
N TYR C 801 -26.58 -0.23 60.60
CA TYR C 801 -25.83 0.99 60.32
C TYR C 801 -26.78 2.11 59.93
N ILE C 802 -26.22 3.30 59.75
CA ILE C 802 -26.92 4.47 59.22
C ILE C 802 -26.23 4.88 57.93
N VAL C 803 -26.99 5.03 56.86
CA VAL C 803 -26.43 5.30 55.54
C VAL C 803 -26.50 6.79 55.23
N PRO C 804 -25.59 7.30 54.40
CA PRO C 804 -25.68 8.71 54.01
C PRO C 804 -26.94 8.98 53.20
N ASP C 805 -27.46 10.20 53.35
CA ASP C 805 -28.68 10.58 52.66
C ASP C 805 -28.41 10.88 51.19
N LYS C 806 -29.47 10.84 50.40
CA LYS C 806 -29.36 11.13 48.98
C LYS C 806 -29.08 12.62 48.76
N GLN C 807 -28.43 12.92 47.64
CA GLN C 807 -28.11 14.29 47.27
C GLN C 807 -29.29 14.92 46.54
N ILE C 808 -29.70 16.11 47.01
CA ILE C 808 -30.82 16.81 46.40
C ILE C 808 -30.31 17.91 45.48
N ALA C 837 -8.58 13.62 35.56
CA ALA C 837 -8.13 12.71 36.60
C ALA C 837 -8.12 13.41 37.96
N ALA C 838 -8.24 12.62 39.03
CA ALA C 838 -8.26 13.16 40.37
C ALA C 838 -7.34 12.43 41.35
N TYR C 839 -6.84 11.26 41.00
CA TYR C 839 -5.90 10.54 41.85
C TYR C 839 -5.06 9.62 40.98
N ALA C 840 -3.94 9.18 41.55
CA ALA C 840 -3.00 8.36 40.80
C ALA C 840 -3.63 7.01 40.45
N GLY C 841 -3.34 6.54 39.23
CA GLY C 841 -3.91 5.30 38.75
C GLY C 841 -2.89 4.19 38.62
N GLY C 842 -2.99 3.40 37.55
CA GLY C 842 -2.11 2.28 37.36
C GLY C 842 -0.74 2.68 36.85
N LEU C 843 0.19 1.74 36.92
CA LEU C 843 1.55 1.91 36.45
C LEU C 843 1.78 1.08 35.20
N VAL C 844 2.23 1.73 34.12
CA VAL C 844 2.59 1.05 32.89
C VAL C 844 4.09 1.22 32.67
N LEU C 845 4.77 0.11 32.41
CA LEU C 845 6.21 0.12 32.27
C LEU C 845 6.63 0.62 30.89
N ASP C 846 7.87 1.07 30.81
CA ASP C 846 8.42 1.53 29.54
C ASP C 846 8.73 0.32 28.66
N PRO C 847 8.16 0.21 27.47
CA PRO C 847 8.37 -0.97 26.64
C PRO C 847 9.70 -0.93 25.91
N LYS C 848 10.01 -2.04 25.25
CA LYS C 848 11.19 -2.19 24.40
C LYS C 848 10.67 -2.49 22.99
N VAL C 849 10.53 -1.43 22.19
CA VAL C 849 9.90 -1.52 20.89
C VAL C 849 10.68 -2.46 19.99
N GLY C 850 9.98 -3.35 19.30
CA GLY C 850 10.64 -4.17 18.31
C GLY C 850 9.96 -5.50 18.07
N PHE C 851 10.71 -6.37 17.39
CA PHE C 851 10.23 -7.67 16.95
C PHE C 851 10.99 -8.78 17.69
N TYR C 852 10.26 -9.79 18.13
CA TYR C 852 10.82 -10.90 18.89
C TYR C 852 10.40 -12.22 18.27
N ASP C 853 11.39 -13.06 17.98
CA ASP C 853 11.17 -14.39 17.42
C ASP C 853 11.09 -15.49 18.46
N LYS C 854 11.71 -15.30 19.63
CA LYS C 854 11.75 -16.34 20.64
C LYS C 854 10.48 -16.33 21.50
N PHE C 855 10.40 -17.29 22.40
CA PHE C 855 9.20 -17.46 23.23
C PHE C 855 9.14 -16.40 24.32
N ILE C 856 7.93 -15.95 24.62
CA ILE C 856 7.69 -14.93 25.62
C ILE C 856 6.62 -15.43 26.59
N LEU C 857 6.92 -15.38 27.89
CA LEU C 857 5.95 -15.69 28.93
C LEU C 857 5.18 -14.44 29.30
N LEU C 858 3.93 -14.62 29.70
CA LEU C 858 3.11 -13.52 30.19
C LEU C 858 2.43 -13.95 31.47
N LEU C 859 2.74 -13.27 32.56
CA LEU C 859 2.21 -13.57 33.88
C LEU C 859 1.18 -12.52 34.27
N ASP C 860 0.04 -12.99 34.77
CA ASP C 860 -1.09 -12.12 35.03
C ASP C 860 -1.69 -12.44 36.40
N PHE C 861 -2.20 -11.41 37.06
CA PHE C 861 -2.83 -11.56 38.37
C PHE C 861 -4.33 -11.80 38.22
N ASN C 862 -4.87 -12.63 39.10
CA ASN C 862 -6.29 -12.99 39.08
C ASN C 862 -7.06 -12.06 40.01
N SER C 863 -7.91 -11.22 39.42
CA SER C 863 -8.78 -10.32 40.18
C SER C 863 -7.98 -9.44 41.12
N LEU C 864 -7.15 -8.57 40.52
CA LEU C 864 -6.13 -7.85 41.28
C LEU C 864 -6.74 -6.98 42.37
N TYR C 865 -7.55 -6.00 41.97
CA TYR C 865 -8.06 -5.03 42.95
C TYR C 865 -8.96 -5.64 44.01
N PRO C 866 -9.92 -6.51 43.68
CA PRO C 866 -10.64 -7.23 44.75
C PRO C 866 -9.73 -8.03 45.66
N SER C 867 -8.68 -8.64 45.11
CA SER C 867 -7.72 -9.37 45.94
C SER C 867 -7.01 -8.42 46.89
N ILE C 868 -6.64 -7.23 46.43
CA ILE C 868 -6.02 -6.24 47.30
C ILE C 868 -6.96 -5.85 48.43
N ILE C 869 -8.24 -5.60 48.08
CA ILE C 869 -9.22 -5.20 49.08
C ILE C 869 -9.38 -6.29 50.14
N GLN C 870 -9.47 -7.55 49.72
CA GLN C 870 -9.59 -8.64 50.68
C GLN C 870 -8.32 -8.82 51.49
N GLU C 871 -7.16 -8.59 50.88
CA GLU C 871 -5.88 -8.85 51.54
C GLU C 871 -5.61 -7.85 52.64
N PHE C 872 -5.80 -6.55 52.37
CA PHE C 872 -5.43 -5.52 53.31
C PHE C 872 -6.61 -4.97 54.09
N ASN C 873 -7.76 -5.65 54.06
CA ASN C 873 -8.94 -5.28 54.84
C ASN C 873 -9.34 -3.83 54.57
N ILE C 874 -9.35 -3.46 53.30
CA ILE C 874 -9.70 -2.11 52.88
C ILE C 874 -11.22 -1.97 52.91
N CYS C 875 -11.71 -1.12 53.81
CA CYS C 875 -13.15 -0.96 53.98
C CYS C 875 -13.43 0.40 54.62
N PHE C 876 -14.71 0.79 54.57
CA PHE C 876 -15.11 2.07 55.16
C PHE C 876 -14.87 2.09 56.66
N THR C 877 -15.20 0.99 57.35
CA THR C 877 -15.13 0.96 58.80
C THR C 877 -13.69 0.90 59.30
N THR C 878 -12.79 0.28 58.53
CA THR C 878 -11.47 -0.05 59.02
C THR C 878 -10.41 1.00 58.69
N VAL C 879 -10.64 1.83 57.68
CA VAL C 879 -9.65 2.79 57.20
C VAL C 879 -10.07 4.19 57.62
N GLN C 880 -9.14 4.91 58.25
CA GLN C 880 -9.38 6.30 58.63
C GLN C 880 -9.21 7.22 57.42
N ARG C 881 -9.92 8.34 57.46
CA ARG C 881 -9.89 9.31 56.36
C ARG C 881 -10.35 10.66 56.90
N VAL C 882 -10.51 11.62 56.00
CA VAL C 882 -10.96 12.96 56.38
C VAL C 882 -12.25 13.30 55.65
N GLU C 896 -5.34 15.54 48.41
CA GLU C 896 -4.70 14.37 47.82
C GLU C 896 -3.66 13.79 48.76
N GLN C 897 -4.07 12.83 49.59
CA GLN C 897 -3.18 12.19 50.55
C GLN C 897 -3.53 10.71 50.62
N ILE C 898 -2.49 9.87 50.68
CA ILE C 898 -2.67 8.43 50.73
C ILE C 898 -2.76 8.02 52.20
N PRO C 899 -3.87 7.42 52.63
CA PRO C 899 -3.97 6.96 54.03
C PRO C 899 -3.10 5.74 54.26
N GLU C 900 -2.89 5.44 55.54
CA GLU C 900 -2.07 4.30 55.94
C GLU C 900 -2.92 3.04 56.06
N LEU C 901 -2.24 1.89 55.95
CA LEU C 901 -2.92 0.62 56.06
C LEU C 901 -3.46 0.41 57.48
N PRO C 902 -4.57 -0.31 57.62
CA PRO C 902 -5.14 -0.53 58.94
C PRO C 902 -4.44 -1.67 59.69
N ASP C 903 -4.74 -1.76 60.97
CA ASP C 903 -4.18 -2.80 61.80
C ASP C 903 -4.71 -4.17 61.37
N PRO C 904 -3.86 -5.19 61.28
CA PRO C 904 -4.32 -6.50 60.80
C PRO C 904 -5.16 -7.28 61.81
N SER C 905 -5.20 -6.86 63.07
CA SER C 905 -5.94 -7.62 64.07
C SER C 905 -7.44 -7.46 63.93
N LEU C 906 -7.90 -6.31 63.41
CA LEU C 906 -9.33 -6.07 63.29
C LEU C 906 -9.97 -7.01 62.28
N GLU C 907 -11.24 -7.32 62.50
CA GLU C 907 -11.95 -8.27 61.65
C GLU C 907 -12.22 -7.66 60.28
N MET C 908 -12.72 -8.51 59.37
CA MET C 908 -13.00 -8.08 58.01
C MET C 908 -14.13 -7.06 57.99
N GLY C 909 -14.06 -6.14 57.03
CA GLY C 909 -15.05 -5.10 56.88
C GLY C 909 -16.22 -5.53 56.02
N ILE C 910 -17.08 -4.54 55.71
CA ILE C 910 -18.27 -4.82 54.93
C ILE C 910 -17.91 -5.04 53.46
N LEU C 911 -17.03 -4.20 52.92
CA LEU C 911 -16.71 -4.25 51.49
C LEU C 911 -16.08 -5.56 51.04
N PRO C 912 -15.04 -6.09 51.68
CA PRO C 912 -14.42 -7.31 51.17
C PRO C 912 -15.32 -8.54 51.24
N ARG C 913 -16.16 -8.65 52.27
CA ARG C 913 -17.07 -9.79 52.34
C ARG C 913 -18.06 -9.77 51.19
N GLU C 914 -18.51 -8.59 50.78
CA GLU C 914 -19.44 -8.52 49.67
C GLU C 914 -18.76 -8.72 48.32
N ILE C 915 -17.49 -8.32 48.19
CA ILE C 915 -16.82 -8.53 46.91
C ILE C 915 -16.35 -9.98 46.75
N ARG C 916 -16.13 -10.67 47.89
CA ARG C 916 -15.76 -12.07 47.85
C ARG C 916 -16.82 -12.91 47.16
N LYS C 917 -18.10 -12.60 47.40
CA LYS C 917 -19.17 -13.38 46.79
C LYS C 917 -19.16 -13.26 45.27
N LEU C 918 -18.94 -12.05 44.74
CA LEU C 918 -18.84 -11.88 43.30
C LEU C 918 -17.65 -12.64 42.73
N VAL C 919 -16.51 -12.58 43.43
CA VAL C 919 -15.34 -13.33 42.97
C VAL C 919 -15.64 -14.83 42.95
N GLU C 920 -16.30 -15.33 43.99
CA GLU C 920 -16.61 -16.76 44.06
C GLU C 920 -17.60 -17.17 42.97
N ARG C 921 -18.58 -16.30 42.66
CA ARG C 921 -19.50 -16.62 41.58
C ARG C 921 -18.76 -16.70 40.24
N ARG C 922 -17.83 -15.77 40.00
CA ARG C 922 -17.06 -15.86 38.76
C ARG C 922 -16.24 -17.13 38.71
N LYS C 923 -15.61 -17.51 39.82
CA LYS C 923 -14.87 -18.77 39.86
C LYS C 923 -15.77 -19.98 39.65
N GLN C 924 -17.02 -19.93 40.14
CA GLN C 924 -17.97 -21.00 39.87
C GLN C 924 -18.30 -21.09 38.40
N VAL C 925 -18.49 -19.95 37.73
CA VAL C 925 -18.80 -19.96 36.31
C VAL C 925 -17.63 -20.52 35.50
N LYS C 926 -16.41 -20.16 35.88
CA LYS C 926 -15.25 -20.65 35.14
C LYS C 926 -15.10 -22.17 35.25
N GLN C 927 -15.46 -22.75 36.38
CA GLN C 927 -15.39 -24.20 36.53
C GLN C 927 -16.34 -24.90 35.57
N LEU C 928 -17.56 -24.39 35.44
CA LEU C 928 -18.47 -24.92 34.42
C LEU C 928 -17.91 -24.71 33.02
N MET C 929 -17.26 -23.57 32.79
CA MET C 929 -16.62 -23.33 31.49
C MET C 929 -15.52 -24.35 31.21
N LYS C 930 -14.89 -24.89 32.25
CA LYS C 930 -13.79 -25.85 32.08
C LYS C 930 -14.26 -27.19 31.53
N GLN C 931 -15.55 -27.50 31.62
CA GLN C 931 -16.04 -28.82 31.26
C GLN C 931 -15.78 -29.14 29.79
N GLN C 932 -15.69 -30.42 29.48
CA GLN C 932 -15.37 -30.88 28.14
C GLN C 932 -16.65 -31.24 27.38
N ASP C 933 -16.59 -31.13 26.05
CA ASP C 933 -17.69 -31.48 25.16
C ASP C 933 -18.95 -30.67 25.48
N LEU C 934 -18.81 -29.35 25.34
CA LEU C 934 -19.90 -28.42 25.53
C LEU C 934 -20.37 -27.85 24.20
N ASN C 935 -21.64 -27.49 24.15
CA ASN C 935 -22.22 -26.90 22.95
C ASN C 935 -21.53 -25.57 22.66
N PRO C 936 -21.20 -25.27 21.39
CA PRO C 936 -20.51 -24.00 21.10
C PRO C 936 -21.25 -22.75 21.54
N ASP C 937 -22.58 -22.74 21.53
CA ASP C 937 -23.30 -21.56 21.99
C ASP C 937 -23.26 -21.43 23.51
N LEU C 938 -23.24 -22.57 24.22
CA LEU C 938 -23.20 -22.54 25.67
C LEU C 938 -21.90 -21.92 26.18
N ILE C 939 -20.78 -22.18 25.49
CA ILE C 939 -19.50 -21.63 25.92
C ILE C 939 -19.50 -20.11 25.77
N LEU C 940 -20.10 -19.60 24.69
CA LEU C 940 -20.19 -18.15 24.51
C LEU C 940 -21.12 -17.53 25.55
N GLN C 941 -22.23 -18.20 25.86
CA GLN C 941 -23.11 -17.69 26.92
C GLN C 941 -22.39 -17.62 28.26
N TYR C 942 -21.62 -18.66 28.60
CA TYR C 942 -20.85 -18.64 29.84
C TYR C 942 -19.78 -17.56 29.83
N ASP C 943 -19.15 -17.32 28.67
CA ASP C 943 -18.16 -16.25 28.58
C ASP C 943 -18.80 -14.89 28.83
N ILE C 944 -19.97 -14.65 28.25
CA ILE C 944 -20.68 -13.39 28.49
C ILE C 944 -21.04 -13.27 29.97
N ARG C 945 -21.50 -14.37 30.58
CA ARG C 945 -21.87 -14.34 31.98
C ARG C 945 -20.68 -13.97 32.87
N GLN C 946 -19.53 -14.61 32.64
CA GLN C 946 -18.36 -14.32 33.47
C GLN C 946 -17.82 -12.91 33.22
N LYS C 947 -17.91 -12.42 31.98
CA LYS C 947 -17.50 -11.04 31.73
C LYS C 947 -18.40 -10.06 32.47
N ALA C 948 -19.72 -10.31 32.46
CA ALA C 948 -20.63 -9.43 33.18
C ALA C 948 -20.35 -9.45 34.67
N LEU C 949 -20.10 -10.63 35.24
CA LEU C 949 -19.77 -10.69 36.67
C LEU C 949 -18.46 -10.00 36.98
N LYS C 950 -17.46 -10.13 36.11
CA LYS C 950 -16.20 -9.42 36.30
C LYS C 950 -16.39 -7.91 36.28
N LEU C 951 -17.19 -7.41 35.34
CA LEU C 951 -17.46 -5.97 35.31
C LEU C 951 -18.22 -5.53 36.55
N THR C 952 -19.16 -6.33 37.03
CA THR C 952 -19.87 -5.98 38.26
C THR C 952 -18.91 -5.93 39.44
N ALA C 953 -17.97 -6.87 39.53
CA ALA C 953 -17.01 -6.86 40.62
C ALA C 953 -16.07 -5.66 40.53
N ASN C 954 -15.64 -5.30 39.32
CA ASN C 954 -14.69 -4.21 39.16
C ASN C 954 -15.33 -2.83 39.17
N SER C 955 -16.66 -2.75 39.05
CA SER C 955 -17.32 -1.46 39.19
C SER C 955 -17.48 -1.02 40.64
N MET C 956 -17.34 -1.95 41.59
CA MET C 956 -17.40 -1.58 43.00
C MET C 956 -16.23 -0.66 43.37
N TYR C 957 -15.07 -0.90 42.76
CA TYR C 957 -13.93 -0.01 42.95
C TYR C 957 -14.16 1.32 42.26
N GLY C 958 -14.74 1.29 41.05
CA GLY C 958 -14.95 2.52 40.30
C GLY C 958 -15.93 3.46 40.97
N CYS C 959 -16.97 2.90 41.59
CA CYS C 959 -17.96 3.73 42.27
C CYS C 959 -17.37 4.48 43.46
N LEU C 960 -16.19 4.08 43.94
CA LEU C 960 -15.57 4.78 45.06
C LEU C 960 -14.97 6.11 44.63
N GLY C 961 -14.78 6.33 43.34
CA GLY C 961 -14.25 7.59 42.83
C GLY C 961 -15.24 8.43 42.03
N PHE C 962 -16.53 8.12 42.09
CA PHE C 962 -17.54 8.87 41.35
C PHE C 962 -18.06 10.00 42.23
N SER C 963 -17.87 11.23 41.78
CA SER C 963 -18.18 12.40 42.60
C SER C 963 -19.65 12.49 42.97
N TYR C 964 -20.54 11.89 42.18
CA TYR C 964 -21.97 11.92 42.46
C TYR C 964 -22.47 10.64 43.13
N SER C 965 -21.58 9.73 43.48
CA SER C 965 -22.00 8.48 44.10
C SER C 965 -22.42 8.71 45.55
N ARG C 966 -23.29 7.82 46.04
CA ARG C 966 -23.74 7.91 47.42
C ARG C 966 -22.64 7.53 48.41
N PHE C 967 -21.59 6.87 47.95
CA PHE C 967 -20.51 6.43 48.83
C PHE C 967 -19.15 6.90 48.31
N TYR C 968 -19.06 8.19 47.98
CA TYR C 968 -17.82 8.75 47.46
C TYR C 968 -16.71 8.70 48.51
N ALA C 969 -15.56 8.12 48.13
CA ALA C 969 -14.40 8.05 49.01
C ALA C 969 -13.15 7.97 48.14
N LYS C 970 -12.52 9.12 47.93
CA LYS C 970 -11.27 9.17 47.16
C LYS C 970 -10.11 8.42 47.83
N PRO C 971 -9.84 8.60 49.13
CA PRO C 971 -8.65 7.95 49.71
C PRO C 971 -8.62 6.44 49.55
N LEU C 972 -9.78 5.79 49.54
CA LEU C 972 -9.80 4.33 49.42
C LEU C 972 -9.28 3.89 48.06
N ALA C 973 -9.77 4.54 46.99
CA ALA C 973 -9.27 4.26 45.65
C ALA C 973 -7.80 4.64 45.52
N ALA C 974 -7.38 5.76 46.12
CA ALA C 974 -5.97 6.12 46.09
C ALA C 974 -5.11 5.05 46.74
N LEU C 975 -5.55 4.51 47.88
CA LEU C 975 -4.79 3.48 48.57
C LEU C 975 -4.71 2.20 47.74
N VAL C 976 -5.82 1.79 47.13
CA VAL C 976 -5.76 0.54 46.36
C VAL C 976 -4.87 0.71 45.13
N THR C 977 -4.92 1.88 44.48
CA THR C 977 -4.02 2.11 43.35
C THR C 977 -2.56 2.14 43.80
N TYR C 978 -2.27 2.75 44.95
CA TYR C 978 -0.90 2.78 45.46
C TYR C 978 -0.40 1.36 45.73
N LYS C 979 -1.22 0.53 46.35
CA LYS C 979 -0.81 -0.85 46.61
C LYS C 979 -0.63 -1.62 45.32
N GLY C 980 -1.47 -1.38 44.31
CA GLY C 980 -1.27 -2.03 43.03
C GLY C 980 0.06 -1.67 42.38
N ARG C 981 0.40 -0.36 42.40
CA ARG C 981 1.69 0.06 41.86
C ARG C 981 2.84 -0.57 42.63
N GLU C 982 2.73 -0.62 43.96
CA GLU C 982 3.79 -1.22 44.77
C GLU C 982 3.96 -2.70 44.45
N ILE C 983 2.86 -3.43 44.29
CA ILE C 983 2.94 -4.85 43.95
C ILE C 983 3.61 -5.03 42.60
N LEU C 984 3.22 -4.22 41.60
CA LEU C 984 3.83 -4.33 40.29
C LEU C 984 5.34 -4.07 40.35
N MET C 985 5.75 -3.00 41.04
CA MET C 985 7.16 -2.67 41.11
C MET C 985 7.96 -3.75 41.83
N HIS C 986 7.44 -4.25 42.96
CA HIS C 986 8.13 -5.29 43.70
C HIS C 986 8.27 -6.57 42.87
N THR C 987 7.21 -6.96 42.17
CA THR C 987 7.28 -8.17 41.36
C THR C 987 8.26 -7.99 40.20
N LYS C 988 8.30 -6.80 39.59
CA LYS C 988 9.26 -6.57 38.52
C LYS C 988 10.69 -6.66 39.05
N GLU C 989 10.96 -6.07 40.20
CA GLU C 989 12.30 -6.19 40.78
C GLU C 989 12.65 -7.64 41.06
N MET C 990 11.71 -8.41 41.60
CA MET C 990 12.01 -9.79 41.97
C MET C 990 12.24 -10.65 40.72
N VAL C 991 11.48 -10.41 39.65
CA VAL C 991 11.71 -11.21 38.44
C VAL C 991 13.02 -10.80 37.77
N GLN C 992 13.38 -9.52 37.81
CA GLN C 992 14.69 -9.12 37.28
C GLN C 992 15.84 -9.68 38.11
N LYS C 993 15.62 -9.93 39.40
CA LYS C 993 16.67 -10.47 40.24
C LYS C 993 17.09 -11.87 39.81
N MET C 994 16.20 -12.61 39.14
CA MET C 994 16.49 -13.97 38.72
C MET C 994 17.18 -14.05 37.37
N ASN C 995 17.85 -12.98 36.92
CA ASN C 995 18.56 -12.95 35.64
C ASN C 995 17.59 -13.21 34.49
N LEU C 996 16.49 -12.46 34.49
CA LEU C 996 15.50 -12.53 33.43
C LEU C 996 15.11 -11.11 33.03
N GLU C 997 14.56 -10.98 31.82
CA GLU C 997 14.28 -9.69 31.22
C GLU C 997 12.78 -9.44 31.18
N VAL C 998 12.38 -8.22 31.50
CA VAL C 998 10.99 -7.78 31.39
C VAL C 998 10.90 -6.74 30.29
N ILE C 999 9.97 -6.94 29.36
CA ILE C 999 9.81 -6.02 28.24
C ILE C 999 8.50 -5.22 28.29
N TYR C 1000 7.49 -5.67 29.03
CA TYR C 1000 6.24 -4.93 29.09
C TYR C 1000 5.44 -5.37 30.30
N GLY C 1001 4.51 -4.51 30.72
CA GLY C 1001 3.62 -4.79 31.82
C GLY C 1001 2.60 -3.68 32.02
N ASP C 1002 1.33 -4.04 32.23
CA ASP C 1002 0.26 -3.05 32.36
C ASP C 1002 -0.54 -3.32 33.64
N THR C 1003 0.00 -2.85 34.77
CA THR C 1003 -0.68 -2.69 36.05
C THR C 1003 -1.04 -4.01 36.71
N ASP C 1004 -1.01 -5.12 35.98
CA ASP C 1004 -1.16 -6.43 36.59
C ASP C 1004 -0.36 -7.53 35.90
N SER C 1005 0.42 -7.22 34.88
CA SER C 1005 1.02 -8.24 34.04
C SER C 1005 2.51 -8.00 33.90
N ILE C 1006 3.23 -9.08 33.61
CA ILE C 1006 4.68 -9.02 33.34
C ILE C 1006 4.97 -9.90 32.15
N MET C 1007 5.70 -9.35 31.17
CA MET C 1007 6.09 -10.10 29.98
C MET C 1007 7.58 -10.39 30.05
N ILE C 1008 7.93 -11.67 30.01
CA ILE C 1008 9.30 -12.15 30.21
C ILE C 1008 9.82 -12.72 28.89
N ASN C 1009 11.00 -12.27 28.49
CA ASN C 1009 11.68 -12.77 27.29
C ASN C 1009 12.60 -13.91 27.71
N THR C 1010 12.12 -15.14 27.54
CA THR C 1010 12.90 -16.31 27.98
C THR C 1010 14.08 -16.58 27.05
N ASN C 1011 13.99 -16.16 25.79
CA ASN C 1011 15.05 -16.31 24.80
C ASN C 1011 15.37 -17.78 24.50
N SER C 1012 14.45 -18.69 24.82
CA SER C 1012 14.62 -20.10 24.55
C SER C 1012 13.76 -20.51 23.37
N THR C 1013 13.81 -21.80 23.03
CA THR C 1013 13.04 -22.33 21.92
C THR C 1013 12.36 -23.67 22.22
N ASN C 1014 12.54 -24.22 23.42
CA ASN C 1014 11.88 -25.46 23.83
C ASN C 1014 10.75 -25.16 24.80
N LEU C 1015 9.61 -25.85 24.60
CA LEU C 1015 8.39 -25.52 25.34
C LEU C 1015 8.43 -26.02 26.78
N GLU C 1016 9.02 -27.19 27.01
CA GLU C 1016 9.01 -27.77 28.35
C GLU C 1016 9.77 -26.89 29.33
N GLU C 1017 10.94 -26.39 28.92
CA GLU C 1017 11.73 -25.55 29.81
C GLU C 1017 11.06 -24.21 30.10
N VAL C 1018 10.40 -23.61 29.10
CA VAL C 1018 9.73 -22.34 29.36
C VAL C 1018 8.53 -22.55 30.28
N PHE C 1019 7.81 -23.68 30.12
CA PHE C 1019 6.77 -24.00 31.08
C PHE C 1019 7.34 -24.18 32.48
N LYS C 1020 8.49 -24.85 32.60
CA LYS C 1020 9.10 -25.04 33.91
C LYS C 1020 9.51 -23.71 34.53
N LEU C 1021 10.09 -22.81 33.73
CA LEU C 1021 10.47 -21.50 34.24
C LEU C 1021 9.25 -20.70 34.68
N GLY C 1022 8.17 -20.76 33.90
CA GLY C 1022 6.96 -20.09 34.30
C GLY C 1022 6.41 -20.63 35.61
N ASN C 1023 6.43 -21.96 35.77
CA ASN C 1023 5.98 -22.56 37.02
C ASN C 1023 6.84 -22.15 38.20
N LYS C 1024 8.17 -22.10 38.01
CA LYS C 1024 9.06 -21.69 39.08
C LYS C 1024 8.78 -20.25 39.51
N VAL C 1025 8.65 -19.34 38.54
CA VAL C 1025 8.36 -17.95 38.86
C VAL C 1025 6.98 -17.83 39.52
N LYS C 1026 6.01 -18.62 39.05
CA LYS C 1026 4.68 -18.62 39.65
C LYS C 1026 4.74 -19.01 41.12
N SER C 1027 5.47 -20.09 41.43
CA SER C 1027 5.60 -20.51 42.83
C SER C 1027 6.30 -19.45 43.66
N GLU C 1028 7.37 -18.86 43.12
CA GLU C 1028 8.11 -17.85 43.87
C GLU C 1028 7.24 -16.63 44.16
N VAL C 1029 6.42 -16.22 43.19
CA VAL C 1029 5.53 -15.08 43.40
C VAL C 1029 4.45 -15.43 44.41
N ASN C 1030 3.81 -16.59 44.25
CA ASN C 1030 2.67 -16.94 45.09
C ASN C 1030 3.08 -17.26 46.53
N LYS C 1031 4.34 -17.59 46.79
CA LYS C 1031 4.75 -17.85 48.16
C LYS C 1031 4.58 -16.64 49.05
N LEU C 1032 4.70 -15.42 48.49
CA LEU C 1032 4.72 -14.22 49.32
C LEU C 1032 3.34 -13.89 49.89
N TYR C 1033 2.29 -13.94 49.09
CA TYR C 1033 0.99 -13.44 49.49
C TYR C 1033 0.07 -14.58 49.91
N LYS C 1034 -1.08 -14.20 50.49
CA LYS C 1034 -2.05 -15.17 50.99
C LYS C 1034 -3.15 -15.46 49.97
N LEU C 1035 -3.88 -14.42 49.56
CA LEU C 1035 -5.00 -14.59 48.63
C LEU C 1035 -4.65 -14.30 47.19
N LEU C 1036 -3.74 -13.36 46.94
CA LEU C 1036 -3.38 -13.01 45.57
C LEU C 1036 -2.69 -14.19 44.89
N GLU C 1037 -2.99 -14.38 43.61
CA GLU C 1037 -2.42 -15.47 42.83
C GLU C 1037 -2.01 -14.95 41.47
N ILE C 1038 -1.04 -15.62 40.86
CA ILE C 1038 -0.51 -15.27 39.56
C ILE C 1038 -0.55 -16.51 38.68
N ASP C 1039 -0.89 -16.34 37.41
CA ASP C 1039 -1.03 -17.43 36.47
C ASP C 1039 -0.36 -17.06 35.14
N ILE C 1040 -0.04 -18.09 34.36
CA ILE C 1040 0.51 -17.91 33.03
C ILE C 1040 -0.66 -17.70 32.08
N ASP C 1041 -0.84 -16.46 31.61
CA ASP C 1041 -1.98 -16.18 30.73
C ASP C 1041 -1.78 -16.81 29.36
N GLY C 1042 -0.57 -16.77 28.82
CA GLY C 1042 -0.29 -17.39 27.54
C GLY C 1042 1.20 -17.36 27.26
N VAL C 1043 1.58 -18.08 26.21
CA VAL C 1043 2.97 -18.17 25.77
C VAL C 1043 3.00 -17.74 24.31
N PHE C 1044 3.74 -16.69 24.01
CA PHE C 1044 3.82 -16.13 22.67
C PHE C 1044 4.91 -16.82 21.87
N LYS C 1045 4.71 -16.86 20.54
CA LYS C 1045 5.70 -17.42 19.63
C LYS C 1045 6.52 -16.32 18.96
N SER C 1046 5.86 -15.42 18.25
CA SER C 1046 6.48 -14.25 17.65
C SER C 1046 5.66 -13.02 18.00
N LEU C 1047 6.35 -11.95 18.41
CA LEU C 1047 5.65 -10.78 18.94
C LEU C 1047 6.21 -9.50 18.33
N LEU C 1048 5.32 -8.64 17.86
CA LEU C 1048 5.69 -7.32 17.35
C LEU C 1048 5.10 -6.29 18.31
N LEU C 1049 5.97 -5.58 19.03
CA LEU C 1049 5.56 -4.59 20.01
C LEU C 1049 5.87 -3.21 19.47
N LEU C 1050 4.83 -2.40 19.25
CA LEU C 1050 4.99 -1.12 18.58
C LEU C 1050 5.21 0.02 19.58
N LYS C 1051 4.26 0.22 20.49
CA LYS C 1051 4.32 1.26 21.50
C LYS C 1051 3.63 0.73 22.76
N LYS C 1052 3.30 1.63 23.67
CA LYS C 1052 2.53 1.25 24.85
C LYS C 1052 1.12 0.85 24.43
N LYS C 1053 0.64 -0.28 24.96
CA LYS C 1053 -0.69 -0.80 24.68
C LYS C 1053 -0.90 -1.09 23.19
N LYS C 1054 0.17 -1.45 22.48
CA LYS C 1054 0.09 -1.74 21.05
C LYS C 1054 1.03 -2.89 20.72
N TYR C 1055 0.48 -4.08 20.52
CA TYR C 1055 1.29 -5.22 20.13
C TYR C 1055 0.44 -6.27 19.44
N ALA C 1056 1.07 -6.95 18.49
CA ALA C 1056 0.47 -8.10 17.81
C ALA C 1056 1.30 -9.34 18.11
N ALA C 1057 0.65 -10.49 18.15
CA ALA C 1057 1.35 -11.69 18.59
C ALA C 1057 0.65 -12.93 18.07
N LEU C 1058 1.34 -14.06 18.19
CA LEU C 1058 0.77 -15.38 17.97
C LEU C 1058 0.74 -16.12 19.29
N VAL C 1059 -0.43 -16.64 19.65
CA VAL C 1059 -0.65 -17.34 20.91
C VAL C 1059 -0.62 -18.83 20.63
N VAL C 1060 0.14 -19.55 21.46
CA VAL C 1060 0.32 -20.99 21.30
C VAL C 1060 -0.81 -21.72 22.01
N GLU C 1061 -1.59 -22.49 21.27
CA GLU C 1061 -2.67 -23.30 21.82
C GLU C 1061 -2.31 -24.77 21.70
N PRO C 1062 -2.04 -25.45 22.81
CA PRO C 1062 -1.75 -26.89 22.73
C PRO C 1062 -3.00 -27.68 22.40
N THR C 1063 -2.81 -28.80 21.70
CA THR C 1063 -3.93 -29.68 21.38
C THR C 1063 -3.79 -31.07 21.97
N SER C 1064 -2.67 -31.76 21.73
CA SER C 1064 -2.43 -33.10 22.26
C SER C 1064 -1.01 -33.53 21.94
N ASP C 1065 -0.42 -34.31 22.84
CA ASP C 1065 0.85 -35.00 22.61
C ASP C 1065 1.97 -34.05 22.18
N GLY C 1066 2.01 -32.86 22.78
CA GLY C 1066 3.04 -31.89 22.45
C GLY C 1066 2.80 -31.11 21.18
N ASN C 1067 1.70 -31.33 20.49
CA ASN C 1067 1.37 -30.58 19.30
C ASN C 1067 0.66 -29.28 19.67
N TYR C 1068 1.00 -28.20 18.97
CA TYR C 1068 0.45 -26.89 19.27
C TYR C 1068 0.15 -26.15 17.98
N VAL C 1069 -0.93 -25.38 18.00
CA VAL C 1069 -1.29 -24.50 16.89
C VAL C 1069 -1.04 -23.07 17.33
N THR C 1070 -1.12 -22.15 16.37
CA THR C 1070 -0.89 -20.73 16.64
C THR C 1070 -2.12 -19.94 16.21
N LYS C 1071 -2.49 -18.96 17.04
CA LYS C 1071 -3.63 -18.09 16.75
C LYS C 1071 -3.18 -16.64 16.80
N GLN C 1072 -3.51 -15.88 15.76
CA GLN C 1072 -3.12 -14.47 15.70
C GLN C 1072 -4.00 -13.64 16.62
N GLU C 1073 -3.37 -12.74 17.38
CA GLU C 1073 -4.10 -11.80 18.22
C GLU C 1073 -3.48 -10.42 18.12
N LEU C 1074 -4.33 -9.40 18.25
CA LEU C 1074 -3.94 -8.00 18.17
C LEU C 1074 -4.40 -7.29 19.42
N LYS C 1075 -3.65 -6.27 19.84
CA LYS C 1075 -4.03 -5.46 21.00
C LYS C 1075 -3.62 -4.02 20.72
N GLY C 1076 -4.59 -3.16 20.46
CA GLY C 1076 -4.37 -1.74 20.38
C GLY C 1076 -3.99 -1.19 19.02
N LEU C 1077 -3.83 -2.05 18.02
CA LEU C 1077 -3.42 -1.59 16.70
C LEU C 1077 -4.53 -0.77 16.05
N ASP C 1078 -4.20 -0.16 14.91
CA ASP C 1078 -5.19 0.60 14.15
C ASP C 1078 -6.19 -0.29 13.45
N ILE C 1079 -5.94 -1.60 13.40
CA ILE C 1079 -6.83 -2.51 12.70
C ILE C 1079 -8.05 -2.88 13.54
N VAL C 1080 -8.00 -2.64 14.85
CA VAL C 1080 -9.11 -3.00 15.72
C VAL C 1080 -10.01 -1.82 16.05
N ARG C 1081 -9.75 -0.65 15.47
CA ARG C 1081 -10.57 0.52 15.73
C ARG C 1081 -11.58 0.74 14.61
N ARG C 1082 -12.68 1.40 14.95
CA ARG C 1082 -13.78 1.60 14.03
C ARG C 1082 -13.66 2.87 13.19
N ASP C 1083 -12.69 3.73 13.48
CA ASP C 1083 -12.53 4.99 12.76
C ASP C 1083 -11.54 4.90 11.61
N TRP C 1084 -11.36 3.70 11.03
CA TRP C 1084 -10.50 3.51 9.88
C TRP C 1084 -11.23 2.68 8.84
N CYS C 1085 -10.93 2.95 7.57
CA CYS C 1085 -11.60 2.26 6.49
C CYS C 1085 -11.21 0.77 6.47
N ASP C 1086 -12.13 -0.05 5.93
CA ASP C 1086 -11.88 -1.48 5.87
C ASP C 1086 -10.69 -1.81 4.98
N LEU C 1087 -10.42 -0.97 3.97
CA LEU C 1087 -9.28 -1.19 3.09
C LEU C 1087 -7.96 -1.14 3.85
N ALA C 1088 -7.76 -0.08 4.64
CA ALA C 1088 -6.53 0.04 5.42
C ALA C 1088 -6.41 -1.08 6.44
N LYS C 1089 -7.52 -1.44 7.09
CA LYS C 1089 -7.50 -2.54 8.06
C LYS C 1089 -7.11 -3.87 7.41
N ASP C 1090 -7.65 -4.17 6.22
CA ASP C 1090 -7.28 -5.39 5.52
C ASP C 1090 -5.82 -5.40 5.10
N THR C 1091 -5.32 -4.27 4.56
CA THR C 1091 -3.91 -4.21 4.19
C THR C 1091 -3.00 -4.38 5.42
N GLY C 1092 -3.35 -3.71 6.53
CA GLY C 1092 -2.57 -3.87 7.74
C GLY C 1092 -2.61 -5.29 8.27
N ASN C 1093 -3.76 -5.96 8.18
CA ASN C 1093 -3.85 -7.36 8.59
C ASN C 1093 -2.96 -8.24 7.73
N PHE C 1094 -2.93 -8.00 6.42
CA PHE C 1094 -2.03 -8.75 5.55
C PHE C 1094 -0.57 -8.52 5.94
N VAL C 1095 -0.20 -7.28 6.21
CA VAL C 1095 1.18 -6.99 6.59
C VAL C 1095 1.55 -7.66 7.91
N ILE C 1096 0.64 -7.61 8.90
CA ILE C 1096 0.90 -8.28 10.17
C ILE C 1096 1.06 -9.79 9.97
N GLY C 1097 0.18 -10.38 9.17
CA GLY C 1097 0.29 -11.81 8.89
C GLY C 1097 1.60 -12.17 8.20
N GLN C 1098 2.08 -11.31 7.31
CA GLN C 1098 3.35 -11.59 6.63
C GLN C 1098 4.54 -11.45 7.57
N ILE C 1099 4.54 -10.41 8.42
CA ILE C 1099 5.70 -10.15 9.27
C ILE C 1099 5.87 -11.27 10.29
N LEU C 1100 4.80 -11.71 10.91
CA LEU C 1100 4.86 -12.69 11.99
C LEU C 1100 5.04 -14.12 11.50
N SER C 1101 5.09 -14.34 10.19
CA SER C 1101 5.27 -15.67 9.66
C SER C 1101 6.68 -16.18 9.95
N ASP C 1102 6.92 -17.45 9.61
CA ASP C 1102 8.20 -18.10 9.82
C ASP C 1102 9.14 -17.99 8.63
N GLN C 1103 8.75 -17.27 7.57
CA GLN C 1103 9.58 -17.15 6.39
C GLN C 1103 10.82 -16.30 6.68
N SER C 1104 11.74 -16.30 5.73
CA SER C 1104 12.93 -15.49 5.84
C SER C 1104 12.58 -14.00 5.69
N ARG C 1105 13.42 -13.15 6.29
CA ARG C 1105 13.15 -11.72 6.27
C ARG C 1105 13.24 -11.14 4.86
N ASP C 1106 13.87 -11.86 3.93
CA ASP C 1106 14.01 -11.34 2.58
C ASP C 1106 12.70 -11.45 1.80
N THR C 1107 11.98 -12.55 1.97
CA THR C 1107 10.79 -12.80 1.15
C THR C 1107 9.63 -11.88 1.55
N ILE C 1108 9.55 -11.51 2.82
CA ILE C 1108 8.41 -10.73 3.29
C ILE C 1108 8.42 -9.34 2.68
N VAL C 1109 9.60 -8.76 2.48
CA VAL C 1109 9.68 -7.43 1.87
C VAL C 1109 9.19 -7.47 0.43
N GLU C 1110 9.60 -8.50 -0.32
CA GLU C 1110 9.14 -8.64 -1.70
C GLU C 1110 7.63 -8.85 -1.77
N ASN C 1111 7.10 -9.68 -0.86
CA ASN C 1111 5.66 -9.92 -0.85
C ASN C 1111 4.89 -8.63 -0.53
N ILE C 1112 5.38 -7.86 0.44
CA ILE C 1112 4.74 -6.60 0.78
C ILE C 1112 4.79 -5.64 -0.40
N GLN C 1113 5.94 -5.57 -1.09
CA GLN C 1113 6.06 -4.71 -2.25
C GLN C 1113 5.06 -5.07 -3.33
N LYS C 1114 4.95 -6.37 -3.64
CA LYS C 1114 4.02 -6.81 -4.67
C LYS C 1114 2.58 -6.48 -4.29
N ARG C 1115 2.21 -6.76 -3.04
CA ARG C 1115 0.82 -6.55 -2.63
C ARG C 1115 0.48 -5.07 -2.62
N LEU C 1116 1.42 -4.22 -2.16
CA LEU C 1116 1.21 -2.78 -2.19
C LEU C 1116 1.09 -2.24 -3.60
N ILE C 1117 1.89 -2.76 -4.54
CA ILE C 1117 1.76 -2.34 -5.93
C ILE C 1117 0.38 -2.73 -6.47
N GLU C 1118 -0.08 -3.94 -6.15
CA GLU C 1118 -1.41 -4.36 -6.60
C GLU C 1118 -2.49 -3.47 -6.02
N ILE C 1119 -2.39 -3.12 -4.74
CA ILE C 1119 -3.36 -2.21 -4.13
C ILE C 1119 -3.34 -0.85 -4.82
N GLY C 1120 -2.14 -0.33 -5.09
CA GLY C 1120 -2.04 0.97 -5.75
C GLY C 1120 -2.69 0.96 -7.12
N GLU C 1121 -2.48 -0.10 -7.89
CA GLU C 1121 -3.13 -0.19 -9.19
C GLU C 1121 -4.65 -0.33 -9.06
N ASN C 1122 -5.09 -1.19 -8.14
CA ASN C 1122 -6.53 -1.47 -8.02
C ASN C 1122 -7.31 -0.26 -7.53
N VAL C 1123 -6.72 0.55 -6.64
CA VAL C 1123 -7.45 1.70 -6.10
C VAL C 1123 -7.75 2.70 -7.22
N LEU C 1124 -6.75 2.98 -8.06
CA LEU C 1124 -6.98 3.91 -9.17
C LEU C 1124 -7.86 3.28 -10.24
N ASN C 1125 -7.75 1.97 -10.45
CA ASN C 1125 -8.60 1.28 -11.42
C ASN C 1125 -10.07 1.34 -11.04
N GLY C 1126 -10.40 1.26 -9.75
CA GLY C 1126 -11.79 1.32 -9.33
C GLY C 1126 -12.49 -0.02 -9.24
N SER C 1127 -11.75 -1.09 -8.96
CA SER C 1127 -12.33 -2.42 -8.82
C SER C 1127 -12.80 -2.72 -7.41
N VAL C 1128 -12.49 -1.87 -6.44
CA VAL C 1128 -12.87 -2.08 -5.05
C VAL C 1128 -14.25 -1.47 -4.80
N PRO C 1129 -15.16 -2.19 -4.15
CA PRO C 1129 -16.52 -1.66 -3.95
C PRO C 1129 -16.55 -0.44 -3.07
N VAL C 1130 -17.67 0.28 -3.14
CA VAL C 1130 -17.83 1.52 -2.39
C VAL C 1130 -17.89 1.25 -0.89
N SER C 1131 -18.49 0.13 -0.49
CA SER C 1131 -18.73 -0.15 0.92
C SER C 1131 -17.46 -0.26 1.74
N GLN C 1132 -16.31 -0.44 1.11
CA GLN C 1132 -15.04 -0.52 1.81
C GLN C 1132 -14.36 0.83 1.99
N PHE C 1133 -15.01 1.92 1.59
CA PHE C 1133 -14.49 3.27 1.76
C PHE C 1133 -15.15 4.00 2.93
N GLU C 1134 -15.91 3.31 3.76
CA GLU C 1134 -16.69 3.95 4.81
C GLU C 1134 -15.87 4.10 6.07
N ILE C 1135 -16.07 5.23 6.75
CA ILE C 1135 -15.47 5.49 8.05
C ILE C 1135 -16.60 5.71 9.05
N ASN C 1136 -16.56 4.98 10.16
CA ASN C 1136 -17.62 5.00 11.15
C ASN C 1136 -17.14 5.73 12.40
N LYS C 1137 -17.93 6.70 12.88
CA LYS C 1137 -17.60 7.43 14.08
C LYS C 1137 -18.85 7.61 14.94
N ALA C 1138 -18.67 7.55 16.26
CA ALA C 1138 -19.76 7.68 17.20
C ALA C 1138 -19.90 9.13 17.66
N LEU C 1139 -21.13 9.52 17.96
CA LEU C 1139 -21.44 10.87 18.43
C LEU C 1139 -21.65 10.86 19.94
N THR C 1140 -21.03 11.82 20.63
CA THR C 1140 -21.17 11.93 22.07
C THR C 1140 -22.31 12.85 22.47
N LYS C 1141 -22.39 14.04 21.87
CA LYS C 1141 -23.45 14.99 22.12
C LYS C 1141 -24.40 15.05 20.92
N ASP C 1142 -25.52 15.74 21.12
CA ASP C 1142 -26.49 15.87 20.06
C ASP C 1142 -25.90 16.67 18.90
N PRO C 1143 -26.25 16.35 17.65
CA PRO C 1143 -25.63 17.05 16.51
C PRO C 1143 -25.84 18.55 16.52
N GLN C 1144 -26.99 19.03 16.99
CA GLN C 1144 -27.25 20.47 17.01
C GLN C 1144 -26.39 21.19 18.04
N ASP C 1145 -25.84 20.48 19.01
CA ASP C 1145 -25.13 21.09 20.13
C ASP C 1145 -23.66 21.34 19.85
N TYR C 1146 -23.14 20.90 18.70
CA TYR C 1146 -21.72 21.02 18.42
C TYR C 1146 -21.41 22.43 17.93
N PRO C 1147 -20.55 23.19 18.64
CA PRO C 1147 -20.20 24.53 18.15
C PRO C 1147 -19.26 24.51 16.96
N ASP C 1148 -18.44 23.48 16.81
CA ASP C 1148 -17.47 23.36 15.72
C ASP C 1148 -17.98 22.47 14.60
N LYS C 1149 -19.27 22.59 14.28
CA LYS C 1149 -19.92 21.72 13.31
C LYS C 1149 -19.22 21.76 11.95
N LYS C 1150 -18.64 22.91 11.59
CA LYS C 1150 -18.05 23.06 10.27
C LYS C 1150 -16.81 22.18 10.10
N SER C 1151 -15.98 22.07 11.13
CA SER C 1151 -14.70 21.42 11.00
C SER C 1151 -14.73 19.91 11.25
N LEU C 1152 -15.87 19.35 11.63
CA LEU C 1152 -15.96 17.93 11.93
C LEU C 1152 -16.81 17.23 10.89
N PRO C 1153 -16.29 16.18 10.23
CA PRO C 1153 -17.07 15.55 9.15
C PRO C 1153 -18.30 14.79 9.61
N HIS C 1154 -18.18 13.98 10.67
CA HIS C 1154 -19.27 13.13 11.09
C HIS C 1154 -20.48 13.92 11.56
N VAL C 1155 -20.28 14.99 12.31
CA VAL C 1155 -21.41 15.82 12.71
C VAL C 1155 -22.02 16.52 11.48
N HIS C 1156 -21.19 16.87 10.50
CA HIS C 1156 -21.71 17.47 9.27
C HIS C 1156 -22.64 16.51 8.55
N VAL C 1157 -22.28 15.23 8.50
CA VAL C 1157 -23.17 14.23 7.92
C VAL C 1157 -24.40 14.03 8.81
N ALA C 1158 -24.22 14.12 10.13
CA ALA C 1158 -25.33 13.89 11.05
C ALA C 1158 -26.42 14.94 10.90
N LEU C 1159 -26.04 16.22 10.79
CA LEU C 1159 -27.06 17.24 10.54
C LEU C 1159 -27.78 17.05 9.22
N TRP C 1160 -27.09 16.65 8.15
CA TRP C 1160 -27.77 16.36 6.90
C TRP C 1160 -28.77 15.21 7.08
N ILE C 1161 -28.33 14.10 7.65
CA ILE C 1161 -29.20 12.93 7.76
C ILE C 1161 -30.37 13.23 8.68
N ASN C 1162 -30.21 14.17 9.61
CA ASN C 1162 -31.35 14.60 10.41
C ASN C 1162 -32.28 15.51 9.62
N SER C 1163 -31.72 16.40 8.82
CA SER C 1163 -32.47 17.48 8.18
C SER C 1163 -33.24 17.05 6.95
N GLN C 1164 -32.80 16.02 6.23
CA GLN C 1164 -33.56 15.52 5.09
C GLN C 1164 -34.13 14.13 5.30
N GLY C 1165 -33.44 13.26 6.03
CA GLY C 1165 -33.88 11.89 6.13
C GLY C 1165 -35.03 11.65 7.10
N GLY C 1166 -35.16 10.40 7.54
CA GLY C 1166 -36.25 9.97 8.40
C GLY C 1166 -35.82 9.82 9.84
N ARG C 1167 -35.50 8.59 10.23
CA ARG C 1167 -34.92 8.30 11.53
C ARG C 1167 -33.88 9.35 11.90
N LYS C 1168 -34.02 9.94 13.08
CA LYS C 1168 -33.14 11.00 13.55
C LYS C 1168 -32.05 10.40 14.42
N VAL C 1169 -30.79 10.73 14.10
CA VAL C 1169 -29.66 10.22 14.87
C VAL C 1169 -29.47 11.08 16.10
N LYS C 1170 -29.33 10.43 17.25
CA LYS C 1170 -29.19 11.10 18.54
C LYS C 1170 -27.85 10.72 19.16
N ALA C 1171 -27.65 11.15 20.41
CA ALA C 1171 -26.41 10.87 21.11
C ALA C 1171 -26.24 9.37 21.31
N GLY C 1172 -25.03 8.87 21.07
CA GLY C 1172 -24.71 7.47 21.20
C GLY C 1172 -24.77 6.69 19.91
N ASP C 1173 -25.45 7.21 18.88
CA ASP C 1173 -25.53 6.53 17.61
C ASP C 1173 -24.24 6.73 16.81
N THR C 1174 -24.08 5.90 15.77
CA THR C 1174 -22.91 5.95 14.92
C THR C 1174 -23.28 6.50 13.54
N VAL C 1175 -22.33 7.19 12.92
CA VAL C 1175 -22.51 7.80 11.61
C VAL C 1175 -21.39 7.30 10.71
N SER C 1176 -21.76 6.92 9.49
CA SER C 1176 -20.82 6.47 8.47
C SER C 1176 -20.65 7.56 7.43
N TYR C 1177 -19.40 7.91 7.13
CA TYR C 1177 -19.11 8.97 6.17
C TYR C 1177 -18.00 8.53 5.24
N VAL C 1178 -18.02 9.11 4.04
CA VAL C 1178 -17.03 8.85 3.00
C VAL C 1178 -16.59 10.18 2.40
N ILE C 1179 -15.29 10.31 2.15
CA ILE C 1179 -14.71 11.53 1.61
C ILE C 1179 -14.67 11.39 0.10
N CYS C 1180 -15.28 12.36 -0.60
CA CYS C 1180 -15.44 12.31 -2.04
C CYS C 1180 -15.00 13.63 -2.66
N GLN C 1181 -14.95 13.64 -3.99
CA GLN C 1181 -14.55 14.82 -4.74
C GLN C 1181 -15.77 15.68 -5.07
N ASP C 1182 -15.74 16.94 -4.64
CA ASP C 1182 -16.82 17.88 -4.91
C ASP C 1182 -16.46 18.93 -5.95
N GLY C 1183 -15.19 19.31 -6.01
CA GLY C 1183 -14.75 20.32 -6.97
C GLY C 1183 -14.86 21.75 -6.50
N SER C 1184 -15.16 21.98 -5.22
CA SER C 1184 -15.28 23.31 -4.67
C SER C 1184 -14.00 23.81 -4.02
N ASN C 1185 -12.94 22.99 -4.01
CA ASN C 1185 -11.63 23.35 -3.47
C ASN C 1185 -11.71 23.70 -1.98
N LEU C 1186 -12.41 22.87 -1.22
CA LEU C 1186 -12.36 22.94 0.23
C LEU C 1186 -11.48 21.83 0.78
N THR C 1187 -11.27 21.86 2.10
CA THR C 1187 -10.41 20.88 2.74
C THR C 1187 -11.10 19.53 2.80
N ALA C 1188 -10.31 18.50 3.13
CA ALA C 1188 -10.82 17.13 3.18
C ALA C 1188 -11.89 16.98 4.25
N SER C 1189 -11.67 17.57 5.43
CA SER C 1189 -12.61 17.45 6.52
C SER C 1189 -13.94 18.15 6.26
N GLN C 1190 -14.02 19.00 5.24
CA GLN C 1190 -15.25 19.69 4.88
C GLN C 1190 -15.86 19.14 3.60
N ARG C 1191 -15.56 17.89 3.26
CA ARG C 1191 -16.07 17.24 2.06
C ARG C 1191 -16.61 15.87 2.38
N ALA C 1192 -17.25 15.72 3.54
CA ALA C 1192 -17.84 14.46 3.95
C ALA C 1192 -19.24 14.32 3.36
N TYR C 1193 -19.58 13.10 2.93
CA TYR C 1193 -20.88 12.83 2.35
C TYR C 1193 -21.40 11.49 2.85
N ALA C 1194 -22.72 11.35 2.82
CA ALA C 1194 -23.37 10.14 3.30
C ALA C 1194 -23.14 8.98 2.31
N PRO C 1195 -23.23 7.74 2.79
CA PRO C 1195 -23.09 6.60 1.87
C PRO C 1195 -24.13 6.59 0.76
N GLU C 1196 -25.36 7.01 1.06
CA GLU C 1196 -26.40 7.07 0.04
C GLU C 1196 -26.33 8.32 -0.81
N GLN C 1197 -25.49 9.28 -0.42
CA GLN C 1197 -25.37 10.52 -1.18
C GLN C 1197 -24.49 10.38 -2.41
N LEU C 1198 -23.78 9.25 -2.54
CA LEU C 1198 -22.86 9.04 -3.64
C LEU C 1198 -23.50 8.29 -4.81
N GLN C 1199 -24.32 7.29 -4.50
CA GLN C 1199 -24.98 6.51 -5.55
C GLN C 1199 -26.21 7.21 -6.11
N LYS C 1200 -26.62 8.34 -5.55
CA LYS C 1200 -27.78 9.07 -6.03
C LYS C 1200 -27.42 10.29 -6.87
N GLN C 1201 -26.36 11.01 -6.49
CA GLN C 1201 -25.91 12.16 -7.25
C GLN C 1201 -24.87 11.75 -8.29
N ASP C 1202 -24.51 12.70 -9.15
CA ASP C 1202 -23.63 12.44 -10.29
C ASP C 1202 -22.30 13.17 -10.21
N ASN C 1203 -22.27 14.37 -9.62
CA ASN C 1203 -21.06 15.18 -9.64
C ASN C 1203 -20.01 14.70 -8.65
N LEU C 1204 -20.32 13.74 -7.79
CA LEU C 1204 -19.39 13.29 -6.77
C LEU C 1204 -18.71 11.99 -7.19
N THR C 1205 -17.44 11.87 -6.82
CA THR C 1205 -16.66 10.66 -7.08
C THR C 1205 -15.71 10.42 -5.92
N ILE C 1206 -15.28 9.17 -5.77
CA ILE C 1206 -14.44 8.78 -4.64
C ILE C 1206 -13.07 9.46 -4.77
N ASP C 1207 -12.61 10.06 -3.67
CA ASP C 1207 -11.31 10.72 -3.63
C ASP C 1207 -10.26 9.66 -3.33
N THR C 1208 -9.53 9.24 -4.36
CA THR C 1208 -8.51 8.21 -4.19
C THR C 1208 -7.28 8.74 -3.47
N GLN C 1209 -6.96 10.02 -3.66
CA GLN C 1209 -5.76 10.59 -3.05
C GLN C 1209 -5.83 10.55 -1.53
N TYR C 1210 -7.00 10.89 -0.96
CA TYR C 1210 -7.15 10.86 0.49
C TYR C 1210 -7.01 9.44 1.03
N TYR C 1211 -7.69 8.48 0.41
CA TYR C 1211 -7.66 7.12 0.89
C TYR C 1211 -6.34 6.42 0.60
N LEU C 1212 -5.50 7.01 -0.26
CA LEU C 1212 -4.22 6.40 -0.60
C LEU C 1212 -3.04 7.08 0.08
N ALA C 1213 -3.21 8.30 0.59
CA ALA C 1213 -2.13 9.01 1.24
C ALA C 1213 -2.39 9.32 2.71
N GLN C 1214 -3.62 9.13 3.21
CA GLN C 1214 -3.94 9.41 4.60
C GLN C 1214 -4.63 8.26 5.31
N GLN C 1215 -5.07 7.23 4.59
CA GLN C 1215 -5.73 6.08 5.20
C GLN C 1215 -4.87 4.82 5.17
N ILE C 1216 -4.33 4.47 4.00
CA ILE C 1216 -3.51 3.27 3.87
C ILE C 1216 -2.09 3.51 4.36
N HIS C 1217 -1.47 4.60 3.89
CA HIS C 1217 -0.05 4.83 4.18
C HIS C 1217 0.26 4.95 5.66
N PRO C 1218 -0.48 5.73 6.47
CA PRO C 1218 -0.13 5.82 7.90
C PRO C 1218 -0.15 4.49 8.63
N VAL C 1219 -1.12 3.62 8.32
CA VAL C 1219 -1.21 2.34 9.03
C VAL C 1219 0.00 1.46 8.73
N VAL C 1220 0.33 1.30 7.44
CA VAL C 1220 1.46 0.46 7.07
C VAL C 1220 2.79 1.12 7.44
N ALA C 1221 2.82 2.45 7.59
CA ALA C 1221 4.05 3.11 8.03
C ALA C 1221 4.27 2.92 9.52
N ARG C 1222 3.20 2.95 10.31
CA ARG C 1222 3.31 2.71 11.74
C ARG C 1222 3.56 1.25 12.06
N ILE C 1223 3.01 0.34 11.26
CA ILE C 1223 3.21 -1.08 11.52
C ILE C 1223 4.66 -1.49 11.27
N CYS C 1224 5.24 -1.05 10.15
CA CYS C 1224 6.57 -1.48 9.74
C CYS C 1224 7.68 -0.59 10.31
N GLU C 1225 7.40 0.21 11.32
CA GLU C 1225 8.44 1.02 11.94
C GLU C 1225 9.53 0.17 12.60
N PRO C 1226 9.22 -0.84 13.42
CA PRO C 1226 10.31 -1.60 14.07
C PRO C 1226 11.08 -2.50 13.15
N ILE C 1227 10.63 -2.73 11.91
CA ILE C 1227 11.31 -3.62 10.98
C ILE C 1227 12.19 -2.80 10.06
N ASP C 1228 13.27 -3.40 9.59
CA ASP C 1228 14.20 -2.73 8.70
C ASP C 1228 13.95 -3.11 7.24
N GLY C 1229 14.42 -2.25 6.34
CA GLY C 1229 14.25 -2.43 4.91
C GLY C 1229 13.04 -1.73 4.33
N ILE C 1230 12.13 -1.27 5.18
CA ILE C 1230 10.93 -0.57 4.76
C ILE C 1230 10.91 0.82 5.40
N ASP C 1231 10.61 1.83 4.59
CA ASP C 1231 10.56 3.20 5.06
C ASP C 1231 9.36 3.89 4.41
N ALA C 1232 9.04 5.08 4.92
CA ALA C 1232 7.86 5.80 4.42
C ALA C 1232 8.00 6.15 2.94
N VAL C 1233 9.20 6.55 2.51
CA VAL C 1233 9.39 6.93 1.11
C VAL C 1233 9.24 5.71 0.20
N LEU C 1234 9.71 4.54 0.65
CA LEU C 1234 9.56 3.34 -0.16
C LEU C 1234 8.09 2.97 -0.33
N ILE C 1235 7.32 3.07 0.74
CA ILE C 1235 5.89 2.78 0.65
C ILE C 1235 5.20 3.81 -0.25
N ALA C 1236 5.62 5.07 -0.17
CA ALA C 1236 5.05 6.10 -1.03
C ALA C 1236 5.32 5.78 -2.50
N THR C 1237 6.55 5.39 -2.84
CA THR C 1237 6.85 5.03 -4.22
C THR C 1237 6.07 3.80 -4.65
N TRP C 1238 5.93 2.82 -3.76
CA TRP C 1238 5.22 1.59 -4.13
C TRP C 1238 3.76 1.87 -4.40
N LEU C 1239 3.11 2.69 -3.58
CA LEU C 1239 1.70 3.01 -3.76
C LEU C 1239 1.44 3.94 -4.93
N GLY C 1240 2.48 4.51 -5.53
CA GLY C 1240 2.30 5.43 -6.63
C GLY C 1240 2.04 6.85 -6.20
N LEU C 1241 2.57 7.25 -5.05
CA LEU C 1241 2.39 8.60 -4.52
C LEU C 1241 3.63 9.45 -4.78
N ASP C 1242 3.53 10.71 -4.44
CA ASP C 1242 4.65 11.63 -4.60
C ASP C 1242 5.49 11.61 -3.32
N PRO C 1243 6.75 11.17 -3.39
CA PRO C 1243 7.55 11.09 -2.16
C PRO C 1243 7.86 12.44 -1.53
N THR C 1244 7.67 13.53 -2.28
CA THR C 1244 8.13 14.85 -1.84
C THR C 1244 7.47 15.31 -0.55
N GLN C 1245 6.26 14.85 -0.27
CA GLN C 1245 5.56 15.31 0.92
C GLN C 1245 6.11 14.70 2.21
N PHE C 1246 6.29 13.37 2.24
CA PHE C 1246 6.53 12.70 3.51
C PHE C 1246 7.84 13.05 4.18
N ARG C 1247 8.98 12.62 3.63
CA ARG C 1247 10.24 12.93 4.30
C ARG C 1247 11.21 13.74 3.44
N VAL C 1248 11.66 13.17 2.32
CA VAL C 1248 12.67 13.68 1.40
C VAL C 1248 13.49 14.86 1.93
N HIS C 1249 13.68 15.87 1.07
CA HIS C 1249 14.08 17.25 1.36
C HIS C 1249 15.49 17.54 0.87
N HIS C 1250 16.49 16.88 1.45
CA HIS C 1250 17.87 17.15 1.06
C HIS C 1250 18.13 16.59 -0.35
N TYR C 1251 18.83 17.40 -1.14
CA TYR C 1251 19.15 17.03 -2.51
C TYR C 1251 20.50 16.32 -2.57
N THR C 1268 34.99 24.26 -5.22
CA THR C 1268 36.11 24.91 -5.88
C THR C 1268 37.24 23.92 -6.13
N ASP C 1269 38.21 24.32 -6.96
CA ASP C 1269 39.34 23.45 -7.26
C ASP C 1269 40.20 23.21 -6.04
N GLU C 1270 40.40 24.24 -5.21
CA GLU C 1270 41.27 24.12 -4.04
C GLU C 1270 40.69 23.11 -3.05
N GLU C 1271 39.39 23.18 -2.78
CA GLU C 1271 38.77 22.27 -1.82
C GLU C 1271 38.59 20.88 -2.40
N LYS C 1272 38.41 20.76 -3.71
CA LYS C 1272 38.24 19.44 -4.33
C LYS C 1272 39.51 18.62 -4.28
N TYR C 1273 40.66 19.26 -4.42
CA TYR C 1273 41.95 18.57 -4.48
C TYR C 1273 42.69 18.62 -3.15
N ARG C 1274 42.02 19.02 -2.07
CA ARG C 1274 42.69 19.12 -0.77
C ARG C 1274 43.19 17.76 -0.29
N ASP C 1275 42.38 16.72 -0.45
CA ASP C 1275 42.75 15.38 0.00
C ASP C 1275 43.69 14.67 -0.95
N CYS C 1276 43.92 15.22 -2.15
CA CYS C 1276 44.79 14.58 -3.12
C CYS C 1276 46.25 14.66 -2.67
N GLU C 1277 46.98 13.58 -2.94
CA GLU C 1277 48.41 13.55 -2.64
C GLU C 1277 49.18 14.38 -3.66
N ARG C 1278 50.07 15.23 -3.16
CA ARG C 1278 50.84 16.11 -4.04
C ARG C 1278 51.90 15.32 -4.79
N PHE C 1279 52.11 15.67 -6.06
CA PHE C 1279 53.05 14.94 -6.89
C PHE C 1279 54.48 15.30 -6.53
N LYS C 1280 55.28 14.28 -6.25
CA LYS C 1280 56.67 14.47 -5.85
C LYS C 1280 57.60 13.86 -6.90
N CYS C 1281 58.71 14.56 -7.16
CA CYS C 1281 59.69 14.08 -8.13
C CYS C 1281 61.07 14.65 -7.81
N PRO C 1282 62.07 13.79 -7.59
CA PRO C 1282 63.42 14.29 -7.30
C PRO C 1282 64.03 14.98 -8.51
N CYS C 1283 64.88 15.96 -8.23
CA CYS C 1283 65.57 16.68 -9.30
C CYS C 1283 66.68 15.80 -9.86
N PRO C 1284 66.77 15.65 -11.19
CA PRO C 1284 67.82 14.80 -11.77
C PRO C 1284 69.23 15.31 -11.51
N THR C 1285 69.40 16.58 -11.19
CA THR C 1285 70.74 17.17 -11.03
C THR C 1285 71.16 17.24 -9.56
N CYS C 1286 70.37 17.92 -8.73
CA CYS C 1286 70.72 18.10 -7.33
C CYS C 1286 70.04 17.10 -6.40
N GLY C 1287 68.94 16.49 -6.83
CA GLY C 1287 68.24 15.52 -6.01
C GLY C 1287 67.24 16.09 -5.05
N THR C 1288 67.11 17.42 -4.96
CA THR C 1288 66.15 18.02 -4.06
C THR C 1288 64.73 17.72 -4.50
N GLU C 1289 63.88 17.38 -3.54
CA GLU C 1289 62.47 17.10 -3.85
C GLU C 1289 61.75 18.39 -4.19
N ASN C 1290 60.99 18.36 -5.29
CA ASN C 1290 60.24 19.50 -5.76
C ASN C 1290 58.77 19.36 -5.37
N ILE C 1291 58.03 20.46 -5.51
CA ILE C 1291 56.62 20.53 -5.16
C ILE C 1291 55.84 21.01 -6.38
N TYR C 1292 54.89 20.20 -6.83
CA TYR C 1292 53.97 20.58 -7.90
C TYR C 1292 52.53 20.43 -7.37
N ASP C 1293 51.96 21.54 -6.91
CA ASP C 1293 50.57 21.58 -6.48
C ASP C 1293 49.70 22.40 -7.41
N ASN C 1294 50.29 23.12 -8.36
CA ASN C 1294 49.54 23.93 -9.32
C ASN C 1294 50.43 24.20 -10.51
N VAL C 1295 49.82 24.76 -11.57
CA VAL C 1295 50.59 25.08 -12.77
C VAL C 1295 51.63 26.16 -12.47
N PHE C 1296 51.25 27.18 -11.71
CA PHE C 1296 52.13 28.27 -11.35
C PHE C 1296 52.35 28.28 -9.84
N ASP C 1297 53.42 28.94 -9.41
CA ASP C 1297 53.75 29.11 -8.01
C ASP C 1297 53.89 30.59 -7.70
N GLY C 1298 53.38 30.99 -6.54
CA GLY C 1298 53.40 32.38 -6.14
C GLY C 1298 52.15 33.13 -6.55
N SER C 1299 52.21 34.45 -6.36
CA SER C 1299 51.09 35.31 -6.68
C SER C 1299 51.60 36.67 -7.13
N GLY C 1300 50.77 37.39 -7.85
CA GLY C 1300 51.15 38.73 -8.29
C GLY C 1300 52.16 38.67 -9.42
N THR C 1301 53.13 39.60 -9.36
CA THR C 1301 54.15 39.67 -10.41
C THR C 1301 55.01 38.42 -10.43
N ASP C 1302 55.34 37.87 -9.27
CA ASP C 1302 56.23 36.71 -9.16
C ASP C 1302 55.50 35.39 -9.40
N MET C 1303 54.33 35.42 -10.03
CA MET C 1303 53.58 34.21 -10.35
C MET C 1303 54.24 33.55 -11.55
N GLU C 1304 55.23 32.71 -11.28
CA GLU C 1304 56.01 31.99 -12.28
C GLU C 1304 55.63 30.52 -12.32
N PRO C 1305 55.80 29.85 -13.46
CA PRO C 1305 55.48 28.42 -13.54
C PRO C 1305 56.32 27.60 -12.57
N SER C 1306 55.69 26.53 -12.04
CA SER C 1306 56.37 25.66 -11.09
C SER C 1306 57.47 24.84 -11.75
N LEU C 1307 57.38 24.62 -13.06
CA LEU C 1307 58.35 23.83 -13.79
C LEU C 1307 59.51 24.66 -14.33
N TYR C 1308 59.55 25.96 -14.03
CA TYR C 1308 60.58 26.83 -14.60
C TYR C 1308 61.93 26.57 -13.93
N ARG C 1309 61.99 26.66 -12.60
CA ARG C 1309 63.24 26.50 -11.87
C ARG C 1309 63.06 25.45 -10.79
N CYS C 1310 64.18 24.85 -10.39
CA CYS C 1310 64.16 23.87 -9.32
C CYS C 1310 63.90 24.54 -7.97
N SER C 1311 63.39 23.75 -7.03
CA SER C 1311 63.13 24.24 -5.68
C SER C 1311 64.41 24.63 -4.95
N ASN C 1312 65.53 23.97 -5.27
CA ASN C 1312 66.79 24.32 -4.64
C ASN C 1312 67.32 25.64 -5.21
N ILE C 1313 67.73 26.54 -4.31
CA ILE C 1313 68.23 27.84 -4.75
C ILE C 1313 69.52 27.68 -5.55
N ASP C 1314 70.43 26.83 -5.08
CA ASP C 1314 71.70 26.65 -5.76
C ASP C 1314 71.56 25.88 -7.07
N CYS C 1315 70.44 25.19 -7.28
CA CYS C 1315 70.25 24.40 -8.49
C CYS C 1315 69.88 25.32 -9.65
N LYS C 1316 70.71 25.29 -10.71
CA LYS C 1316 70.46 26.08 -11.90
C LYS C 1316 69.82 25.26 -13.02
N ALA C 1317 69.52 23.99 -12.78
CA ALA C 1317 68.92 23.14 -13.79
C ALA C 1317 67.41 23.39 -13.87
N SER C 1318 66.90 23.53 -15.08
CA SER C 1318 65.49 23.77 -15.29
C SER C 1318 64.73 22.45 -15.28
N PRO C 1319 63.76 22.27 -14.38
CA PRO C 1319 62.96 21.03 -14.40
C PRO C 1319 62.17 20.86 -15.70
N LEU C 1320 61.88 21.95 -16.41
CA LEU C 1320 61.19 21.84 -17.68
C LEU C 1320 62.00 21.05 -18.69
N THR C 1321 63.34 21.11 -18.60
CA THR C 1321 64.18 20.30 -19.47
C THR C 1321 63.98 18.80 -19.19
N PHE C 1322 63.83 18.45 -17.91
CA PHE C 1322 63.65 17.05 -17.51
C PHE C 1322 62.19 16.63 -17.56
N THR C 1323 61.56 16.84 -18.73
CA THR C 1323 60.18 16.40 -18.90
C THR C 1323 60.06 14.88 -18.85
N VAL C 1324 61.08 14.18 -19.34
CA VAL C 1324 61.05 12.71 -19.34
C VAL C 1324 60.94 12.18 -17.92
N GLN C 1325 61.76 12.71 -17.01
CA GLN C 1325 61.73 12.25 -15.62
C GLN C 1325 60.41 12.59 -14.95
N LEU C 1326 59.87 13.78 -15.21
CA LEU C 1326 58.59 14.15 -14.62
C LEU C 1326 57.48 13.22 -15.08
N SER C 1327 57.41 12.95 -16.40
CA SER C 1327 56.41 12.02 -16.91
C SER C 1327 56.60 10.62 -16.37
N ASN C 1328 57.85 10.17 -16.24
CA ASN C 1328 58.11 8.83 -15.73
C ASN C 1328 57.65 8.70 -14.27
N LYS C 1329 57.97 9.70 -13.45
CA LYS C 1329 57.54 9.67 -12.05
C LYS C 1329 56.02 9.75 -11.95
N LEU C 1330 55.38 10.54 -12.81
CA LEU C 1330 53.93 10.53 -12.88
C LEU C 1330 53.41 9.14 -13.21
N ILE C 1331 54.10 8.43 -14.10
CA ILE C 1331 53.70 7.08 -14.45
C ILE C 1331 53.73 6.16 -13.23
N MET C 1332 54.85 6.18 -12.48
CA MET C 1332 54.90 5.35 -11.28
C MET C 1332 53.82 5.75 -10.27
N ASP C 1333 53.59 7.06 -10.08
CA ASP C 1333 52.60 7.50 -9.11
C ASP C 1333 51.21 7.01 -9.49
N ILE C 1334 50.84 7.14 -10.77
CA ILE C 1334 49.51 6.72 -11.19
C ILE C 1334 49.37 5.21 -11.11
N ARG C 1335 50.42 4.46 -11.45
CA ARG C 1335 50.37 3.02 -11.29
C ARG C 1335 50.16 2.64 -9.83
N ARG C 1336 50.89 3.28 -8.92
CA ARG C 1336 50.71 3.01 -7.50
C ARG C 1336 49.27 3.26 -7.09
N PHE C 1337 48.69 4.38 -7.54
CA PHE C 1337 47.32 4.71 -7.16
C PHE C 1337 46.32 3.69 -7.71
N ILE C 1338 46.48 3.27 -8.96
CA ILE C 1338 45.49 2.36 -9.55
C ILE C 1338 45.61 0.97 -8.91
N LYS C 1339 46.83 0.52 -8.64
CA LYS C 1339 46.99 -0.74 -7.91
C LYS C 1339 46.40 -0.66 -6.51
N LYS C 1340 46.58 0.48 -5.83
CA LYS C 1340 45.97 0.65 -4.52
C LYS C 1340 44.45 0.55 -4.61
N TYR C 1341 43.86 1.15 -5.63
CA TYR C 1341 42.41 1.03 -5.80
C TYR C 1341 41.99 -0.41 -6.04
N TYR C 1342 42.66 -1.10 -6.96
CA TYR C 1342 42.31 -2.49 -7.25
C TYR C 1342 42.67 -3.46 -6.14
N ASP C 1343 43.40 -3.01 -5.10
CA ASP C 1343 43.65 -3.89 -3.96
C ASP C 1343 42.35 -4.41 -3.35
N GLY C 1344 41.30 -3.59 -3.33
CA GLY C 1344 40.00 -4.03 -2.86
C GLY C 1344 39.82 -3.99 -1.36
N TRP C 1345 40.57 -3.17 -0.64
CA TRP C 1345 40.47 -3.11 0.81
C TRP C 1345 39.13 -2.49 1.22
N LEU C 1346 38.46 -3.13 2.17
CA LEU C 1346 37.19 -2.66 2.70
C LEU C 1346 37.33 -2.40 4.20
N ILE C 1347 36.58 -1.42 4.70
CA ILE C 1347 36.63 -1.01 6.10
C ILE C 1347 35.22 -1.00 6.66
N CYS C 1348 35.09 -1.45 7.91
CA CYS C 1348 33.79 -1.41 8.59
C CYS C 1348 33.44 0.03 8.96
N GLU C 1349 32.16 0.37 8.78
CA GLU C 1349 31.71 1.73 9.09
C GLU C 1349 31.58 1.97 10.59
N GLU C 1350 31.39 0.90 11.37
CA GLU C 1350 31.20 1.06 12.82
C GLU C 1350 32.52 1.47 13.47
N PRO C 1351 32.55 2.56 14.24
CA PRO C 1351 33.80 2.94 14.92
C PRO C 1351 34.30 1.88 15.89
N THR C 1352 33.40 1.13 16.52
CA THR C 1352 33.82 0.10 17.46
C THR C 1352 34.43 -1.12 16.77
N CYS C 1353 33.96 -1.46 15.57
CA CYS C 1353 34.46 -2.66 14.89
C CYS C 1353 35.77 -2.37 14.16
N ARG C 1354 35.74 -1.45 13.19
CA ARG C 1354 36.91 -1.12 12.37
C ARG C 1354 37.51 -2.37 11.73
N ASN C 1355 36.65 -3.24 11.23
CA ASN C 1355 37.09 -4.48 10.61
C ASN C 1355 37.60 -4.19 9.20
N ARG C 1356 38.82 -4.62 8.91
CA ARG C 1356 39.45 -4.44 7.61
C ARG C 1356 39.74 -5.82 7.03
N THR C 1357 39.09 -6.14 5.91
CA THR C 1357 39.23 -7.43 5.27
C THR C 1357 39.49 -7.26 3.78
N ARG C 1358 40.26 -8.19 3.23
CA ARG C 1358 40.50 -8.22 1.79
C ARG C 1358 39.52 -9.11 1.05
N HIS C 1359 38.97 -10.12 1.71
CA HIS C 1359 37.99 -11.01 1.10
C HIS C 1359 36.62 -10.34 1.13
N LEU C 1360 35.95 -10.32 -0.01
CA LEU C 1360 34.66 -9.66 -0.13
C LEU C 1360 33.55 -10.64 0.22
N PRO C 1361 32.81 -10.43 1.31
CA PRO C 1361 31.75 -11.37 1.67
C PRO C 1361 30.58 -11.30 0.69
N LEU C 1362 29.93 -12.45 0.52
CA LEU C 1362 28.75 -12.55 -0.33
C LEU C 1362 27.46 -12.22 0.40
N GLN C 1363 27.52 -11.99 1.72
CA GLN C 1363 26.35 -11.59 2.48
C GLN C 1363 26.18 -10.08 2.32
N PHE C 1364 25.14 -9.68 1.59
CA PHE C 1364 24.93 -8.29 1.24
C PHE C 1364 23.69 -7.75 1.95
N SER C 1365 23.79 -6.51 2.42
CA SER C 1365 22.66 -5.81 3.00
C SER C 1365 22.03 -4.90 1.94
N ARG C 1366 21.08 -4.07 2.35
CA ARG C 1366 20.47 -3.12 1.41
C ARG C 1366 21.48 -2.10 0.91
N THR C 1367 22.31 -1.58 1.82
CA THR C 1367 23.31 -0.60 1.41
C THR C 1367 24.45 -1.25 0.64
N GLY C 1368 24.83 -2.46 1.04
CA GLY C 1368 25.92 -3.16 0.39
C GLY C 1368 26.39 -4.37 1.16
N PRO C 1369 27.70 -4.59 1.19
CA PRO C 1369 28.24 -5.77 1.88
C PRO C 1369 28.04 -5.67 3.38
N LEU C 1370 27.95 -6.85 4.01
CA LEU C 1370 27.72 -6.95 5.45
C LEU C 1370 29.00 -7.43 6.12
N CYS C 1371 29.38 -6.77 7.21
CA CYS C 1371 30.63 -7.10 7.89
C CYS C 1371 30.55 -8.51 8.46
N PRO C 1372 31.63 -9.31 8.32
CA PRO C 1372 31.62 -10.65 8.91
C PRO C 1372 31.97 -10.70 10.39
N ALA C 1373 32.66 -9.68 10.91
CA ALA C 1373 32.96 -9.64 12.34
C ALA C 1373 31.72 -9.25 13.15
N CYS C 1374 31.20 -8.06 12.89
CA CYS C 1374 29.94 -7.64 13.48
C CYS C 1374 28.81 -7.77 12.47
N MET C 1375 27.68 -8.30 12.93
CA MET C 1375 26.59 -8.70 12.06
C MET C 1375 25.74 -7.53 11.57
N LYS C 1376 25.86 -6.36 12.19
CA LYS C 1376 25.06 -5.19 11.82
C LYS C 1376 25.99 -4.03 11.48
N ALA C 1377 26.40 -3.96 10.22
CA ALA C 1377 27.22 -2.88 9.70
C ALA C 1377 27.38 -3.08 8.19
N THR C 1378 27.74 -2.00 7.50
CA THR C 1378 27.98 -2.02 6.07
C THR C 1378 29.45 -1.74 5.80
N LEU C 1379 30.12 -2.64 5.08
CA LEU C 1379 31.50 -2.43 4.70
C LEU C 1379 31.58 -1.41 3.57
N GLN C 1380 32.54 -0.50 3.64
CA GLN C 1380 32.71 0.50 2.60
C GLN C 1380 34.12 0.40 2.01
N PRO C 1381 34.27 0.65 0.71
CA PRO C 1381 35.61 0.62 0.12
C PRO C 1381 36.53 1.64 0.76
N GLU C 1382 37.78 1.24 0.99
CA GLU C 1382 38.75 2.16 1.58
C GLU C 1382 39.07 3.29 0.62
N TYR C 1383 39.21 2.98 -0.67
CA TYR C 1383 39.51 3.97 -1.70
C TYR C 1383 38.33 4.00 -2.67
N SER C 1384 37.44 4.98 -2.49
CA SER C 1384 36.27 5.10 -3.35
C SER C 1384 36.68 5.57 -4.74
N ASP C 1385 35.84 5.23 -5.72
CA ASP C 1385 36.09 5.65 -7.10
C ASP C 1385 36.13 7.15 -7.23
N LYS C 1386 35.36 7.87 -6.42
CA LYS C 1386 35.39 9.33 -6.44
C LYS C 1386 36.78 9.85 -6.08
N SER C 1387 37.42 9.25 -5.09
CA SER C 1387 38.77 9.65 -4.71
C SER C 1387 39.76 9.43 -5.85
N LEU C 1388 39.68 8.28 -6.52
CA LEU C 1388 40.57 8.00 -7.65
C LEU C 1388 40.36 9.00 -8.77
N TYR C 1389 39.10 9.27 -9.11
CA TYR C 1389 38.82 10.21 -10.19
C TYR C 1389 39.28 11.62 -9.82
N THR C 1390 39.10 12.01 -8.56
CA THR C 1390 39.56 13.32 -8.12
C THR C 1390 41.08 13.42 -8.20
N GLN C 1391 41.78 12.36 -7.80
CA GLN C 1391 43.24 12.37 -7.89
C GLN C 1391 43.70 12.47 -9.34
N LEU C 1392 43.06 11.71 -10.23
CA LEU C 1392 43.42 11.77 -11.64
C LEU C 1392 43.15 13.16 -12.22
N CYS C 1393 42.02 13.76 -11.84
CA CYS C 1393 41.71 15.11 -12.30
C CYS C 1393 42.71 16.13 -11.75
N PHE C 1394 43.17 15.95 -10.51
CA PHE C 1394 44.18 16.83 -9.94
C PHE C 1394 45.49 16.73 -10.71
N TYR C 1395 45.91 15.49 -11.03
CA TYR C 1395 47.11 15.31 -11.84
C TYR C 1395 46.95 15.92 -13.22
N ARG C 1396 45.77 15.80 -13.80
CA ARG C 1396 45.52 16.42 -15.11
C ARG C 1396 45.56 17.94 -15.02
N TYR C 1397 45.02 18.50 -13.94
CA TYR C 1397 44.89 19.95 -13.82
C TYR C 1397 46.22 20.61 -13.50
N ILE C 1398 47.09 19.95 -12.72
CA ILE C 1398 48.36 20.57 -12.37
C ILE C 1398 49.29 20.76 -13.56
N PHE C 1399 49.02 20.10 -14.68
CA PHE C 1399 49.81 20.25 -15.90
C PHE C 1399 48.97 20.72 -17.07
N ASP C 1400 47.83 21.36 -16.81
CA ASP C 1400 46.93 21.83 -17.87
C ASP C 1400 47.04 23.36 -17.94
N ALA C 1401 47.98 23.84 -18.77
CA ALA C 1401 48.16 25.28 -18.93
C ALA C 1401 47.03 25.93 -19.73
N GLU C 1402 46.33 25.15 -20.55
CA GLU C 1402 45.27 25.71 -21.38
C GLU C 1402 44.16 26.31 -20.51
N CYS C 1403 43.73 25.59 -19.49
CA CYS C 1403 42.75 26.12 -18.54
C CYS C 1403 43.38 26.99 -17.47
N ALA C 1404 44.71 26.91 -17.29
CA ALA C 1404 45.40 27.76 -16.33
C ALA C 1404 45.57 29.19 -16.84
N LEU C 1405 45.66 29.38 -18.14
CA LEU C 1405 45.81 30.71 -18.73
C LEU C 1405 44.49 31.45 -18.85
N GLU C 1406 43.40 30.75 -19.16
CA GLU C 1406 42.09 31.40 -19.27
C GLU C 1406 41.51 31.77 -17.92
N LYS C 1407 42.07 31.26 -16.82
CA LYS C 1407 41.56 31.58 -15.50
C LYS C 1407 41.85 33.03 -15.12
N LEU C 1408 42.85 33.66 -15.74
CA LEU C 1408 43.19 35.04 -15.44
C LEU C 1408 42.09 35.97 -15.89
N THR C 1409 41.76 36.95 -15.04
CA THR C 1409 40.68 37.88 -15.35
C THR C 1409 41.09 38.93 -16.38
N THR C 1410 42.40 39.16 -16.53
CA THR C 1410 42.91 40.18 -17.43
C THR C 1410 43.66 39.54 -18.59
N ASP C 1411 43.38 40.01 -19.81
CA ASP C 1411 44.06 39.49 -20.98
C ASP C 1411 45.50 39.99 -21.07
N HIS C 1412 45.77 41.20 -20.55
CA HIS C 1412 47.12 41.74 -20.61
C HIS C 1412 48.09 40.89 -19.80
N GLU C 1413 47.70 40.52 -18.58
CA GLU C 1413 48.56 39.66 -17.76
C GLU C 1413 48.71 38.28 -18.38
N LYS C 1414 47.65 37.75 -18.98
CA LYS C 1414 47.72 36.46 -19.65
C LYS C 1414 48.74 36.50 -20.79
N ASP C 1415 48.68 37.55 -21.61
CA ASP C 1415 49.66 37.69 -22.70
C ASP C 1415 51.07 37.89 -22.16
N LYS C 1416 51.23 38.68 -21.08
CA LYS C 1416 52.55 38.89 -20.50
C LYS C 1416 53.15 37.59 -20.03
N LEU C 1417 52.35 36.75 -19.37
CA LEU C 1417 52.84 35.45 -18.91
C LEU C 1417 53.04 34.46 -20.05
N LYS C 1418 52.26 34.58 -21.13
CA LYS C 1418 52.38 33.65 -22.25
C LYS C 1418 53.64 33.94 -23.07
N LYS C 1419 53.94 35.22 -23.32
CA LYS C 1419 55.06 35.58 -24.18
C LYS C 1419 56.40 35.57 -23.46
N GLN C 1420 56.42 35.47 -22.14
CA GLN C 1420 57.69 35.49 -21.41
C GLN C 1420 58.25 34.10 -21.15
N PHE C 1421 57.40 33.12 -20.85
CA PHE C 1421 57.85 31.77 -20.58
C PHE C 1421 57.13 30.71 -21.40
N PHE C 1422 55.84 30.90 -21.69
CA PHE C 1422 55.05 29.90 -22.38
C PHE C 1422 55.35 29.94 -23.88
N THR C 1423 56.56 29.52 -24.21
CA THR C 1423 56.96 29.39 -25.59
C THR C 1423 56.25 28.18 -26.21
N PRO C 1424 56.21 28.08 -27.55
CA PRO C 1424 55.60 26.89 -28.17
C PRO C 1424 56.22 25.59 -27.70
N LYS C 1425 57.53 25.57 -27.42
CA LYS C 1425 58.14 24.37 -26.88
C LYS C 1425 57.68 24.10 -25.45
N VAL C 1426 57.56 25.15 -24.64
CA VAL C 1426 57.06 25.01 -23.27
C VAL C 1426 55.61 24.53 -23.29
N LEU C 1427 54.79 25.13 -24.15
CA LEU C 1427 53.41 24.69 -24.29
C LEU C 1427 53.35 23.24 -24.78
N GLN C 1428 54.26 22.86 -25.68
CA GLN C 1428 54.30 21.48 -26.15
C GLN C 1428 54.65 20.52 -25.03
N ASP C 1429 55.59 20.88 -24.16
CA ASP C 1429 55.93 20.02 -23.03
C ASP C 1429 54.76 19.91 -22.05
N TYR C 1430 54.09 21.03 -21.76
CA TYR C 1430 52.92 20.97 -20.89
C TYR C 1430 51.83 20.11 -21.49
N ARG C 1431 51.61 20.24 -22.81
CA ARG C 1431 50.63 19.39 -23.47
C ARG C 1431 51.08 17.93 -23.49
N LYS C 1432 52.39 17.68 -23.50
CA LYS C 1432 52.88 16.31 -23.39
C LYS C 1432 52.53 15.71 -22.03
N LEU C 1433 52.71 16.47 -20.96
CA LEU C 1433 52.28 16.00 -19.64
C LEU C 1433 50.76 15.79 -19.60
N LYS C 1434 50.02 16.74 -20.16
CA LYS C 1434 48.56 16.62 -20.19
C LYS C 1434 48.12 15.40 -20.97
N ASN C 1435 48.82 15.09 -22.07
CA ASN C 1435 48.49 13.91 -22.87
C ASN C 1435 48.92 12.63 -22.18
N THR C 1436 50.00 12.69 -21.39
CA THR C 1436 50.36 11.53 -20.57
C THR C 1436 49.23 11.20 -19.60
N ALA C 1437 48.64 12.23 -18.99
CA ALA C 1437 47.45 12.01 -18.16
C ALA C 1437 46.26 11.56 -19.01
N GLU C 1438 46.10 12.15 -20.19
CA GLU C 1438 44.91 11.93 -21.00
C GLU C 1438 44.91 10.53 -21.62
N GLN C 1439 46.08 9.91 -21.72
CA GLN C 1439 46.13 8.54 -22.21
C GLN C 1439 45.42 7.61 -21.24
N PHE C 1440 45.59 7.83 -19.94
CA PHE C 1440 44.86 7.06 -18.94
C PHE C 1440 43.43 7.54 -18.82
N LEU C 1441 43.19 8.85 -18.96
CA LEU C 1441 41.85 9.40 -18.80
C LEU C 1441 40.97 9.24 -20.04
N SER C 1442 41.50 8.71 -21.15
CA SER C 1442 40.79 8.80 -22.41
C SER C 1442 39.76 7.68 -22.55
N ARG C 1443 40.21 6.43 -22.58
CA ARG C 1443 39.33 5.30 -22.84
C ARG C 1443 38.83 4.68 -21.54
N SER C 1444 39.75 4.21 -20.69
CA SER C 1444 39.35 3.80 -19.35
C SER C 1444 38.83 5.01 -18.59
N GLY C 1445 37.72 4.84 -17.88
CA GLY C 1445 37.07 5.99 -17.32
C GLY C 1445 36.09 5.74 -16.19
N TYR C 1446 34.94 6.41 -16.28
CA TYR C 1446 34.05 6.71 -15.16
C TYR C 1446 33.06 7.77 -15.61
N SER C 1447 33.46 8.56 -16.60
CA SER C 1447 32.59 9.57 -17.19
C SER C 1447 31.66 8.99 -18.24
N GLU C 1448 31.81 7.72 -18.59
CA GLU C 1448 30.90 7.08 -19.53
C GLU C 1448 29.69 6.51 -18.80
N VAL C 1449 28.50 6.87 -19.27
CA VAL C 1449 27.26 6.44 -18.65
C VAL C 1449 26.53 5.55 -19.65
N ASN C 1450 26.29 4.31 -19.26
CA ASN C 1450 25.56 3.38 -20.12
C ASN C 1450 24.07 3.63 -20.00
N LEU C 1451 23.44 4.01 -21.11
CA LEU C 1451 22.01 4.27 -21.10
C LEU C 1451 21.22 2.97 -20.96
N SER C 1452 21.74 1.87 -21.49
CA SER C 1452 21.03 0.59 -21.42
C SER C 1452 20.87 0.14 -19.97
N LYS C 1453 21.93 0.26 -19.16
CA LYS C 1453 21.82 -0.11 -17.76
C LYS C 1453 20.94 0.86 -16.99
N LEU C 1454 20.89 2.12 -17.41
CA LEU C 1454 20.09 3.11 -16.73
C LEU C 1454 18.59 2.93 -16.98
N PHE C 1455 18.22 2.53 -18.19
CA PHE C 1455 16.81 2.39 -18.55
C PHE C 1455 16.31 0.95 -18.45
N ALA C 1456 16.94 0.03 -19.16
CA ALA C 1456 16.52 -1.37 -19.15
C ALA C 1456 16.87 -2.03 -17.82
N ALA D 1 80.68 -1.00 -16.75
CA ALA D 1 81.89 -1.76 -16.47
C ALA D 1 81.55 -3.08 -15.77
N THR D 2 81.42 -3.02 -14.44
CA THR D 2 81.05 -4.18 -13.63
C THR D 2 79.71 -4.76 -14.06
N PRO D 3 78.70 -3.95 -14.41
CA PRO D 3 77.47 -4.51 -14.97
C PRO D 3 77.76 -5.34 -16.22
N SER D 4 77.00 -6.43 -16.38
CA SER D 4 77.05 -7.36 -17.50
C SER D 4 78.37 -8.13 -17.59
N GLN D 5 79.22 -8.05 -16.56
CA GLN D 5 80.44 -8.83 -16.56
C GLN D 5 80.14 -10.30 -16.31
N LYS D 6 79.26 -10.59 -15.34
CA LYS D 6 78.92 -11.97 -15.02
C LYS D 6 78.24 -12.65 -16.21
N TYR D 7 77.38 -11.93 -16.93
CA TYR D 7 76.69 -12.54 -18.07
C TYR D 7 77.67 -12.95 -19.15
N ASN D 8 78.68 -12.11 -19.40
CA ASN D 8 79.68 -12.42 -20.42
C ASN D 8 80.71 -13.43 -19.95
N SER D 9 80.93 -13.58 -18.65
CA SER D 9 81.99 -14.46 -18.17
C SER D 9 81.62 -15.93 -18.15
N ARG D 10 80.34 -16.28 -18.24
CA ARG D 10 79.95 -17.68 -18.27
C ARG D 10 80.27 -18.31 -19.61
N SER D 11 80.77 -19.54 -19.58
CA SER D 11 81.14 -20.27 -20.78
C SER D 11 80.40 -21.58 -20.98
N ASN D 12 79.26 -21.77 -20.31
CA ASN D 12 78.54 -23.03 -20.38
C ASN D 12 77.40 -22.99 -21.39
N ARG D 13 77.55 -22.22 -22.48
CA ARG D 13 76.49 -22.12 -23.47
C ARG D 13 76.34 -23.40 -24.27
N GLY D 14 75.09 -23.78 -24.53
CA GLY D 14 74.79 -24.79 -25.53
C GLY D 14 74.01 -26.00 -25.07
N GLU D 15 74.25 -26.51 -23.86
CA GLU D 15 73.64 -27.77 -23.46
C GLU D 15 72.15 -27.61 -23.18
N VAL D 16 71.40 -28.67 -23.47
CA VAL D 16 69.96 -28.71 -23.24
C VAL D 16 69.72 -29.05 -21.77
N VAL D 17 68.79 -28.32 -21.14
CA VAL D 17 68.47 -28.60 -19.74
C VAL D 17 67.36 -29.64 -19.58
N THR D 18 66.41 -29.73 -20.52
CA THR D 18 65.45 -30.82 -20.45
C THR D 18 64.80 -31.03 -21.81
N SER D 19 64.26 -32.23 -22.02
CA SER D 19 63.58 -32.61 -23.24
C SER D 19 62.40 -33.51 -22.91
N PHE D 20 61.45 -33.58 -23.84
CA PHE D 20 60.24 -34.36 -23.65
C PHE D 20 59.75 -34.87 -25.00
N GLY D 21 59.33 -36.12 -25.02
CA GLY D 21 58.86 -36.75 -26.23
C GLY D 21 59.84 -37.75 -26.81
N LEU D 22 60.50 -37.37 -27.90
CA LEU D 22 61.47 -38.22 -28.56
C LEU D 22 62.85 -37.58 -28.49
N ALA D 23 63.89 -38.42 -28.60
CA ALA D 23 65.25 -37.93 -28.51
C ALA D 23 65.62 -37.16 -29.78
N GLN D 24 66.15 -35.96 -29.60
CA GLN D 24 66.59 -35.12 -30.71
C GLN D 24 67.99 -34.59 -30.40
N GLY D 25 68.74 -34.30 -31.47
CA GLY D 25 70.09 -33.81 -31.32
C GLY D 25 70.15 -32.31 -31.08
N VAL D 26 71.13 -31.65 -31.70
CA VAL D 26 71.31 -30.21 -31.53
C VAL D 26 70.89 -29.43 -32.78
N SER D 27 70.97 -30.03 -33.97
CA SER D 27 70.69 -29.33 -35.22
C SER D 27 69.18 -29.13 -35.41
N TRP D 28 68.62 -28.26 -34.56
CA TRP D 28 67.23 -27.86 -34.71
C TRP D 28 67.14 -26.70 -35.70
N SER D 29 66.45 -26.94 -36.82
CA SER D 29 66.34 -25.92 -37.85
C SER D 29 65.12 -26.21 -38.71
N GLY D 30 64.40 -25.15 -39.09
CA GLY D 30 63.22 -25.26 -39.91
C GLY D 30 63.30 -24.44 -41.19
N ARG D 31 62.17 -24.40 -41.89
CA ARG D 31 62.06 -23.68 -43.15
C ARG D 31 61.77 -22.20 -42.96
N GLY D 32 61.48 -21.76 -41.73
CA GLY D 32 61.20 -20.36 -41.49
C GLY D 32 59.85 -19.91 -41.99
N GLY D 33 59.84 -18.90 -42.87
CA GLY D 33 58.62 -18.36 -43.42
C GLY D 33 58.05 -19.13 -44.59
N ALA D 34 58.71 -20.18 -45.04
CA ALA D 34 58.20 -20.97 -46.15
C ALA D 34 56.98 -21.78 -45.73
N GLY D 35 56.17 -22.16 -46.71
CA GLY D 35 54.97 -22.93 -46.44
C GLY D 35 53.84 -22.08 -45.93
N ASN D 36 52.77 -22.76 -45.52
CA ASN D 36 51.57 -22.13 -44.99
C ASN D 36 51.60 -22.15 -43.47
N ILE D 37 51.44 -20.98 -42.86
CA ILE D 37 51.44 -20.84 -41.41
C ILE D 37 50.13 -20.15 -41.03
N SER D 38 49.36 -20.80 -40.16
CA SER D 38 48.05 -20.28 -39.73
C SER D 38 48.13 -19.93 -38.25
N LEU D 39 48.06 -18.64 -37.96
CA LEU D 39 48.06 -18.11 -36.59
C LEU D 39 46.73 -17.38 -36.41
N LYS D 40 45.74 -18.06 -35.84
CA LYS D 40 44.38 -17.53 -35.75
C LYS D 40 43.92 -17.44 -34.30
N VAL D 41 43.27 -16.35 -33.95
CA VAL D 41 42.70 -16.18 -32.62
C VAL D 41 41.35 -16.90 -32.59
N LEU D 42 41.19 -17.80 -31.62
CA LEU D 42 40.01 -18.65 -31.54
C LEU D 42 39.42 -18.60 -30.14
N GLY D 43 38.10 -18.79 -30.07
CA GLY D 43 37.40 -18.85 -28.80
C GLY D 43 36.25 -17.87 -28.67
N CYS D 44 36.32 -17.01 -27.66
CA CYS D 44 35.36 -15.95 -27.41
C CYS D 44 35.59 -14.84 -28.44
N PRO D 45 34.83 -13.72 -28.40
CA PRO D 45 35.24 -12.53 -29.18
C PRO D 45 36.74 -12.30 -29.07
N GLU D 46 37.42 -12.27 -30.22
CA GLU D 46 38.84 -12.57 -30.30
C GLU D 46 39.71 -11.70 -29.41
N ALA D 47 40.23 -12.29 -28.33
CA ALA D 47 41.30 -11.75 -27.50
C ALA D 47 41.13 -10.27 -27.17
N LEU D 48 39.87 -9.80 -27.09
CA LEU D 48 39.48 -8.39 -26.95
C LEU D 48 40.22 -7.47 -27.93
N THR D 49 39.46 -6.77 -28.77
CA THR D 49 40.04 -5.94 -29.82
C THR D 49 40.41 -4.55 -29.35
N GLY D 50 39.50 -3.84 -28.70
CA GLY D 50 39.82 -2.53 -28.16
C GLY D 50 40.72 -2.61 -26.95
N SER D 51 41.18 -1.44 -26.51
CA SER D 51 42.06 -1.39 -25.35
C SER D 51 41.36 -1.92 -24.12
N TYR D 52 40.33 -1.22 -23.66
CA TYR D 52 39.48 -1.69 -22.57
C TYR D 52 38.26 -0.78 -22.52
N LYS D 53 37.48 -0.91 -21.44
CA LYS D 53 36.26 -0.12 -21.27
C LYS D 53 36.38 0.94 -20.18
N SER D 54 36.74 0.56 -18.96
CA SER D 54 36.84 1.51 -17.87
C SER D 54 37.66 0.90 -16.74
N MET D 55 37.88 1.70 -15.70
CA MET D 55 38.52 1.25 -14.46
C MET D 55 37.58 1.43 -13.28
N PHE D 56 36.29 1.60 -13.55
CA PHE D 56 35.28 1.84 -12.52
C PHE D 56 34.44 0.59 -12.36
N GLN D 57 34.55 -0.06 -11.22
CA GLN D 57 33.84 -1.30 -10.93
C GLN D 57 32.69 -1.01 -9.98
N LYS D 58 31.46 -1.16 -10.45
CA LYS D 58 30.31 -1.13 -9.56
C LYS D 58 30.37 -2.34 -8.64
N LEU D 59 30.25 -2.10 -7.33
CA LEU D 59 30.34 -3.20 -6.38
C LEU D 59 29.32 -4.29 -6.61
N PRO D 60 28.04 -4.01 -6.92
CA PRO D 60 27.10 -5.09 -7.20
C PRO D 60 27.26 -5.73 -8.57
N ASP D 61 28.37 -5.52 -9.28
CA ASP D 61 28.58 -6.15 -10.58
C ASP D 61 29.50 -7.36 -10.54
N ILE D 62 30.45 -7.41 -9.60
CA ILE D 62 31.34 -8.56 -9.50
C ILE D 62 30.57 -9.80 -9.06
N ARG D 63 29.47 -9.60 -8.34
CA ARG D 63 28.70 -10.75 -7.83
C ARG D 63 28.13 -11.59 -8.94
N GLU D 64 27.63 -10.96 -10.02
CA GLU D 64 27.09 -11.73 -11.12
C GLU D 64 28.18 -12.54 -11.83
N VAL D 65 29.37 -11.95 -11.99
CA VAL D 65 30.48 -12.69 -12.59
C VAL D 65 30.83 -13.91 -11.73
N LEU D 66 30.93 -13.71 -10.42
CA LEU D 66 31.23 -14.82 -9.52
C LEU D 66 30.12 -15.88 -9.58
N THR D 67 28.86 -15.44 -9.62
CA THR D 67 27.74 -16.37 -9.67
C THR D 67 27.78 -17.21 -10.94
N CYS D 68 28.05 -16.57 -12.09
CA CYS D 68 28.17 -17.33 -13.33
C CYS D 68 29.33 -18.30 -13.28
N LYS D 69 30.48 -17.87 -12.74
CA LYS D 69 31.64 -18.75 -12.65
C LYS D 69 31.32 -19.98 -11.82
N ILE D 70 30.63 -19.81 -10.70
CA ILE D 70 30.27 -20.97 -9.88
C ILE D 70 29.23 -21.83 -10.58
N GLU D 71 28.17 -21.20 -11.11
CA GLU D 71 27.00 -21.94 -11.57
C GLU D 71 27.29 -22.73 -12.84
N GLU D 72 28.04 -22.16 -13.78
CA GLU D 72 28.31 -22.88 -15.02
C GLU D 72 29.09 -24.17 -14.74
N LEU D 73 30.15 -24.08 -13.95
CA LEU D 73 30.93 -25.26 -13.60
C LEU D 73 30.11 -26.24 -12.77
N GLY D 74 29.31 -25.73 -11.84
CA GLY D 74 28.49 -26.62 -11.03
C GLY D 74 27.48 -27.40 -11.85
N SER D 75 26.81 -26.72 -12.79
CA SER D 75 25.85 -27.39 -13.65
C SER D 75 26.53 -28.39 -14.58
N GLU D 76 27.69 -28.02 -15.12
CA GLU D 76 28.40 -28.95 -15.99
C GLU D 76 28.83 -30.20 -15.24
N LEU D 77 29.34 -30.04 -14.02
CA LEU D 77 29.71 -31.21 -13.22
C LEU D 77 28.49 -32.00 -12.77
N LYS D 78 27.36 -31.33 -12.54
CA LYS D 78 26.13 -32.05 -12.21
C LYS D 78 25.67 -32.92 -13.37
N GLU D 79 25.72 -32.39 -14.59
CA GLU D 79 25.37 -33.19 -15.76
C GLU D 79 26.37 -34.32 -15.99
N HIS D 80 27.66 -34.06 -15.76
CA HIS D 80 28.66 -35.11 -15.95
C HIS D 80 28.49 -36.24 -14.96
N TYR D 81 28.34 -35.91 -13.68
CA TYR D 81 28.23 -36.92 -12.62
C TYR D 81 26.82 -37.41 -12.40
N LYS D 82 25.83 -36.85 -13.11
CA LYS D 82 24.43 -37.25 -12.99
C LYS D 82 23.94 -37.12 -11.55
N ILE D 83 24.23 -35.98 -10.93
CA ILE D 83 23.74 -35.68 -9.60
C ILE D 83 22.30 -35.17 -9.72
N GLU D 84 21.43 -35.70 -8.87
CA GLU D 84 20.00 -35.36 -8.96
C GLU D 84 19.77 -33.88 -8.65
N ALA D 85 20.29 -33.40 -7.53
CA ALA D 85 20.08 -32.02 -7.13
C ALA D 85 21.12 -31.63 -6.08
N PHE D 86 21.28 -30.33 -5.88
CA PHE D 86 22.17 -29.80 -4.86
C PHE D 86 21.39 -29.43 -3.61
N THR D 87 22.13 -29.17 -2.53
CA THR D 87 21.56 -28.83 -1.24
C THR D 87 22.09 -27.49 -0.78
N PRO D 88 21.26 -26.63 -0.16
CA PRO D 88 21.79 -25.40 0.42
C PRO D 88 22.73 -25.68 1.58
N LEU D 89 23.67 -24.76 1.79
CA LEU D 89 24.62 -24.92 2.89
C LEU D 89 23.92 -24.89 4.24
N LEU D 90 22.95 -24.01 4.42
CA LEU D 90 22.31 -23.81 5.71
C LEU D 90 21.19 -24.80 6.00
N ALA D 91 20.90 -25.72 5.07
CA ALA D 91 19.83 -26.69 5.28
C ALA D 91 20.40 -27.91 6.00
N PRO D 92 19.96 -28.20 7.23
CA PRO D 92 20.45 -29.39 7.91
C PRO D 92 19.96 -30.67 7.24
N ALA D 93 20.78 -31.72 7.36
CA ALA D 93 20.43 -33.02 6.78
C ALA D 93 21.23 -34.14 7.44
N GLN D 94 20.54 -35.11 8.04
CA GLN D 94 21.24 -36.24 8.64
C GLN D 94 21.81 -37.16 7.57
N GLU D 95 21.05 -37.41 6.51
CA GLU D 95 21.54 -38.24 5.42
C GLU D 95 22.64 -37.51 4.64
N PRO D 96 23.59 -38.25 4.08
CA PRO D 96 24.64 -37.60 3.28
C PRO D 96 24.05 -36.85 2.10
N VAL D 97 24.58 -35.65 1.86
CA VAL D 97 24.09 -34.77 0.80
C VAL D 97 25.26 -34.16 0.04
N THR D 98 24.96 -33.65 -1.14
CA THR D 98 25.94 -33.03 -2.02
C THR D 98 25.75 -31.52 -1.97
N LEU D 99 26.85 -30.80 -1.77
CA LEU D 99 26.89 -29.36 -1.66
C LEU D 99 27.66 -28.76 -2.83
N LEU D 100 27.24 -27.58 -3.26
CA LEU D 100 27.92 -26.87 -4.34
C LEU D 100 28.42 -25.54 -3.80
N GLY D 101 29.70 -25.28 -3.98
CA GLY D 101 30.27 -24.05 -3.46
C GLY D 101 31.71 -23.86 -3.91
N GLN D 102 32.35 -22.88 -3.28
CA GLN D 102 33.72 -22.49 -3.60
C GLN D 102 34.56 -22.56 -2.34
N ILE D 103 35.79 -23.08 -2.46
CA ILE D 103 36.68 -23.20 -1.32
C ILE D 103 37.29 -21.84 -1.01
N GLY D 104 37.40 -21.54 0.29
CA GLY D 104 38.00 -20.28 0.71
C GLY D 104 38.51 -20.40 2.14
N CYS D 105 39.12 -19.31 2.59
CA CYS D 105 39.67 -19.19 3.93
C CYS D 105 38.85 -18.21 4.76
N ASP D 106 38.91 -18.42 6.08
CA ASP D 106 38.14 -17.61 7.03
C ASP D 106 38.97 -16.50 7.66
N SER D 107 40.19 -16.28 7.19
CA SER D 107 41.05 -15.22 7.72
C SER D 107 41.95 -14.71 6.59
N ASN D 108 42.86 -13.81 6.93
CA ASN D 108 43.80 -13.24 5.97
C ASN D 108 45.12 -13.98 5.93
N GLY D 109 45.27 -15.05 6.72
CA GLY D 109 46.48 -15.83 6.76
C GLY D 109 46.49 -16.95 5.72
N LYS D 110 47.54 -17.76 5.79
CA LYS D 110 47.68 -18.89 4.89
C LYS D 110 46.60 -19.93 5.16
N LEU D 111 46.00 -20.45 4.10
CA LEU D 111 44.96 -21.45 4.24
C LEU D 111 45.53 -22.76 4.79
N ASN D 112 44.80 -23.37 5.71
CA ASN D 112 45.16 -24.66 6.27
C ASN D 112 43.92 -25.56 6.27
N ASN D 113 44.15 -26.86 6.48
CA ASN D 113 43.06 -27.82 6.43
C ASN D 113 42.00 -27.54 7.48
N LYS D 114 42.38 -26.92 8.61
CA LYS D 114 41.43 -26.65 9.67
C LYS D 114 40.51 -25.47 9.34
N SER D 115 40.99 -24.53 8.51
CA SER D 115 40.28 -23.30 8.26
C SER D 115 39.59 -23.26 6.89
N VAL D 116 39.37 -24.41 6.27
CA VAL D 116 38.73 -24.43 4.95
C VAL D 116 37.23 -24.21 5.10
N ILE D 117 36.69 -23.25 4.35
CA ILE D 117 35.28 -22.96 4.36
C ILE D 117 34.74 -23.09 2.93
N LEU D 118 33.46 -23.39 2.84
CA LEU D 118 32.76 -23.48 1.56
C LEU D 118 31.74 -22.36 1.50
N GLU D 119 31.81 -21.56 0.43
CA GLU D 119 30.89 -20.45 0.19
C GLU D 119 29.97 -20.85 -0.95
N GLY D 120 28.67 -20.88 -0.69
CA GLY D 120 27.72 -21.41 -1.64
C GLY D 120 27.32 -20.42 -2.71
N ASP D 121 26.57 -20.94 -3.69
CA ASP D 121 26.05 -20.11 -4.76
C ASP D 121 24.80 -19.36 -4.29
N ARG D 122 24.49 -18.28 -5.01
CA ARG D 122 23.37 -17.43 -4.61
C ARG D 122 22.02 -18.07 -4.93
N GLU D 123 21.95 -18.88 -5.98
CA GLU D 123 20.69 -19.52 -6.34
C GLU D 123 20.27 -20.54 -5.27
N HIS D 124 21.22 -21.31 -4.75
CA HIS D 124 20.92 -22.37 -3.79
C HIS D 124 21.16 -21.95 -2.35
N SER D 125 22.37 -21.51 -2.02
CA SER D 125 22.75 -21.18 -0.65
C SER D 125 22.64 -19.70 -0.32
N SER D 126 22.27 -18.87 -1.29
CA SER D 126 22.13 -17.43 -1.10
C SER D 126 23.41 -16.80 -0.56
N GLY D 127 24.55 -17.28 -1.06
CA GLY D 127 25.84 -16.74 -0.67
C GLY D 127 26.21 -16.96 0.78
N ALA D 128 25.95 -18.14 1.32
CA ALA D 128 26.32 -18.46 2.69
C ALA D 128 27.71 -19.09 2.74
N GLN D 129 28.26 -19.19 3.95
CA GLN D 129 29.57 -19.79 4.16
C GLN D 129 29.52 -20.73 5.36
N ILE D 130 30.07 -21.92 5.20
CA ILE D 130 30.13 -22.89 6.30
C ILE D 130 31.51 -23.54 6.35
N PRO D 131 32.09 -23.75 7.54
CA PRO D 131 33.35 -24.48 7.62
C PRO D 131 33.18 -25.94 7.25
N VAL D 132 34.27 -26.54 6.75
CA VAL D 132 34.25 -27.95 6.37
C VAL D 132 35.35 -28.68 7.12
N ASP D 133 35.12 -29.96 7.36
CA ASP D 133 36.03 -30.84 8.07
C ASP D 133 36.54 -31.91 7.12
N LEU D 134 37.86 -31.99 6.96
CA LEU D 134 38.51 -32.87 6.02
C LEU D 134 39.07 -34.13 6.67
N SER D 135 38.75 -34.38 7.94
CA SER D 135 39.31 -35.52 8.64
C SER D 135 38.84 -36.83 8.01
N GLU D 136 37.57 -36.91 7.63
CA GLU D 136 36.99 -38.13 7.08
C GLU D 136 37.16 -38.24 5.57
N LEU D 137 38.09 -37.49 4.99
CA LEU D 137 38.35 -37.54 3.56
C LEU D 137 39.70 -38.21 3.31
N LYS D 138 39.72 -39.13 2.34
CA LYS D 138 40.95 -39.88 2.06
C LYS D 138 41.93 -39.05 1.25
N GLU D 139 41.48 -38.47 0.13
CA GLU D 139 42.33 -37.69 -0.76
C GLU D 139 41.64 -36.40 -1.11
N TYR D 140 42.40 -35.29 -1.10
CA TYR D 140 41.85 -34.00 -1.47
C TYR D 140 42.99 -33.08 -1.88
N SER D 141 42.64 -32.03 -2.62
CA SER D 141 43.59 -31.00 -3.04
C SER D 141 42.79 -29.71 -3.25
N LEU D 142 42.90 -28.78 -2.32
CA LEU D 142 42.04 -27.61 -2.29
C LEU D 142 42.86 -26.32 -2.30
N PHE D 143 42.39 -25.35 -3.07
CA PHE D 143 42.91 -23.99 -3.07
C PHE D 143 41.73 -23.03 -3.11
N PRO D 144 41.91 -21.81 -2.60
CA PRO D 144 40.81 -20.83 -2.66
C PRO D 144 40.42 -20.52 -4.08
N GLY D 145 39.12 -20.36 -4.30
CA GLY D 145 38.58 -20.06 -5.62
C GLY D 145 38.25 -21.27 -6.47
N GLN D 146 38.39 -22.49 -5.94
CA GLN D 146 38.09 -23.69 -6.71
C GLN D 146 36.61 -24.02 -6.61
N VAL D 147 35.98 -24.33 -7.75
CA VAL D 147 34.58 -24.69 -7.78
C VAL D 147 34.49 -26.21 -7.89
N VAL D 148 34.00 -26.86 -6.84
CA VAL D 148 33.86 -28.31 -6.80
C VAL D 148 32.51 -28.66 -6.21
N ILE D 149 32.16 -29.94 -6.30
CA ILE D 149 30.97 -30.50 -5.66
C ILE D 149 31.44 -31.38 -4.51
N MET D 150 30.99 -31.05 -3.30
CA MET D 150 31.47 -31.68 -2.08
C MET D 150 30.38 -32.56 -1.47
N GLU D 151 30.65 -33.85 -1.37
CA GLU D 151 29.71 -34.78 -0.76
C GLU D 151 30.05 -34.91 0.72
N GLY D 152 29.05 -34.78 1.57
CA GLY D 152 29.33 -34.84 3.00
C GLY D 152 28.07 -34.78 3.83
N ILE D 153 28.28 -34.64 5.13
CA ILE D 153 27.20 -34.63 6.12
C ILE D 153 27.19 -33.27 6.81
N ASN D 154 26.00 -32.67 6.91
CA ASN D 154 25.80 -31.40 7.60
C ASN D 154 24.55 -31.56 8.48
N THR D 155 24.77 -31.98 9.73
CA THR D 155 23.67 -32.25 10.64
C THR D 155 23.24 -31.00 11.41
N THR D 156 24.20 -30.26 11.96
CA THR D 156 23.90 -29.08 12.76
C THR D 156 23.69 -27.83 11.93
N GLY D 157 23.98 -27.88 10.63
CA GLY D 157 23.80 -26.72 9.77
C GLY D 157 24.88 -25.66 9.89
N ARG D 158 25.97 -25.95 10.61
CA ARG D 158 27.05 -24.99 10.77
C ARG D 158 28.42 -25.56 10.43
N LYS D 159 28.51 -26.84 10.06
CA LYS D 159 29.77 -27.46 9.70
C LYS D 159 29.48 -28.67 8.81
N LEU D 160 30.26 -28.81 7.74
CA LEU D 160 30.07 -29.91 6.80
C LEU D 160 31.29 -30.82 6.83
N VAL D 161 31.07 -32.09 7.15
CA VAL D 161 32.14 -33.08 7.21
C VAL D 161 32.20 -33.84 5.89
N ALA D 162 33.37 -33.90 5.29
CA ALA D 162 33.52 -34.51 3.97
C ALA D 162 33.38 -36.03 4.04
N THR D 163 32.88 -36.61 2.95
CA THR D 163 32.86 -38.06 2.79
C THR D 163 33.48 -38.44 1.46
N LYS D 164 33.29 -37.59 0.44
CA LYS D 164 33.85 -37.82 -0.87
C LYS D 164 33.93 -36.49 -1.61
N LEU D 165 35.02 -36.28 -2.35
CA LEU D 165 35.24 -35.07 -3.13
C LEU D 165 35.29 -35.44 -4.61
N TYR D 166 34.46 -34.77 -5.41
CA TYR D 166 34.39 -35.08 -6.83
C TYR D 166 35.59 -34.50 -7.57
N GLU D 167 36.09 -35.27 -8.54
CA GLU D 167 37.21 -34.83 -9.35
C GLU D 167 36.75 -33.87 -10.44
N GLY D 168 37.55 -32.84 -10.71
CA GLY D 168 37.22 -31.91 -11.76
C GLY D 168 37.25 -32.57 -13.13
N VAL D 169 36.35 -32.16 -13.99
CA VAL D 169 36.20 -32.72 -15.33
C VAL D 169 36.68 -31.66 -16.34
N PRO D 170 37.79 -31.89 -17.03
CA PRO D 170 38.23 -30.93 -18.04
C PRO D 170 37.34 -30.95 -19.28
N LEU D 171 37.35 -29.83 -19.98
CA LEU D 171 36.56 -29.69 -21.20
C LEU D 171 37.18 -30.51 -22.32
N PRO D 172 36.36 -31.08 -23.21
CA PRO D 172 36.91 -31.92 -24.28
C PRO D 172 37.85 -31.16 -25.19
N PHE D 173 38.81 -31.89 -25.75
CA PHE D 173 39.84 -31.29 -26.59
C PHE D 173 39.23 -30.71 -27.87
N TYR D 174 40.01 -29.86 -28.54
CA TYR D 174 39.58 -29.29 -29.80
C TYR D 174 39.48 -30.37 -30.87
N GLN D 175 38.46 -30.26 -31.72
CA GLN D 175 38.25 -31.23 -32.79
C GLN D 175 38.99 -30.75 -34.04
N PRO D 176 40.02 -31.46 -34.48
CA PRO D 176 40.75 -31.02 -35.69
C PRO D 176 39.89 -31.12 -36.94
N THR D 177 40.12 -30.19 -37.86
CA THR D 177 39.44 -30.21 -39.15
C THR D 177 40.28 -30.96 -40.18
N GLU D 178 39.66 -31.29 -41.31
CA GLU D 178 40.37 -31.99 -42.37
C GLU D 178 41.46 -31.11 -42.99
N GLU D 179 41.27 -29.78 -42.97
CA GLU D 179 42.29 -28.89 -43.51
C GLU D 179 43.55 -28.88 -42.64
N ASP D 180 43.38 -29.02 -41.32
CA ASP D 180 44.51 -28.97 -40.41
C ASP D 180 45.42 -30.18 -40.54
N ALA D 181 44.93 -31.28 -41.10
CA ALA D 181 45.71 -32.51 -41.22
C ALA D 181 46.60 -32.54 -42.46
N ASP D 182 46.53 -31.52 -43.32
CA ASP D 182 47.31 -31.48 -44.54
C ASP D 182 48.56 -30.63 -44.42
N PHE D 183 48.88 -30.12 -43.23
CA PHE D 183 50.03 -29.24 -43.07
C PHE D 183 51.30 -30.03 -42.83
N GLU D 184 52.42 -29.31 -42.74
CA GLU D 184 53.75 -29.88 -42.62
C GLU D 184 54.34 -29.55 -41.24
N GLN D 185 55.62 -29.88 -41.08
CA GLN D 185 56.32 -29.66 -39.81
C GLN D 185 56.28 -28.20 -39.41
N SER D 186 56.04 -27.95 -38.11
CA SER D 186 56.03 -26.59 -37.62
C SER D 186 56.86 -26.48 -36.35
N MET D 187 57.52 -25.32 -36.21
CA MET D 187 58.36 -25.01 -35.05
C MET D 187 57.76 -23.85 -34.27
N VAL D 188 57.74 -23.98 -32.96
CA VAL D 188 57.33 -22.90 -32.08
C VAL D 188 58.43 -22.67 -31.05
N LEU D 189 59.15 -21.56 -31.19
CA LEU D 189 60.12 -21.12 -30.20
C LEU D 189 59.42 -20.20 -29.21
N VAL D 190 59.72 -20.39 -27.93
CA VAL D 190 59.07 -19.64 -26.85
C VAL D 190 60.14 -19.07 -25.95
N ALA D 191 60.08 -17.76 -25.72
CA ALA D 191 60.96 -17.08 -24.78
C ALA D 191 60.13 -16.18 -23.89
N CYS D 192 60.58 -16.01 -22.65
CA CYS D 192 59.89 -15.20 -21.66
C CYS D 192 60.86 -14.26 -20.97
N GLY D 193 60.38 -13.09 -20.59
CA GLY D 193 61.20 -12.09 -19.94
C GLY D 193 61.59 -12.49 -18.54
N PRO D 194 62.49 -11.71 -17.91
CA PRO D 194 63.13 -10.51 -18.46
C PRO D 194 64.22 -10.85 -19.48
N TYR D 195 64.55 -9.86 -20.32
CA TYR D 195 65.54 -10.04 -21.36
C TYR D 195 66.87 -9.37 -21.03
N THR D 196 67.12 -9.10 -19.75
CA THR D 196 68.38 -8.52 -19.31
C THR D 196 68.65 -8.94 -17.88
N THR D 197 69.91 -8.83 -17.48
CA THR D 197 70.29 -9.16 -16.11
C THR D 197 69.79 -8.09 -15.15
N SER D 198 69.70 -8.47 -13.88
CA SER D 198 69.09 -7.62 -12.86
C SER D 198 69.98 -6.47 -12.40
N ASP D 199 71.13 -6.20 -13.03
CA ASP D 199 71.93 -5.04 -12.65
C ASP D 199 72.46 -4.25 -13.84
N SER D 200 72.10 -4.61 -15.08
CA SER D 200 72.62 -3.94 -16.25
C SER D 200 71.49 -3.72 -17.24
N ILE D 201 71.71 -2.80 -18.18
CA ILE D 201 70.70 -2.43 -19.17
C ILE D 201 71.18 -2.65 -20.60
N THR D 202 72.25 -3.44 -20.78
CA THR D 202 72.75 -3.70 -22.12
C THR D 202 71.81 -4.57 -22.94
N TYR D 203 70.87 -5.27 -22.30
CA TYR D 203 69.91 -6.14 -22.98
C TYR D 203 70.61 -7.27 -23.74
N ASP D 204 71.79 -7.67 -23.28
CA ASP D 204 72.52 -8.74 -23.94
C ASP D 204 71.74 -10.05 -24.03
N PRO D 205 70.99 -10.49 -23.02
CA PRO D 205 70.13 -11.66 -23.22
C PRO D 205 69.17 -11.49 -24.39
N LEU D 206 68.62 -10.30 -24.59
CA LEU D 206 67.80 -10.06 -25.77
C LEU D 206 68.63 -10.22 -27.04
N LEU D 207 69.86 -9.71 -27.04
CA LEU D 207 70.70 -9.77 -28.23
C LEU D 207 71.03 -11.20 -28.63
N ASP D 208 71.49 -12.03 -27.69
CA ASP D 208 71.83 -13.39 -28.08
C ASP D 208 70.57 -14.25 -28.23
N LEU D 209 69.44 -13.86 -27.64
CA LEU D 209 68.18 -14.51 -27.99
C LEU D 209 67.82 -14.25 -29.45
N ILE D 210 68.00 -13.01 -29.92
CA ILE D 210 67.77 -12.71 -31.33
C ILE D 210 68.74 -13.48 -32.21
N ALA D 211 70.00 -13.60 -31.76
CA ALA D 211 70.97 -14.39 -32.51
C ALA D 211 70.56 -15.86 -32.61
N VAL D 212 70.06 -16.43 -31.51
CA VAL D 212 69.58 -17.81 -31.52
C VAL D 212 68.38 -17.94 -32.45
N ILE D 213 67.49 -16.94 -32.46
CA ILE D 213 66.35 -16.96 -33.37
C ILE D 213 66.83 -16.96 -34.82
N ASN D 214 67.81 -16.10 -35.14
CA ASN D 214 68.32 -16.03 -36.50
C ASN D 214 68.97 -17.35 -36.91
N HIS D 215 69.73 -17.97 -36.02
CA HIS D 215 70.40 -19.22 -36.36
C HIS D 215 69.41 -20.37 -36.48
N ASP D 216 68.37 -20.37 -35.66
CA ASP D 216 67.41 -21.48 -35.63
C ASP D 216 66.55 -21.52 -36.88
N ARG D 217 66.18 -20.36 -37.42
CA ARG D 217 65.18 -20.25 -38.48
C ARG D 217 63.89 -20.98 -38.11
N PRO D 218 63.22 -20.59 -37.03
CA PRO D 218 61.98 -21.27 -36.62
C PRO D 218 60.80 -20.75 -37.43
N ASP D 219 59.60 -21.24 -37.08
CA ASP D 219 58.38 -20.85 -37.76
C ASP D 219 57.57 -19.82 -36.98
N VAL D 220 57.39 -20.03 -35.67
CA VAL D 220 56.69 -19.07 -34.80
C VAL D 220 57.60 -18.74 -33.64
N CYS D 221 57.61 -17.48 -33.22
CA CYS D 221 58.43 -17.01 -32.10
C CYS D 221 57.51 -16.26 -31.13
N ILE D 222 57.22 -16.88 -30.00
CA ILE D 222 56.33 -16.30 -28.99
C ILE D 222 57.19 -15.68 -27.90
N LEU D 223 57.12 -14.36 -27.77
CA LEU D 223 57.90 -13.62 -26.79
C LEU D 223 56.97 -13.06 -25.71
N PHE D 224 57.17 -13.51 -24.48
CA PHE D 224 56.42 -13.07 -23.33
C PHE D 224 57.19 -11.99 -22.60
N GLY D 225 56.49 -11.26 -21.73
CA GLY D 225 57.10 -10.24 -20.92
C GLY D 225 57.78 -10.82 -19.70
N PRO D 226 58.27 -9.94 -18.80
CA PRO D 226 58.23 -8.50 -19.01
C PRO D 226 59.39 -7.95 -19.83
N PHE D 227 59.08 -7.33 -20.97
CA PHE D 227 60.11 -6.66 -21.75
C PHE D 227 60.69 -5.49 -20.97
N LEU D 228 59.86 -4.79 -20.20
CA LEU D 228 60.30 -3.72 -19.30
C LEU D 228 59.79 -4.08 -17.92
N ASP D 229 60.63 -4.77 -17.15
CA ASP D 229 60.21 -5.33 -15.87
C ASP D 229 59.86 -4.23 -14.88
N ALA D 230 58.77 -4.43 -14.14
CA ALA D 230 58.34 -3.49 -13.12
C ALA D 230 59.11 -3.65 -11.81
N LYS D 231 60.01 -4.63 -11.72
CA LYS D 231 60.82 -4.84 -10.52
C LYS D 231 62.29 -4.58 -10.76
N HIS D 232 62.66 -4.01 -11.90
CA HIS D 232 64.05 -3.70 -12.21
C HIS D 232 64.43 -2.43 -11.46
N GLU D 233 65.57 -2.46 -10.76
CA GLU D 233 65.86 -1.41 -9.78
C GLU D 233 65.94 -0.03 -10.43
N GLN D 234 66.41 0.04 -11.67
CA GLN D 234 66.49 1.34 -12.34
C GLN D 234 65.11 1.86 -12.78
N VAL D 235 64.11 0.98 -12.87
CA VAL D 235 62.78 1.41 -13.26
C VAL D 235 62.15 2.29 -12.19
N GLU D 236 62.23 1.85 -10.93
CA GLU D 236 61.58 2.57 -9.84
C GLU D 236 62.41 3.72 -9.30
N ASN D 237 63.69 3.81 -9.67
CA ASN D 237 64.55 4.91 -9.23
C ASN D 237 64.52 6.10 -10.18
N CYS D 238 63.76 5.99 -11.28
CA CYS D 238 63.59 7.05 -12.29
C CYS D 238 64.92 7.74 -12.61
N LEU D 239 65.96 6.92 -12.79
CA LEU D 239 67.28 7.41 -13.16
C LEU D 239 67.53 7.37 -14.65
N LEU D 240 66.58 6.86 -15.44
CA LEU D 240 66.78 6.77 -16.88
C LEU D 240 66.60 8.15 -17.53
N THR D 241 67.11 8.27 -18.75
CA THR D 241 67.00 9.51 -19.52
C THR D 241 66.00 9.40 -20.67
N SER D 242 65.31 8.27 -20.79
CA SER D 242 64.32 8.05 -21.83
C SER D 242 63.04 7.53 -21.22
N PRO D 243 61.88 7.97 -21.73
CA PRO D 243 60.62 7.44 -21.21
C PRO D 243 60.44 5.98 -21.56
N PHE D 244 59.82 5.24 -20.65
CA PHE D 244 59.56 3.82 -20.92
C PHE D 244 58.68 3.64 -22.15
N GLU D 245 57.92 4.67 -22.53
CA GLU D 245 57.18 4.62 -23.78
C GLU D 245 58.13 4.54 -24.97
N ASP D 246 59.20 5.33 -24.95
CA ASP D 246 60.20 5.26 -26.01
C ASP D 246 61.11 4.05 -25.84
N ILE D 247 61.37 3.66 -24.58
CA ILE D 247 62.10 2.43 -24.32
C ILE D 247 61.36 1.26 -24.93
N PHE D 248 60.04 1.35 -25.02
CA PHE D 248 59.28 0.33 -25.72
C PHE D 248 59.61 0.31 -27.21
N LYS D 249 59.72 1.48 -27.83
CA LYS D 249 60.05 1.50 -29.27
C LYS D 249 61.42 0.92 -29.55
N GLN D 250 62.45 1.26 -28.75
CA GLN D 250 63.74 0.68 -29.12
C GLN D 250 63.77 -0.82 -28.84
N CYS D 251 63.10 -1.27 -27.78
CA CYS D 251 63.02 -2.70 -27.53
C CYS D 251 62.32 -3.43 -28.68
N LEU D 252 61.23 -2.85 -29.19
CA LEU D 252 60.56 -3.45 -30.35
C LEU D 252 61.47 -3.48 -31.57
N ARG D 253 62.03 -2.33 -31.96
CA ARG D 253 62.81 -2.32 -33.20
C ARG D 253 64.06 -3.18 -33.08
N THR D 254 64.58 -3.41 -31.87
CA THR D 254 65.66 -4.37 -31.71
C THR D 254 65.30 -5.71 -32.36
N ILE D 255 64.24 -6.35 -31.87
CA ILE D 255 63.81 -7.63 -32.43
C ILE D 255 63.38 -7.46 -33.89
N ILE D 256 62.73 -6.34 -34.21
CA ILE D 256 62.19 -6.16 -35.56
C ILE D 256 63.30 -6.23 -36.61
N GLU D 257 64.37 -5.45 -36.41
CA GLU D 257 65.47 -5.50 -37.38
C GLU D 257 66.45 -6.62 -37.08
N GLY D 258 66.30 -7.32 -35.95
CA GLY D 258 67.13 -8.48 -35.70
C GLY D 258 66.61 -9.76 -36.31
N THR D 259 65.31 -9.85 -36.57
CA THR D 259 64.68 -11.07 -37.06
C THR D 259 64.11 -10.91 -38.46
N ARG D 260 64.60 -9.91 -39.21
CA ARG D 260 64.14 -9.73 -40.58
C ARG D 260 64.67 -10.83 -41.49
N SER D 261 65.94 -11.22 -41.31
CA SER D 261 66.51 -12.28 -42.14
C SER D 261 65.89 -13.63 -41.85
N SER D 262 65.52 -13.89 -40.59
CA SER D 262 64.90 -15.17 -40.25
C SER D 262 63.55 -15.32 -40.92
N GLY D 263 62.74 -14.25 -40.95
CA GLY D 263 61.45 -14.31 -41.59
C GLY D 263 60.38 -15.04 -40.82
N SER D 264 60.62 -15.34 -39.55
CA SER D 264 59.65 -16.07 -38.74
C SER D 264 58.61 -15.12 -38.16
N HIS D 265 57.38 -15.64 -38.01
CA HIS D 265 56.32 -14.85 -37.39
C HIS D 265 56.65 -14.57 -35.93
N LEU D 266 56.32 -13.35 -35.49
CA LEU D 266 56.57 -12.91 -34.13
C LEU D 266 55.24 -12.67 -33.43
N VAL D 267 55.07 -13.25 -32.25
CA VAL D 267 53.88 -13.07 -31.43
C VAL D 267 54.34 -12.51 -30.10
N PHE D 268 54.15 -11.21 -29.89
CA PHE D 268 54.55 -10.54 -28.67
C PHE D 268 53.34 -10.47 -27.74
N VAL D 269 53.46 -11.10 -26.57
CA VAL D 269 52.38 -11.16 -25.60
C VAL D 269 52.83 -10.41 -24.35
N PRO D 270 52.08 -9.40 -23.89
CA PRO D 270 52.53 -8.62 -22.73
C PRO D 270 52.44 -9.41 -21.43
N SER D 271 52.99 -8.80 -20.38
CA SER D 271 52.95 -9.36 -19.04
C SER D 271 52.46 -8.31 -18.06
N LEU D 272 51.94 -8.78 -16.92
CA LEU D 272 51.46 -7.87 -15.89
C LEU D 272 52.58 -7.03 -15.30
N ARG D 273 53.83 -7.42 -15.50
CA ARG D 273 54.97 -6.65 -15.02
C ARG D 273 55.43 -5.58 -16.00
N ASP D 274 54.71 -5.39 -17.12
CA ASP D 274 55.02 -4.33 -18.06
C ASP D 274 54.63 -2.98 -17.47
N VAL D 275 55.62 -2.23 -16.97
CA VAL D 275 55.33 -1.00 -16.24
C VAL D 275 54.74 0.06 -17.17
N HIS D 276 55.12 0.06 -18.44
CA HIS D 276 54.71 1.14 -19.33
C HIS D 276 53.26 1.00 -19.80
N HIS D 277 52.69 -0.19 -19.71
CA HIS D 277 51.37 -0.46 -20.27
C HIS D 277 50.30 -0.38 -19.19
N GLU D 278 49.05 -0.56 -19.60
CA GLU D 278 47.92 -0.49 -18.69
C GLU D 278 47.94 -1.68 -17.74
N PRO D 279 47.89 -1.46 -16.43
CA PRO D 279 47.95 -2.58 -15.45
C PRO D 279 46.58 -3.18 -15.17
N VAL D 280 46.03 -3.88 -16.15
CA VAL D 280 44.73 -4.52 -16.06
C VAL D 280 44.87 -5.96 -16.53
N TYR D 281 44.31 -6.89 -15.76
CA TYR D 281 44.28 -8.30 -16.14
C TYR D 281 42.85 -8.69 -16.48
N PRO D 282 42.55 -9.11 -17.72
CA PRO D 282 43.48 -9.28 -18.84
C PRO D 282 43.96 -7.98 -19.46
N GLN D 283 45.14 -8.01 -20.08
CA GLN D 283 45.87 -6.89 -20.64
C GLN D 283 45.66 -6.82 -22.15
N PRO D 284 45.40 -5.63 -22.68
CA PRO D 284 45.10 -5.51 -24.12
C PRO D 284 46.34 -5.73 -24.96
N PRO D 285 46.17 -6.00 -26.26
CA PRO D 285 47.33 -6.14 -27.14
C PRO D 285 48.08 -4.82 -27.25
N PHE D 286 49.38 -4.94 -27.48
CA PHE D 286 50.23 -3.76 -27.51
C PHE D 286 49.91 -2.90 -28.73
N SER D 287 50.14 -1.59 -28.59
CA SER D 287 49.91 -0.62 -29.65
C SER D 287 51.25 -0.20 -30.23
N TYR D 288 51.38 -0.33 -31.56
CA TYR D 288 52.61 0.04 -32.23
C TYR D 288 52.29 0.37 -33.68
N SER D 289 52.75 1.52 -34.15
CA SER D 289 52.44 1.99 -35.50
C SER D 289 53.64 2.00 -36.44
N ASP D 290 54.87 1.91 -35.92
CA ASP D 290 56.07 1.94 -36.76
C ASP D 290 56.36 0.54 -37.28
N LEU D 291 55.44 0.04 -38.11
CA LEU D 291 55.56 -1.27 -38.73
C LEU D 291 55.45 -1.11 -40.24
N SER D 292 56.41 -1.65 -40.97
CA SER D 292 56.37 -1.62 -42.42
C SER D 292 55.44 -2.71 -42.96
N ARG D 293 55.22 -2.66 -44.28
CA ARG D 293 54.35 -3.65 -44.90
C ARG D 293 54.88 -5.06 -44.72
N GLU D 294 56.20 -5.23 -44.86
CA GLU D 294 56.81 -6.53 -44.62
C GLU D 294 56.66 -6.95 -43.15
N ASP D 295 56.82 -6.00 -42.23
CA ASP D 295 56.75 -6.32 -40.81
C ASP D 295 55.36 -6.74 -40.38
N LYS D 296 54.31 -6.12 -40.94
CA LYS D 296 52.95 -6.46 -40.54
C LYS D 296 52.61 -7.90 -40.90
N LYS D 297 53.21 -8.45 -41.94
CA LYS D 297 53.03 -9.85 -42.28
C LYS D 297 53.80 -10.80 -41.37
N GLN D 298 54.74 -10.28 -40.58
CA GLN D 298 55.54 -11.10 -39.69
C GLN D 298 55.35 -10.78 -38.22
N VAL D 299 54.78 -9.63 -37.89
CA VAL D 299 54.59 -9.19 -36.51
C VAL D 299 53.10 -9.19 -36.21
N GLN D 300 52.70 -9.93 -35.18
CA GLN D 300 51.31 -9.99 -34.75
C GLN D 300 51.25 -9.70 -33.25
N PHE D 301 50.31 -8.84 -32.86
CA PHE D 301 50.14 -8.46 -31.46
C PHE D 301 48.94 -9.20 -30.89
N VAL D 302 49.16 -9.93 -29.80
CA VAL D 302 48.13 -10.73 -29.15
C VAL D 302 48.05 -10.31 -27.69
N SER D 303 46.83 -10.21 -27.17
CA SER D 303 46.62 -9.78 -25.80
C SER D 303 47.09 -10.84 -24.82
N GLU D 304 46.97 -10.53 -23.54
CA GLU D 304 47.41 -11.42 -22.47
C GLU D 304 46.32 -11.53 -21.40
N PRO D 305 45.86 -12.75 -21.08
CA PRO D 305 46.20 -14.01 -21.76
C PRO D 305 45.34 -14.24 -22.99
N CYS D 306 45.65 -15.28 -23.76
CA CYS D 306 44.86 -15.60 -24.95
C CYS D 306 45.08 -17.05 -25.33
N SER D 307 44.21 -17.55 -26.21
CA SER D 307 44.30 -18.90 -26.76
C SER D 307 44.45 -18.76 -28.27
N LEU D 308 45.63 -19.08 -28.79
CA LEU D 308 45.97 -18.87 -30.18
C LEU D 308 46.16 -20.21 -30.87
N SER D 309 45.52 -20.40 -32.02
CA SER D 309 45.67 -21.62 -32.80
C SER D 309 46.82 -21.43 -33.77
N ILE D 310 47.88 -22.21 -33.57
CA ILE D 310 49.06 -22.21 -34.42
C ILE D 310 49.06 -23.53 -35.18
N ASN D 311 48.84 -23.46 -36.50
CA ASN D 311 48.80 -24.63 -37.37
C ASN D 311 47.80 -25.68 -36.85
N GLY D 312 46.64 -25.19 -36.41
CA GLY D 312 45.61 -26.08 -35.91
C GLY D 312 45.84 -26.64 -34.53
N VAL D 313 46.74 -26.03 -33.76
CA VAL D 313 47.02 -26.47 -32.39
C VAL D 313 46.72 -25.30 -31.46
N ILE D 314 45.88 -25.54 -30.45
CA ILE D 314 45.44 -24.50 -29.55
C ILE D 314 46.49 -24.31 -28.46
N PHE D 315 47.34 -23.31 -28.61
CA PHE D 315 48.30 -22.93 -27.58
C PHE D 315 47.67 -21.93 -26.62
N GLY D 316 47.75 -22.25 -25.33
CA GLY D 316 47.28 -21.34 -24.30
C GLY D 316 48.40 -20.42 -23.82
N LEU D 317 48.37 -19.16 -24.24
CA LEU D 317 49.42 -18.20 -23.95
C LEU D 317 49.02 -17.37 -22.75
N THR D 318 49.83 -17.44 -21.70
CA THR D 318 49.61 -16.63 -20.50
C THR D 318 50.97 -16.24 -19.93
N SER D 319 51.07 -15.00 -19.46
CA SER D 319 52.31 -14.49 -18.89
C SER D 319 52.31 -14.50 -17.37
N THR D 320 51.16 -14.68 -16.74
CA THR D 320 51.09 -14.72 -15.28
C THR D 320 51.76 -15.99 -14.76
N ASP D 321 52.49 -15.86 -13.65
CA ASP D 321 53.13 -16.98 -12.99
C ASP D 321 52.07 -17.81 -12.24
N LEU D 322 51.18 -18.41 -13.03
CA LEU D 322 50.00 -19.09 -12.48
C LEU D 322 50.40 -20.23 -11.57
N LEU D 323 51.54 -20.88 -11.84
CA LEU D 323 52.04 -21.92 -10.95
C LEU D 323 52.31 -21.35 -9.56
N PHE D 324 52.97 -20.19 -9.49
CA PHE D 324 53.21 -19.53 -8.21
C PHE D 324 51.94 -18.92 -7.65
N HIS D 325 50.98 -18.55 -8.50
CA HIS D 325 49.69 -18.09 -8.02
C HIS D 325 48.97 -19.20 -7.25
N LEU D 326 49.02 -20.43 -7.76
CA LEU D 326 48.24 -21.52 -7.20
C LEU D 326 48.98 -22.33 -6.14
N GLY D 327 50.14 -22.91 -6.50
CA GLY D 327 50.78 -23.84 -5.59
C GLY D 327 51.27 -23.20 -4.30
N ALA D 328 51.43 -21.88 -4.29
CA ALA D 328 51.86 -21.20 -3.08
C ALA D 328 50.77 -21.14 -2.01
N GLU D 329 49.50 -21.30 -2.39
CA GLU D 329 48.38 -21.21 -1.45
C GLU D 329 47.41 -22.36 -1.71
N GLU D 330 47.94 -23.58 -1.80
CA GLU D 330 47.13 -24.77 -2.00
C GLU D 330 47.55 -25.85 -1.01
N ILE D 331 46.57 -26.63 -0.55
CA ILE D 331 46.82 -27.70 0.42
C ILE D 331 46.53 -29.04 -0.25
N SER D 332 47.08 -30.10 0.35
CA SER D 332 46.93 -31.44 -0.19
C SER D 332 46.98 -32.44 0.96
N SER D 333 46.53 -33.66 0.68
CA SER D 333 46.52 -34.72 1.68
C SER D 333 47.73 -35.63 1.63
N SER D 334 48.40 -35.73 0.48
CA SER D 334 49.57 -36.58 0.32
C SER D 334 50.78 -35.73 -0.04
N SER D 335 51.90 -35.98 0.63
CA SER D 335 53.13 -35.25 0.38
C SER D 335 54.35 -36.13 0.18
N GLY D 336 54.27 -37.43 0.45
CA GLY D 336 55.40 -38.32 0.27
C GLY D 336 55.74 -38.56 -1.19
N THR D 337 54.83 -39.16 -1.93
CA THR D 337 55.01 -39.47 -3.35
C THR D 337 53.86 -38.82 -4.11
N SER D 338 54.07 -37.58 -4.56
CA SER D 338 53.07 -36.85 -5.32
C SER D 338 53.79 -35.82 -6.18
N ASP D 339 53.23 -35.58 -7.38
CA ASP D 339 53.79 -34.61 -8.31
C ASP D 339 53.01 -33.31 -8.19
N ARG D 340 53.70 -32.25 -7.76
CA ARG D 340 53.04 -30.99 -7.46
C ARG D 340 52.65 -30.26 -8.74
N PHE D 341 53.63 -29.95 -9.57
CA PHE D 341 53.37 -29.17 -10.78
C PHE D 341 52.26 -29.80 -11.61
N SER D 342 52.21 -31.13 -11.66
CA SER D 342 51.14 -31.82 -12.36
C SER D 342 49.77 -31.56 -11.74
N ARG D 343 49.65 -31.56 -10.40
CA ARG D 343 48.33 -31.36 -9.81
C ARG D 343 47.86 -29.92 -9.95
N ILE D 344 48.77 -28.94 -9.84
CA ILE D 344 48.38 -27.56 -10.15
C ILE D 344 47.97 -27.43 -11.62
N LEU D 345 48.70 -28.07 -12.53
CA LEU D 345 48.30 -28.00 -13.94
C LEU D 345 46.94 -28.62 -14.17
N LYS D 346 46.65 -29.76 -13.52
CA LYS D 346 45.35 -30.39 -13.64
C LYS D 346 44.25 -29.48 -13.08
N HIS D 347 44.50 -28.84 -11.94
CA HIS D 347 43.51 -27.93 -11.37
C HIS D 347 43.26 -26.75 -12.30
N ILE D 348 44.31 -26.23 -12.93
CA ILE D 348 44.13 -25.16 -13.91
C ILE D 348 43.28 -25.64 -15.09
N LEU D 349 43.56 -26.85 -15.58
CA LEU D 349 42.85 -27.37 -16.74
C LEU D 349 41.40 -27.75 -16.45
N THR D 350 41.07 -28.03 -15.19
CA THR D 350 39.72 -28.49 -14.85
C THR D 350 38.78 -27.38 -14.42
N GLN D 351 39.29 -26.21 -14.01
CA GLN D 351 38.43 -25.14 -13.54
C GLN D 351 37.87 -24.28 -14.67
N ARG D 352 38.28 -24.54 -15.92
CA ARG D 352 37.75 -23.86 -17.10
C ARG D 352 37.94 -22.34 -17.03
N SER D 353 39.09 -21.89 -16.52
CA SER D 353 39.38 -20.47 -16.48
C SER D 353 40.89 -20.27 -16.49
N TYR D 354 41.30 -19.06 -16.88
CA TYR D 354 42.72 -18.71 -16.92
C TYR D 354 43.26 -18.31 -15.55
N TYR D 355 42.40 -18.03 -14.58
CA TYR D 355 42.85 -17.63 -13.25
C TYR D 355 41.78 -17.96 -12.22
N PRO D 356 41.66 -19.22 -11.80
CA PRO D 356 40.61 -19.56 -10.83
C PRO D 356 40.77 -18.93 -9.46
N LEU D 357 41.97 -18.43 -9.14
CA LEU D 357 42.27 -18.02 -7.77
C LEU D 357 41.41 -16.84 -7.35
N TYR D 358 40.67 -17.02 -6.24
CA TYR D 358 39.81 -16.00 -5.67
C TYR D 358 39.83 -16.19 -4.15
N PRO D 359 40.33 -15.21 -3.39
CA PRO D 359 40.95 -13.95 -3.83
C PRO D 359 42.38 -14.14 -4.31
N PRO D 360 42.89 -13.17 -5.07
CA PRO D 360 44.30 -13.21 -5.47
C PRO D 360 45.20 -12.71 -4.35
N GLN D 361 46.48 -12.59 -4.66
CA GLN D 361 47.44 -12.13 -3.68
C GLN D 361 47.39 -10.61 -3.57
N GLU D 362 48.34 -10.03 -2.83
CA GLU D 362 48.28 -8.62 -2.49
C GLU D 362 48.39 -7.72 -3.71
N ASP D 363 49.31 -8.03 -4.63
CA ASP D 363 49.65 -7.10 -5.71
C ASP D 363 49.46 -7.73 -7.09
N MET D 364 48.22 -7.64 -7.60
CA MET D 364 47.94 -7.84 -9.01
C MET D 364 46.50 -7.40 -9.29
N ALA D 365 46.30 -6.59 -10.33
CA ALA D 365 45.01 -5.99 -10.57
C ALA D 365 44.23 -6.78 -11.62
N ILE D 366 43.01 -7.17 -11.28
CA ILE D 366 42.10 -7.86 -12.19
C ILE D 366 40.80 -7.10 -12.25
N ASP D 367 40.29 -6.88 -13.45
CA ASP D 367 38.99 -6.27 -13.66
C ASP D 367 37.98 -7.38 -13.94
N TYR D 368 37.06 -7.59 -13.00
CA TYR D 368 36.17 -8.74 -13.04
C TYR D 368 35.12 -8.65 -14.15
N GLU D 369 34.84 -7.45 -14.65
CA GLU D 369 33.79 -7.29 -15.64
C GLU D 369 34.12 -8.06 -16.92
N SER D 370 35.36 -7.95 -17.39
CA SER D 370 35.78 -8.70 -18.56
C SER D 370 36.44 -10.03 -18.22
N PHE D 371 36.58 -10.35 -16.93
CA PHE D 371 37.15 -11.64 -16.54
C PHE D 371 36.27 -12.79 -17.00
N TYR D 372 34.95 -12.60 -16.98
CA TYR D 372 34.03 -13.66 -17.39
C TYR D 372 34.07 -13.91 -18.89
N VAL D 373 34.41 -12.90 -19.69
CA VAL D 373 34.32 -12.99 -21.14
C VAL D 373 35.67 -13.10 -21.81
N TYR D 374 36.78 -12.91 -21.10
CA TYR D 374 38.10 -12.95 -21.72
C TYR D 374 39.11 -13.76 -20.93
N ALA D 375 38.65 -14.62 -20.00
CA ALA D 375 39.58 -15.41 -19.20
C ALA D 375 39.08 -16.84 -19.00
N GLN D 376 38.37 -17.39 -19.99
CA GLN D 376 37.84 -18.74 -19.89
C GLN D 376 38.41 -19.62 -20.99
N LEU D 377 38.28 -20.94 -20.80
CA LEU D 377 38.71 -21.89 -21.81
C LEU D 377 37.60 -22.12 -22.81
N PRO D 378 37.77 -21.77 -24.09
CA PRO D 378 36.79 -22.18 -25.10
C PRO D 378 36.83 -23.68 -25.31
N VAL D 379 38.04 -24.20 -25.54
CA VAL D 379 38.31 -25.62 -25.55
C VAL D 379 39.59 -25.84 -24.75
N THR D 380 39.83 -27.09 -24.38
CA THR D 380 41.05 -27.40 -23.66
C THR D 380 42.24 -27.23 -24.59
N PRO D 381 43.17 -26.32 -24.32
CA PRO D 381 44.29 -26.10 -25.23
C PRO D 381 45.18 -27.33 -25.32
N ASP D 382 45.73 -27.56 -26.51
CA ASP D 382 46.57 -28.73 -26.73
C ASP D 382 47.93 -28.57 -26.07
N VAL D 383 48.45 -27.35 -26.00
CA VAL D 383 49.74 -27.07 -25.37
C VAL D 383 49.57 -25.86 -24.46
N LEU D 384 50.06 -25.97 -23.24
CA LEU D 384 50.06 -24.87 -22.28
C LEU D 384 51.47 -24.30 -22.16
N ILE D 385 51.58 -22.98 -22.31
CA ILE D 385 52.84 -22.26 -22.13
C ILE D 385 52.69 -21.42 -20.87
N ILE D 386 53.30 -21.87 -19.78
CA ILE D 386 53.11 -21.24 -18.48
C ILE D 386 54.46 -20.92 -17.87
N PRO D 387 55.05 -19.76 -18.16
CA PRO D 387 56.32 -19.38 -17.54
C PRO D 387 56.17 -19.21 -16.04
N SER D 388 57.24 -19.49 -15.31
CA SER D 388 57.23 -19.41 -13.86
C SER D 388 58.63 -19.10 -13.36
N GLU D 389 58.71 -18.54 -12.15
CA GLU D 389 59.99 -18.35 -11.49
C GLU D 389 60.56 -19.66 -10.97
N LEU D 390 59.76 -20.72 -10.93
CA LEU D 390 60.21 -22.03 -10.47
C LEU D 390 61.01 -22.74 -11.56
N ARG D 391 61.33 -24.00 -11.29
CA ARG D 391 62.16 -24.77 -12.20
C ARG D 391 61.40 -25.09 -13.49
N TYR D 392 62.13 -25.05 -14.60
CA TYR D 392 61.58 -25.42 -15.90
C TYR D 392 61.16 -26.88 -15.93
N PHE D 393 60.07 -27.16 -16.65
CA PHE D 393 59.57 -28.53 -16.73
C PHE D 393 58.57 -28.65 -17.86
N VAL D 394 58.62 -29.78 -18.57
CA VAL D 394 57.65 -30.09 -19.61
C VAL D 394 57.05 -31.45 -19.26
N LYS D 395 55.73 -31.48 -19.03
CA LYS D 395 55.07 -32.69 -18.58
C LYS D 395 53.74 -32.88 -19.28
N ASP D 396 53.32 -34.14 -19.39
CA ASP D 396 52.05 -34.51 -20.00
C ASP D 396 51.04 -34.77 -18.88
N VAL D 397 50.05 -33.89 -18.75
CA VAL D 397 48.99 -34.01 -17.76
C VAL D 397 47.66 -34.00 -18.48
N LEU D 398 46.81 -34.99 -18.18
CA LEU D 398 45.48 -35.11 -18.78
C LEU D 398 45.55 -35.13 -20.30
N GLY D 399 46.57 -35.80 -20.84
CA GLY D 399 46.75 -35.85 -22.27
C GLY D 399 47.18 -34.56 -22.92
N CYS D 400 47.65 -33.59 -22.14
CA CYS D 400 48.06 -32.29 -22.65
C CYS D 400 49.50 -32.00 -22.26
N VAL D 401 50.27 -31.49 -23.20
CA VAL D 401 51.68 -31.19 -22.97
C VAL D 401 51.79 -29.77 -22.44
N CYS D 402 52.13 -29.64 -21.16
CA CYS D 402 52.34 -28.35 -20.52
C CYS D 402 53.83 -28.06 -20.44
N VAL D 403 54.22 -26.87 -20.88
CA VAL D 403 55.62 -26.46 -20.99
C VAL D 403 55.84 -25.25 -20.09
N ASN D 404 56.88 -25.30 -19.27
CA ASN D 404 57.28 -24.22 -18.38
C ASN D 404 58.76 -23.95 -18.60
N PRO D 405 59.11 -23.11 -19.58
CA PRO D 405 60.53 -22.79 -19.80
C PRO D 405 61.09 -21.79 -18.82
N GLY D 406 60.26 -21.17 -17.98
CA GLY D 406 60.77 -20.20 -17.04
C GLY D 406 61.17 -18.89 -17.71
N ARG D 407 62.01 -18.15 -17.00
CA ARG D 407 62.48 -16.85 -17.45
C ARG D 407 63.73 -17.01 -18.30
N LEU D 408 63.92 -16.11 -19.27
CA LEU D 408 65.16 -16.11 -20.04
C LEU D 408 66.34 -15.65 -19.20
N THR D 409 66.12 -14.70 -18.29
CA THR D 409 67.13 -14.23 -17.36
C THR D 409 66.55 -14.25 -15.95
N LYS D 410 67.35 -14.76 -15.00
CA LYS D 410 66.94 -14.88 -13.60
C LYS D 410 67.98 -14.14 -12.75
N GLY D 411 67.78 -12.84 -12.59
CA GLY D 411 68.74 -12.06 -11.82
C GLY D 411 70.09 -12.04 -12.51
N GLN D 412 71.12 -12.51 -11.79
CA GLN D 412 72.47 -12.55 -12.31
C GLN D 412 72.86 -13.92 -12.86
N VAL D 413 71.91 -14.86 -12.94
CA VAL D 413 72.16 -16.17 -13.51
C VAL D 413 71.16 -16.39 -14.65
N GLY D 414 71.63 -17.05 -15.71
CA GLY D 414 70.83 -17.17 -16.91
C GLY D 414 69.66 -18.11 -16.72
N GLY D 415 68.62 -17.90 -17.54
CA GLY D 415 67.43 -18.72 -17.55
C GLY D 415 67.36 -19.62 -18.77
N THR D 416 66.14 -19.98 -19.17
CA THR D 416 65.92 -20.95 -20.23
C THR D 416 64.84 -20.45 -21.19
N PHE D 417 64.83 -21.04 -22.38
CA PHE D 417 63.77 -20.86 -23.37
C PHE D 417 63.41 -22.24 -23.90
N ALA D 418 62.42 -22.31 -24.78
CA ALA D 418 61.92 -23.60 -25.23
C ALA D 418 61.71 -23.60 -26.74
N ARG D 419 61.75 -24.79 -27.33
CA ARG D 419 61.38 -24.98 -28.73
C ARG D 419 60.58 -26.26 -28.86
N LEU D 420 59.48 -26.18 -29.63
CA LEU D 420 58.50 -27.25 -29.74
C LEU D 420 58.28 -27.61 -31.20
N TYR D 421 58.16 -28.91 -31.44
CA TYR D 421 57.78 -29.46 -32.73
C TYR D 421 56.27 -29.68 -32.73
N LEU D 422 55.62 -29.43 -33.87
CA LEU D 422 54.20 -29.75 -33.96
C LEU D 422 53.83 -30.15 -35.38
N ARG D 423 53.07 -31.25 -35.47
CA ARG D 423 52.45 -31.73 -36.70
C ARG D 423 51.12 -32.38 -36.33
N ARG D 424 50.26 -32.54 -37.33
CA ARG D 424 48.98 -33.19 -37.11
C ARG D 424 49.05 -34.63 -37.60
N PRO D 425 48.97 -35.62 -36.72
CA PRO D 425 48.99 -37.02 -37.17
C PRO D 425 47.68 -37.43 -37.82
N ALA D 426 47.55 -38.72 -38.13
CA ALA D 426 46.33 -39.24 -38.74
C ALA D 426 45.14 -39.02 -37.81
N ALA D 427 44.00 -38.67 -38.40
CA ALA D 427 42.80 -38.39 -37.61
C ALA D 427 42.34 -39.66 -36.87
N ASP D 428 42.36 -40.80 -37.56
CA ASP D 428 41.96 -42.05 -36.94
C ASP D 428 43.04 -42.52 -35.95
N GLY D 429 42.60 -43.29 -34.97
CA GLY D 429 43.49 -43.82 -33.96
C GLY D 429 42.76 -43.98 -32.64
N ALA D 430 43.54 -44.00 -31.57
CA ALA D 430 42.99 -44.16 -30.21
C ALA D 430 42.63 -42.80 -29.62
N GLU D 431 41.75 -42.10 -30.35
CA GLU D 431 41.26 -40.79 -29.94
C GLU D 431 42.39 -39.80 -29.69
N ARG D 432 42.80 -39.67 -28.44
CA ARG D 432 43.82 -38.69 -28.06
C ARG D 432 45.14 -38.95 -28.78
N GLN D 433 45.68 -37.90 -29.38
CA GLN D 433 46.98 -37.96 -30.06
C GLN D 433 47.58 -36.55 -30.00
N SER D 434 48.61 -36.39 -29.18
CA SER D 434 49.22 -35.08 -28.97
C SER D 434 49.92 -34.61 -30.24
N PRO D 435 49.52 -33.47 -30.81
CA PRO D 435 50.23 -32.95 -31.99
C PRO D 435 51.67 -32.57 -31.71
N CYS D 436 51.96 -32.08 -30.51
CA CYS D 436 53.30 -31.65 -30.13
C CYS D 436 54.05 -32.85 -29.56
N ILE D 437 54.70 -33.61 -30.43
CA ILE D 437 55.41 -34.81 -29.95
C ILE D 437 56.66 -34.42 -29.18
N ALA D 438 57.38 -33.39 -29.62
CA ALA D 438 58.70 -33.10 -29.08
C ALA D 438 58.74 -31.68 -28.53
N VAL D 439 59.31 -31.57 -27.31
CA VAL D 439 59.58 -30.30 -26.66
C VAL D 439 61.01 -30.34 -26.16
N GLN D 440 61.69 -29.20 -26.22
CA GLN D 440 63.07 -29.12 -25.75
C GLN D 440 63.29 -27.76 -25.10
N VAL D 441 63.54 -27.77 -23.80
CA VAL D 441 63.87 -26.54 -23.06
C VAL D 441 65.38 -26.49 -22.90
N VAL D 442 65.97 -25.40 -23.37
CA VAL D 442 67.41 -25.18 -23.38
C VAL D 442 67.68 -23.82 -22.76
N ARG D 443 68.72 -23.73 -21.93
CA ARG D 443 69.06 -22.45 -21.33
C ARG D 443 69.76 -21.56 -22.35
N ILE D 444 69.46 -20.27 -22.28
CA ILE D 444 70.09 -19.29 -23.15
C ILE D 444 71.53 -19.06 -22.73
#